data_3DD1
#
_entry.id   3DD1
#
_cell.length_a   124.103
_cell.length_b   124.103
_cell.length_c   123.222
_cell.angle_alpha   90.00
_cell.angle_beta   90.00
_cell.angle_gamma   120.00
#
_symmetry.space_group_name_H-M   'P 31'
#
loop_
_entity.id
_entity.type
_entity.pdbx_description
1 polymer 'Glycogen phosphorylase, liver form'
2 non-polymer N-acetyl-beta-D-glucopyranosylamine
3 non-polymer "PYRIDOXAL-5'-PHOSPHATE"
4 non-polymer CAFFEINE
5 non-polymer 2-cyclohexyl-N-[(3-{[(2,4,6-trimethylphenyl)carbamoyl]amino}naphthalen-2-yl)carbonyl]-D-alanine
6 non-polymer (4S)-2-METHYL-2,4-PENTANEDIOL
7 non-polymer '2-(N-MORPHOLINO)-ETHANESULFONIC ACID'
8 water water
#
_entity_poly.entity_id   1
_entity_poly.type   'polypeptide(L)'
_entity_poly.pdbx_seq_one_letter_code
;GGAKPLTDQEKRRQI(SEP)IRGIVGVENVAELKKSFNRHLHFTLVKDRNVATTRDYYFALAHTVRDHLVGRWIRTQQHY
YDKCPKRVYYLSLEFYMGRTLQNTMINLGLQNACDEAIYQLGLDIEELEEIEEDAGLGNGGLGRLAACFLDSMATLGLAA
YGYGIRYEYGIFNQKIRDGWQVEEADDWLRYGNPWEKSRPEFMLPVHFYGKVEHTNTGTKWIDTQVVLALPYDTPVPGYM
NNTVNTMRLWSARAPNDFNLRDFNVGDYIQAVLDRNLAENISRVLYPNDNFFEGKELRLKQEYFVVAATLQDIIRRFKAS
KFGSTRGAGTVFDAFPDQVAIQLNDTHPALAIPELMRIFVDIEKLPWSKAWELTQKTFAYTNHTVLPEALERWPVDLVEK
LLPRHLEIIYEINQKHLDRIVALFPKDVDRLRRMSLIEEEGSKRINMAHLCIVGSHAVNGVAKIHSDIVKTKVFKDFSEL
EPDKFQNKTNGITPRRWLLLCNPGLAELIAEKIGEDYVKDLSQLTKLHSFLGDDVFLRELAKVKQENKLKFSQFLETEYK
VKINPSSMFDVQVKRIHEYKRQLLNCLHVITMYNRIKKDPKKLFVPRTVIIGGKAAPGYHMAKMIIKLITSVADVVNNDP
MVGSKLKVIFLENYRVSLAEKVIPATDLSEQISTAGTEASGTGNMKFMLNGALTIGTMDGANVEMAEEAGEENLFIFGMR
IDDVAALDKKGYEAKEYYEALPELKLVIDQIDNGFFSPKQPDLFKDIINMLFYHDRFKVFADYEAYVKCQDKVSQLYMNP
KAWNTMVLKNIAASGKFSSDRTIKEYAQNIWNVEPSDLKISLSNESNKVNGN
;
_entity_poly.pdbx_strand_id   A,B
#
# COMPACT_ATOMS: atom_id res chain seq x y z
N GLN A 14 -5.20 37.75 4.19
CA GLN A 14 -3.98 36.93 3.92
C GLN A 14 -2.90 37.20 4.97
N ILE A 15 -2.26 36.12 5.44
CA ILE A 15 -1.27 36.22 6.54
C ILE A 15 -0.04 37.04 6.13
N ILE A 17 3.78 38.87 5.97
CA ILE A 17 5.21 38.60 5.95
C ILE A 17 6.04 39.80 6.44
N ARG A 18 5.36 40.88 6.84
CA ARG A 18 6.01 42.12 7.31
C ARG A 18 5.53 42.53 8.71
N GLY A 19 6.42 43.20 9.45
CA GLY A 19 6.16 43.61 10.84
C GLY A 19 7.05 42.84 11.79
N ILE A 20 6.62 42.74 13.05
CA ILE A 20 7.26 41.84 14.02
C ILE A 20 6.60 40.46 13.90
N VAL A 21 5.27 40.47 13.74
CA VAL A 21 4.47 39.25 13.66
C VAL A 21 4.63 38.53 12.32
N GLY A 22 4.67 39.30 11.23
CA GLY A 22 4.85 38.76 9.88
C GLY A 22 6.19 38.07 9.69
N VAL A 23 7.24 38.70 10.22
CA VAL A 23 8.58 38.11 10.22
C VAL A 23 8.61 36.80 11.01
N GLU A 24 7.83 36.74 12.09
CA GLU A 24 7.73 35.54 12.93
C GLU A 24 6.89 34.43 12.28
N ASN A 25 5.98 34.79 11.38
CA ASN A 25 5.21 33.79 10.63
C ASN A 25 6.08 33.04 9.64
N VAL A 26 6.89 33.78 8.90
CA VAL A 26 7.86 33.20 7.97
C VAL A 26 8.86 32.35 8.73
N ALA A 27 9.41 32.93 9.79
CA ALA A 27 10.37 32.22 10.65
C ALA A 27 9.83 30.87 11.15
N GLU A 28 8.56 30.86 11.56
CA GLU A 28 7.92 29.66 12.07
C GLU A 28 7.70 28.61 10.97
N LEU A 29 7.34 29.08 9.77
CA LEU A 29 7.21 28.19 8.61
C LEU A 29 8.54 27.57 8.20
N LYS A 30 9.61 28.35 8.27
CA LYS A 30 10.96 27.83 8.00
C LYS A 30 11.37 26.76 9.02
N LYS A 31 11.06 27.01 10.29
CA LYS A 31 11.40 26.05 11.33
C LYS A 31 10.64 24.74 11.13
N SER A 32 9.34 24.86 10.81
CA SER A 32 8.49 23.69 10.60
C SER A 32 8.92 22.92 9.38
N PHE A 33 9.29 23.65 8.34
CA PHE A 33 9.84 23.03 7.14
C PHE A 33 11.04 22.18 7.51
N ASN A 34 11.97 22.78 8.25
CA ASN A 34 13.20 22.09 8.68
C ASN A 34 12.95 20.95 9.65
N ARG A 35 11.97 21.09 10.55
CA ARG A 35 11.57 19.97 11.41
C ARG A 35 11.12 18.77 10.60
N HIS A 36 10.24 18.99 9.63
CA HIS A 36 9.73 17.91 8.82
C HIS A 36 10.82 17.25 7.97
N LEU A 37 11.69 18.04 7.34
CA LEU A 37 12.79 17.46 6.57
C LEU A 37 13.66 16.56 7.47
N HIS A 38 13.93 17.03 8.69
CA HIS A 38 14.70 16.27 9.67
C HIS A 38 13.91 15.10 10.25
N PHE A 39 12.79 15.40 10.91
CA PHE A 39 12.07 14.38 11.70
C PHE A 39 11.09 13.52 10.90
N THR A 40 10.50 14.06 9.84
CA THR A 40 9.48 13.35 9.07
C THR A 40 10.10 12.65 7.85
N LEU A 41 10.96 13.35 7.13
CA LEU A 41 11.63 12.76 5.96
C LEU A 41 12.94 12.05 6.33
N VAL A 42 13.49 12.39 7.48
CA VAL A 42 14.73 11.79 7.98
C VAL A 42 15.85 12.01 6.97
N LYS A 43 16.08 13.28 6.66
CA LYS A 43 17.04 13.68 5.63
C LYS A 43 17.86 14.90 6.08
N ASP A 44 19.18 14.76 6.02
CA ASP A 44 20.05 15.90 6.07
C ASP A 44 19.89 16.69 4.78
N ARG A 45 20.06 18.00 4.87
CA ARG A 45 19.99 18.88 3.70
C ARG A 45 20.96 18.43 2.60
N ASN A 46 22.11 17.87 2.98
CA ASN A 46 23.14 17.47 2.02
C ASN A 46 22.75 16.30 1.11
N VAL A 47 21.72 15.54 1.47
CA VAL A 47 21.21 14.46 0.59
C VAL A 47 19.73 14.64 0.27
N ALA A 48 19.20 15.83 0.55
CA ALA A 48 17.77 16.11 0.33
C ALA A 48 17.54 16.39 -1.15
N THR A 49 16.39 15.96 -1.65
CA THR A 49 16.00 16.18 -3.06
C THR A 49 14.82 17.15 -3.12
N THR A 50 14.51 17.62 -4.33
CA THR A 50 13.38 18.53 -4.50
C THR A 50 12.11 17.88 -3.97
N ARG A 51 11.96 16.58 -4.20
CA ARG A 51 10.79 15.85 -3.73
C ARG A 51 10.67 15.90 -2.20
N ASP A 52 11.79 15.73 -1.50
CA ASP A 52 11.82 15.85 -0.04
C ASP A 52 11.38 17.23 0.40
N TYR A 53 11.84 18.26 -0.31
CA TYR A 53 11.47 19.62 0.01
C TYR A 53 9.96 19.85 -0.21
N TYR A 54 9.41 19.27 -1.28
CA TYR A 54 7.98 19.36 -1.51
C TYR A 54 7.19 18.71 -0.36
N PHE A 55 7.60 17.53 0.08
CA PHE A 55 6.90 16.85 1.18
C PHE A 55 7.01 17.62 2.47
N ALA A 56 8.22 18.06 2.80
CA ALA A 56 8.45 18.88 3.99
C ALA A 56 7.50 20.09 4.00
N LEU A 57 7.29 20.70 2.84
CA LEU A 57 6.39 21.86 2.74
C LEU A 57 4.93 21.44 2.88
N ALA A 58 4.55 20.33 2.23
CA ALA A 58 3.18 19.84 2.28
C ALA A 58 2.82 19.53 3.73
N HIS A 59 3.71 18.82 4.42
CA HIS A 59 3.50 18.50 5.84
C HIS A 59 3.31 19.77 6.66
N THR A 60 4.15 20.77 6.40
CA THR A 60 4.08 22.04 7.10
C THR A 60 2.72 22.70 6.85
N VAL A 61 2.28 22.69 5.60
CA VAL A 61 1.02 23.33 5.24
C VAL A 61 -0.19 22.58 5.83
N ARG A 62 -0.17 21.25 5.80
CA ARG A 62 -1.26 20.48 6.39
C ARG A 62 -1.34 20.72 7.89
N ASP A 63 -0.18 20.80 8.55
CA ASP A 63 -0.13 21.13 9.98
C ASP A 63 -0.95 22.38 10.31
N HIS A 64 -0.87 23.40 9.45
CA HIS A 64 -1.55 24.68 9.68
C HIS A 64 -3.09 24.67 9.58
N LEU A 65 -3.69 23.60 9.07
CA LEU A 65 -5.15 23.50 9.04
C LEU A 65 -5.71 22.48 10.02
N VAL A 66 -4.85 21.78 10.76
CA VAL A 66 -5.32 20.78 11.71
C VAL A 66 -6.20 21.42 12.77
N GLY A 67 -5.75 22.57 13.30
CA GLY A 67 -6.54 23.34 14.26
C GLY A 67 -7.95 23.57 13.77
N ARG A 68 -8.08 24.16 12.58
CA ARG A 68 -9.39 24.43 11.99
C ARG A 68 -10.18 23.17 11.65
N TRP A 69 -9.49 22.14 11.20
CA TRP A 69 -10.12 20.87 10.86
C TRP A 69 -10.80 20.25 12.08
N ILE A 70 -10.07 20.17 13.19
CA ILE A 70 -10.61 19.68 14.47
C ILE A 70 -11.77 20.56 14.96
N ARG A 71 -11.60 21.88 14.92
CA ARG A 71 -12.67 22.80 15.36
C ARG A 71 -13.91 22.74 14.50
N THR A 72 -13.74 22.54 13.19
CA THR A 72 -14.87 22.36 12.29
C THR A 72 -15.71 21.15 12.68
N GLN A 73 -15.04 20.04 13.00
CA GLN A 73 -15.74 18.83 13.44
C GLN A 73 -16.46 19.06 14.77
N GLN A 74 -15.82 19.81 15.66
CA GLN A 74 -16.40 20.13 16.96
C GLN A 74 -17.69 20.95 16.78
N HIS A 75 -17.60 22.01 15.97
CA HIS A 75 -18.76 22.85 15.66
C HIS A 75 -19.92 22.06 15.07
N TYR A 76 -19.63 21.10 14.19
CA TYR A 76 -20.68 20.29 13.60
C TYR A 76 -21.31 19.36 14.64
N TYR A 77 -20.49 18.83 15.54
CA TYR A 77 -21.01 18.04 16.65
C TYR A 77 -21.85 18.90 17.60
N ASP A 78 -21.35 20.09 17.93
CA ASP A 78 -22.00 20.97 18.91
C ASP A 78 -23.33 21.55 18.44
N LYS A 79 -23.35 22.14 17.24
CA LYS A 79 -24.55 22.82 16.73
C LYS A 79 -25.41 21.91 15.88
N CYS A 80 -24.85 20.77 15.51
CA CYS A 80 -25.63 19.70 14.90
C CYS A 80 -26.49 20.15 13.71
N PRO A 81 -25.87 20.79 12.70
CA PRO A 81 -26.62 21.15 11.50
C PRO A 81 -26.82 19.95 10.57
N LYS A 82 -27.72 20.10 9.60
CA LYS A 82 -27.97 19.06 8.61
C LYS A 82 -26.68 18.86 7.81
N ARG A 83 -26.27 17.60 7.67
CA ARG A 83 -25.04 17.28 6.98
C ARG A 83 -25.33 16.90 5.53
N VAL A 84 -24.47 17.40 4.63
CA VAL A 84 -24.58 17.11 3.20
C VAL A 84 -23.50 16.10 2.80
N TYR A 85 -23.89 15.09 2.04
CA TYR A 85 -22.97 14.07 1.63
C TYR A 85 -22.93 13.91 0.10
N TYR A 86 -21.90 14.47 -0.52
CA TYR A 86 -21.73 14.32 -1.96
C TYR A 86 -21.11 12.95 -2.24
N LEU A 87 -21.93 12.05 -2.79
CA LEU A 87 -21.50 10.68 -3.04
C LEU A 87 -21.18 10.48 -4.53
N SER A 88 -19.90 10.23 -4.80
CA SER A 88 -19.39 10.18 -6.17
C SER A 88 -18.34 9.09 -6.31
N LEU A 89 -18.34 8.44 -7.47
CA LEU A 89 -17.29 7.47 -7.81
C LEU A 89 -16.03 8.21 -8.20
N GLU A 90 -16.12 9.53 -8.37
CA GLU A 90 -15.01 10.33 -8.89
C GLU A 90 -14.85 11.69 -8.18
N PHE A 91 -13.59 12.02 -7.89
CA PHE A 91 -13.18 13.33 -7.41
C PHE A 91 -11.90 13.71 -8.13
N TYR A 92 -12.03 14.56 -9.14
CA TYR A 92 -10.92 14.94 -10.01
C TYR A 92 -10.22 16.15 -9.38
N MET A 93 -9.43 15.91 -8.34
CA MET A 93 -8.99 16.99 -7.44
C MET A 93 -7.77 17.78 -7.90
N GLY A 94 -6.87 17.14 -8.65
CA GLY A 94 -5.63 17.77 -9.08
C GLY A 94 -4.63 17.84 -7.93
N ARG A 95 -3.85 18.91 -7.90
CA ARG A 95 -2.85 19.15 -6.87
C ARG A 95 -3.44 19.98 -5.74
N THR A 96 -3.01 19.70 -4.52
CA THR A 96 -3.56 20.30 -3.31
C THR A 96 -2.70 21.40 -2.68
N LEU A 97 -1.38 21.34 -2.89
CA LEU A 97 -0.46 22.23 -2.16
C LEU A 97 -0.82 23.70 -2.34
N GLN A 98 -0.76 24.19 -3.57
CA GLN A 98 -0.99 25.61 -3.81
C GLN A 98 -2.42 26.01 -3.41
N ASN A 99 -3.40 25.18 -3.78
CA ASN A 99 -4.80 25.44 -3.45
C ASN A 99 -5.05 25.59 -1.96
N THR A 100 -4.32 24.83 -1.14
CA THR A 100 -4.45 24.91 0.32
C THR A 100 -3.80 26.17 0.88
N MET A 101 -2.58 26.47 0.43
CA MET A 101 -1.87 27.68 0.85
C MET A 101 -2.72 28.93 0.61
N ILE A 102 -3.27 29.05 -0.59
CA ILE A 102 -4.14 30.17 -0.95
C ILE A 102 -5.36 30.23 -0.03
N ASN A 103 -6.13 29.15 0.03
CA ASN A 103 -7.34 29.11 0.87
C ASN A 103 -7.07 29.34 2.35
N LEU A 104 -5.89 28.95 2.82
CA LEU A 104 -5.48 29.24 4.20
C LEU A 104 -4.90 30.65 4.40
N GLY A 105 -4.62 31.35 3.30
CA GLY A 105 -4.03 32.68 3.37
C GLY A 105 -2.53 32.63 3.66
N LEU A 106 -1.90 31.51 3.30
CA LEU A 106 -0.51 31.23 3.67
C LEU A 106 0.46 31.23 2.47
N GLN A 107 -0.03 31.50 1.26
CA GLN A 107 0.83 31.40 0.08
C GLN A 107 1.98 32.39 0.15
N ASN A 108 1.66 33.64 0.44
N ASN A 108 1.66 33.64 0.44
CA ASN A 108 2.68 34.69 0.54
CA ASN A 108 2.68 34.69 0.54
C ASN A 108 3.74 34.34 1.57
C ASN A 108 3.74 34.34 1.57
N ALA A 109 3.31 33.88 2.75
CA ALA A 109 4.23 33.49 3.83
C ALA A 109 5.06 32.26 3.47
N CYS A 110 4.45 31.26 2.83
CA CYS A 110 5.16 30.03 2.46
C CYS A 110 6.19 30.32 1.38
N ASP A 111 5.72 30.98 0.32
CA ASP A 111 6.58 31.51 -0.73
C ASP A 111 7.83 32.15 -0.11
N GLU A 112 7.61 33.05 0.84
CA GLU A 112 8.70 33.78 1.46
C GLU A 112 9.64 32.86 2.21
N ALA A 113 9.09 31.89 2.93
CA ALA A 113 9.89 30.91 3.67
C ALA A 113 10.77 30.07 2.75
N ILE A 114 10.18 29.55 1.67
CA ILE A 114 10.88 28.72 0.69
C ILE A 114 11.97 29.51 -0.03
N TYR A 115 11.67 30.76 -0.34
CA TYR A 115 12.64 31.64 -0.99
C TYR A 115 13.85 31.88 -0.09
N GLN A 116 13.59 32.22 1.17
CA GLN A 116 14.65 32.45 2.14
C GLN A 116 15.50 31.20 2.41
N LEU A 117 14.90 30.03 2.22
CA LEU A 117 15.64 28.77 2.32
C LEU A 117 16.46 28.45 1.06
N GLY A 118 16.43 29.33 0.06
CA GLY A 118 17.20 29.14 -1.17
C GLY A 118 16.54 28.26 -2.22
N LEU A 119 15.25 27.97 -2.08
CA LEU A 119 14.56 27.03 -2.97
C LEU A 119 13.59 27.72 -3.93
N ASP A 120 13.29 27.03 -5.03
CA ASP A 120 12.36 27.47 -6.07
C ASP A 120 10.97 26.90 -5.73
N ILE A 121 10.04 27.78 -5.35
CA ILE A 121 8.69 27.36 -4.95
C ILE A 121 7.93 26.67 -6.09
N GLU A 122 8.15 27.14 -7.32
CA GLU A 122 7.51 26.54 -8.51
C GLU A 122 7.99 25.10 -8.70
N GLU A 123 9.30 24.91 -8.56
CA GLU A 123 9.89 23.59 -8.73
C GLU A 123 9.32 22.59 -7.72
N LEU A 124 9.09 23.04 -6.48
CA LEU A 124 8.49 22.19 -5.45
C LEU A 124 7.04 21.86 -5.78
N GLU A 125 6.32 22.83 -6.34
CA GLU A 125 4.91 22.66 -6.68
C GLU A 125 4.69 21.68 -7.85
N GLU A 126 5.64 21.64 -8.79
CA GLU A 126 5.52 20.75 -9.94
C GLU A 126 5.81 19.28 -9.59
N ILE A 127 6.43 19.05 -8.43
CA ILE A 127 6.69 17.68 -7.96
C ILE A 127 5.39 16.92 -7.64
N GLU A 128 4.37 17.65 -7.19
CA GLU A 128 3.15 17.02 -6.72
C GLU A 128 2.39 16.29 -7.80
N GLU A 129 2.04 15.03 -7.51
CA GLU A 129 1.18 14.24 -8.40
C GLU A 129 -0.25 14.77 -8.37
N ASP A 130 -0.90 14.81 -9.54
CA ASP A 130 -2.34 15.04 -9.59
C ASP A 130 -3.08 13.90 -8.87
N ALA A 131 -4.04 14.26 -8.03
CA ALA A 131 -5.04 13.31 -7.55
C ALA A 131 -6.09 13.21 -8.65
N GLY A 132 -5.75 12.47 -9.70
CA GLY A 132 -6.59 12.36 -10.89
C GLY A 132 -7.60 11.24 -10.78
N LEU A 133 -8.42 11.30 -9.73
CA LEU A 133 -9.39 10.25 -9.45
C LEU A 133 -10.73 10.58 -10.14
N GLY A 134 -10.65 11.00 -11.40
CA GLY A 134 -11.82 11.35 -12.21
C GLY A 134 -11.48 11.37 -13.69
N ASN A 135 -12.52 11.34 -14.51
CA ASN A 135 -12.35 11.26 -15.98
C ASN A 135 -12.39 12.63 -16.63
N GLY A 136 -13.34 13.46 -16.20
CA GLY A 136 -13.55 14.76 -16.84
C GLY A 136 -14.45 15.64 -16.01
N GLY A 137 -15.49 16.19 -16.64
CA GLY A 137 -16.34 17.20 -16.03
C GLY A 137 -17.10 16.78 -14.79
N LEU A 138 -17.56 15.54 -14.77
CA LEU A 138 -18.30 15.00 -13.62
C LEU A 138 -17.41 14.95 -12.38
N GLY A 139 -16.25 14.31 -12.49
CA GLY A 139 -15.28 14.26 -11.40
C GLY A 139 -14.81 15.63 -10.95
N ARG A 140 -14.67 16.55 -11.90
CA ARG A 140 -14.16 17.88 -11.60
C ARG A 140 -15.22 18.79 -10.98
N LEU A 141 -16.50 18.56 -11.32
CA LEU A 141 -17.59 19.26 -10.67
C LEU A 141 -17.63 18.92 -9.19
N ALA A 142 -17.45 17.64 -8.88
CA ALA A 142 -17.38 17.19 -7.48
C ALA A 142 -16.25 17.92 -6.74
N ALA A 143 -15.11 18.05 -7.41
CA ALA A 143 -13.94 18.75 -6.87
C ALA A 143 -14.24 20.21 -6.59
N CYS A 144 -14.75 20.92 -7.59
CA CYS A 144 -15.15 22.32 -7.43
C CYS A 144 -16.19 22.49 -6.32
N PHE A 145 -17.11 21.54 -6.24
CA PHE A 145 -18.21 21.58 -5.28
C PHE A 145 -17.70 21.50 -3.85
N LEU A 146 -16.75 20.59 -3.60
CA LEU A 146 -16.16 20.47 -2.27
C LEU A 146 -15.54 21.79 -1.82
N ASP A 147 -14.81 22.44 -2.72
CA ASP A 147 -14.18 23.72 -2.42
C ASP A 147 -15.25 24.78 -2.09
N SER A 148 -16.31 24.83 -2.89
CA SER A 148 -17.41 25.78 -2.68
C SER A 148 -18.18 25.52 -1.40
N MET A 149 -18.48 24.25 -1.12
CA MET A 149 -19.22 23.90 0.09
C MET A 149 -18.40 24.25 1.32
N ALA A 150 -17.08 24.09 1.24
CA ALA A 150 -16.19 24.43 2.34
C ALA A 150 -16.20 25.93 2.53
N THR A 151 -16.13 26.64 1.42
CA THR A 151 -16.06 28.11 1.45
C THR A 151 -17.38 28.72 1.94
N LEU A 152 -18.52 28.09 1.64
CA LEU A 152 -19.82 28.57 2.13
C LEU A 152 -20.15 28.06 3.53
N GLY A 153 -19.26 27.25 4.11
CA GLY A 153 -19.43 26.78 5.48
C GLY A 153 -20.50 25.73 5.70
N LEU A 154 -20.80 24.96 4.66
CA LEU A 154 -21.76 23.86 4.77
C LEU A 154 -21.08 22.64 5.37
N ALA A 155 -21.83 21.88 6.17
CA ALA A 155 -21.29 20.67 6.80
C ALA A 155 -21.32 19.51 5.82
N ALA A 156 -20.43 19.57 4.84
CA ALA A 156 -20.45 18.63 3.71
C ALA A 156 -19.23 17.72 3.74
N TYR A 157 -19.46 16.43 3.51
CA TYR A 157 -18.40 15.47 3.23
C TYR A 157 -18.53 14.99 1.79
N GLY A 158 -17.40 14.82 1.11
CA GLY A 158 -17.36 14.07 -0.13
C GLY A 158 -17.05 12.62 0.20
N TYR A 159 -17.72 11.69 -0.48
CA TYR A 159 -17.49 10.26 -0.27
C TYR A 159 -17.16 9.61 -1.59
N GLY A 160 -16.01 8.95 -1.65
CA GLY A 160 -15.54 8.31 -2.88
C GLY A 160 -14.69 7.10 -2.62
N ILE A 161 -14.07 6.60 -3.69
CA ILE A 161 -13.11 5.50 -3.61
C ILE A 161 -11.69 6.06 -3.72
N ARG A 162 -10.81 5.56 -2.87
CA ARG A 162 -9.38 5.87 -2.96
C ARG A 162 -8.75 4.92 -3.96
N TYR A 163 -8.86 5.26 -5.24
CA TYR A 163 -8.28 4.44 -6.30
C TYR A 163 -6.77 4.44 -6.17
N GLU A 164 -6.16 3.26 -6.21
CA GLU A 164 -4.69 3.18 -6.19
C GLU A 164 -4.11 3.77 -7.49
N TYR A 165 -4.85 3.63 -8.58
CA TYR A 165 -4.51 4.23 -9.86
C TYR A 165 -5.66 5.07 -10.39
N GLY A 166 -5.40 6.36 -10.60
CA GLY A 166 -6.38 7.25 -11.22
C GLY A 166 -6.41 7.07 -12.73
N ILE A 167 -6.94 8.09 -13.42
CA ILE A 167 -6.96 8.09 -14.87
C ILE A 167 -5.53 7.96 -15.40
N PHE A 168 -5.34 7.06 -16.37
CA PHE A 168 -4.02 6.75 -16.91
C PHE A 168 -3.25 8.01 -17.37
N ASN A 169 -1.93 7.97 -17.25
CA ASN A 169 -1.08 8.96 -17.89
C ASN A 169 -1.06 8.65 -19.39
N GLN A 170 -1.32 9.65 -20.21
CA GLN A 170 -1.32 9.49 -21.66
C GLN A 170 0.01 9.94 -22.22
N LYS A 171 0.62 9.09 -23.04
CA LYS A 171 1.74 9.50 -23.88
C LYS A 171 1.39 9.23 -25.32
N ILE A 172 2.10 9.87 -26.25
CA ILE A 172 1.88 9.65 -27.67
C ILE A 172 3.08 8.91 -28.24
N ARG A 173 2.84 7.74 -28.82
CA ARG A 173 3.90 6.95 -29.47
C ARG A 173 3.53 6.68 -30.92
N ASP A 174 4.40 7.13 -31.83
CA ASP A 174 4.16 7.02 -33.26
C ASP A 174 2.79 7.62 -33.62
N GLY A 175 2.42 8.72 -32.98
CA GLY A 175 1.15 9.39 -33.23
C GLY A 175 -0.08 8.84 -32.51
N TRP A 176 0.03 7.67 -31.89
CA TRP A 176 -1.11 7.05 -31.18
C TRP A 176 -1.04 7.31 -29.69
N GLN A 177 -2.20 7.33 -29.03
CA GLN A 177 -2.23 7.33 -27.57
C GLN A 177 -1.76 5.96 -27.06
N VAL A 178 -0.84 5.98 -26.11
CA VAL A 178 -0.55 4.82 -25.27
C VAL A 178 -0.89 5.19 -23.82
N GLU A 179 -1.26 4.18 -23.03
CA GLU A 179 -1.59 4.38 -21.63
C GLU A 179 -0.50 3.79 -20.71
N GLU A 180 -0.12 4.56 -19.70
CA GLU A 180 0.71 4.09 -18.58
C GLU A 180 -0.08 4.22 -17.29
N ALA A 181 0.16 3.32 -16.34
CA ALA A 181 -0.52 3.38 -15.04
C ALA A 181 -0.18 4.64 -14.25
N ASP A 182 -1.21 5.34 -13.77
CA ASP A 182 -1.04 6.53 -12.95
C ASP A 182 -0.79 6.13 -11.51
N ASP A 183 0.47 5.92 -11.20
CA ASP A 183 0.91 5.39 -9.93
C ASP A 183 1.07 6.54 -8.93
N TRP A 184 -0.02 7.23 -8.65
CA TRP A 184 0.04 8.51 -7.94
C TRP A 184 0.45 8.41 -6.47
N LEU A 185 0.27 7.24 -5.86
CA LEU A 185 0.66 7.01 -4.46
C LEU A 185 2.06 6.40 -4.27
N ARG A 186 2.86 6.34 -5.34
CA ARG A 186 4.19 5.75 -5.27
C ARG A 186 5.02 6.35 -4.11
N TYR A 187 5.16 7.66 -4.10
CA TYR A 187 5.92 8.35 -3.05
C TYR A 187 5.05 8.76 -1.83
N GLY A 188 3.83 8.22 -1.72
CA GLY A 188 2.92 8.58 -0.62
C GLY A 188 2.07 9.80 -0.93
N ASN A 189 1.17 10.12 -0.01
CA ASN A 189 0.23 11.23 -0.15
C ASN A 189 0.17 11.98 1.18
N PRO A 190 0.78 13.17 1.25
CA PRO A 190 0.93 13.85 2.54
C PRO A 190 -0.35 14.52 3.03
N TRP A 191 -1.39 14.50 2.21
CA TRP A 191 -2.61 15.21 2.51
C TRP A 191 -3.63 14.36 3.26
N GLU A 192 -3.68 13.06 2.93
CA GLU A 192 -4.67 12.18 3.53
C GLU A 192 -4.27 11.73 4.94
N LYS A 193 -5.27 11.27 5.69
CA LYS A 193 -5.05 10.62 6.96
C LYS A 193 -5.97 9.40 7.02
N SER A 194 -5.38 8.21 7.18
CA SER A 194 -6.15 6.98 7.34
C SER A 194 -6.86 7.01 8.69
N ARG A 195 -8.04 6.42 8.76
CA ARG A 195 -8.79 6.32 10.01
C ARG A 195 -9.20 4.87 10.23
N PRO A 196 -8.24 4.02 10.65
CA PRO A 196 -8.52 2.58 10.80
C PRO A 196 -9.69 2.22 11.73
N GLU A 197 -9.95 3.04 12.75
CA GLU A 197 -11.06 2.73 13.67
C GLU A 197 -12.43 2.78 12.99
N PHE A 198 -12.52 3.48 11.85
CA PHE A 198 -13.79 3.58 11.11
C PHE A 198 -13.88 2.59 9.94
N MET A 199 -13.04 1.56 9.96
CA MET A 199 -13.10 0.49 8.98
C MET A 199 -14.45 -0.24 9.07
N LEU A 200 -15.09 -0.47 7.92
CA LEU A 200 -16.39 -1.09 7.85
C LEU A 200 -16.37 -2.32 6.92
N PRO A 201 -17.24 -3.32 7.20
CA PRO A 201 -17.38 -4.46 6.29
C PRO A 201 -18.36 -4.20 5.15
N VAL A 202 -18.09 -4.78 3.98
CA VAL A 202 -18.97 -4.73 2.82
C VAL A 202 -19.16 -6.15 2.31
N HIS A 203 -20.39 -6.48 1.92
CA HIS A 203 -20.75 -7.85 1.60
C HIS A 203 -21.04 -8.02 0.13
N PHE A 204 -20.69 -9.19 -0.42
CA PHE A 204 -20.88 -9.51 -1.84
C PHE A 204 -21.34 -10.95 -2.04
N TYR A 205 -22.01 -11.18 -3.17
CA TYR A 205 -22.47 -12.52 -3.55
C TYR A 205 -23.40 -13.13 -2.48
N GLY A 206 -23.19 -14.41 -2.15
CA GLY A 206 -24.05 -15.09 -1.18
C GLY A 206 -25.45 -15.30 -1.75
N LYS A 207 -26.43 -15.39 -0.86
CA LYS A 207 -27.82 -15.58 -1.28
C LYS A 207 -28.82 -15.10 -0.23
N VAL A 208 -30.09 -15.06 -0.63
CA VAL A 208 -31.17 -14.58 0.21
C VAL A 208 -31.96 -15.75 0.82
N GLU A 209 -32.20 -15.70 2.12
CA GLU A 209 -33.01 -16.70 2.79
C GLU A 209 -34.27 -16.03 3.32
N HIS A 210 -35.43 -16.63 3.07
CA HIS A 210 -36.71 -16.12 3.56
C HIS A 210 -37.22 -17.01 4.69
N THR A 211 -37.12 -16.53 5.92
CA THR A 211 -37.40 -17.30 7.12
C THR A 211 -38.35 -16.59 8.09
N ASN A 212 -38.70 -17.28 9.16
CA ASN A 212 -39.59 -16.77 10.20
C ASN A 212 -39.22 -15.36 10.67
N THR A 213 -37.91 -15.12 10.86
CA THR A 213 -37.42 -13.81 11.30
C THR A 213 -37.33 -12.75 10.19
N GLY A 214 -37.73 -13.12 8.96
CA GLY A 214 -37.68 -12.19 7.83
C GLY A 214 -36.58 -12.54 6.84
N THR A 215 -36.15 -11.54 6.06
CA THR A 215 -35.16 -11.78 5.01
C THR A 215 -33.73 -11.63 5.53
N LYS A 216 -32.92 -12.67 5.29
CA LYS A 216 -31.51 -12.67 5.61
C LYS A 216 -30.68 -12.78 4.33
N TRP A 217 -29.58 -12.04 4.28
CA TRP A 217 -28.61 -12.12 3.19
C TRP A 217 -27.43 -12.88 3.73
N ILE A 218 -27.31 -14.16 3.34
CA ILE A 218 -26.37 -15.08 3.95
C ILE A 218 -25.30 -15.60 2.97
N ASP A 219 -24.30 -16.28 3.52
CA ASP A 219 -23.20 -16.87 2.74
C ASP A 219 -22.34 -15.86 1.97
N THR A 220 -22.27 -14.62 2.45
CA THR A 220 -21.58 -13.57 1.71
C THR A 220 -20.07 -13.64 1.89
N GLN A 221 -19.34 -13.17 0.88
CA GLN A 221 -17.91 -12.88 1.02
C GLN A 221 -17.80 -11.44 1.50
N VAL A 222 -16.86 -11.19 2.40
CA VAL A 222 -16.71 -9.87 3.01
C VAL A 222 -15.45 -9.17 2.49
N VAL A 223 -15.58 -7.87 2.25
CA VAL A 223 -14.47 -6.99 1.89
C VAL A 223 -14.47 -5.83 2.87
N LEU A 224 -13.30 -5.42 3.33
CA LEU A 224 -13.19 -4.34 4.31
C LEU A 224 -12.96 -2.99 3.62
N ALA A 225 -13.67 -1.96 4.10
CA ALA A 225 -13.52 -0.61 3.58
C ALA A 225 -12.81 0.25 4.62
N LEU A 226 -11.63 0.74 4.26
CA LEU A 226 -10.79 1.51 5.17
C LEU A 226 -10.74 2.94 4.67
N PRO A 227 -11.24 3.89 5.47
CA PRO A 227 -11.38 5.26 4.96
C PRO A 227 -10.11 6.09 5.15
N TYR A 228 -9.84 6.96 4.19
CA TYR A 228 -8.76 7.95 4.27
C TYR A 228 -9.34 9.35 4.10
N ASP A 229 -8.99 10.26 5.01
CA ASP A 229 -9.52 11.62 4.99
C ASP A 229 -8.54 12.64 4.45
N THR A 230 -9.02 13.45 3.51
CA THR A 230 -8.28 14.59 2.99
C THR A 230 -9.03 15.86 3.38
N PRO A 231 -8.30 16.87 3.89
CA PRO A 231 -8.95 18.11 4.30
C PRO A 231 -9.42 18.91 3.09
N VAL A 232 -10.58 19.56 3.22
CA VAL A 232 -11.12 20.44 2.17
C VAL A 232 -11.22 21.84 2.78
N PRO A 233 -10.19 22.67 2.58
CA PRO A 233 -10.18 24.00 3.22
C PRO A 233 -11.05 25.01 2.48
N GLY A 234 -11.87 25.73 3.23
CA GLY A 234 -12.63 26.83 2.68
C GLY A 234 -11.73 28.03 2.40
N TYR A 235 -12.17 28.90 1.52
CA TYR A 235 -11.39 30.08 1.18
C TYR A 235 -11.57 31.17 2.23
N MET A 236 -10.48 31.51 2.92
CA MET A 236 -10.43 32.58 3.93
C MET A 236 -11.61 32.52 4.93
N ASN A 237 -11.87 31.36 5.47
CA ASN A 237 -12.77 31.22 6.61
C ASN A 237 -12.21 30.18 7.58
N ASN A 238 -12.99 29.78 8.58
CA ASN A 238 -12.52 28.80 9.57
C ASN A 238 -12.88 27.35 9.26
N THR A 239 -13.50 27.10 8.09
CA THR A 239 -14.00 25.79 7.74
C THR A 239 -12.98 24.94 7.01
N VAL A 240 -12.69 23.78 7.57
CA VAL A 240 -12.01 22.71 6.85
C VAL A 240 -12.92 21.48 6.88
N ASN A 241 -13.51 21.18 5.73
CA ASN A 241 -14.35 20.00 5.53
C ASN A 241 -13.50 18.78 5.17
N THR A 242 -14.15 17.68 4.76
CA THR A 242 -13.45 16.42 4.53
C THR A 242 -13.92 15.69 3.26
N MET A 243 -12.95 15.11 2.57
CA MET A 243 -13.18 14.11 1.54
C MET A 243 -12.75 12.76 2.11
N ARG A 244 -13.70 11.85 2.29
CA ARG A 244 -13.42 10.52 2.84
C ARG A 244 -13.44 9.51 1.70
N LEU A 245 -12.29 8.95 1.37
CA LEU A 245 -12.19 7.99 0.28
C LEU A 245 -11.90 6.61 0.84
N TRP A 246 -12.59 5.61 0.29
CA TRP A 246 -12.55 4.25 0.79
C TRP A 246 -11.54 3.37 0.01
N SER A 247 -10.78 2.57 0.76
CA SER A 247 -9.81 1.64 0.18
C SER A 247 -10.21 0.22 0.54
N ALA A 248 -10.11 -0.69 -0.43
CA ALA A 248 -10.59 -2.06 -0.25
C ALA A 248 -9.51 -2.92 0.37
N ARG A 249 -9.87 -3.70 1.39
CA ARG A 249 -8.94 -4.59 2.07
C ARG A 249 -9.56 -5.98 2.26
N ALA A 250 -8.74 -7.02 2.20
CA ALA A 250 -9.21 -8.37 2.49
C ALA A 250 -9.35 -8.58 4.00
N PRO A 251 -10.41 -9.28 4.44
CA PRO A 251 -10.55 -9.60 5.86
C PRO A 251 -9.61 -10.71 6.32
N ASN A 252 -9.16 -10.64 7.57
CA ASN A 252 -8.43 -11.73 8.20
C ASN A 252 -9.48 -12.64 8.81
N ASP A 253 -9.46 -13.91 8.38
CA ASP A 253 -10.62 -14.80 8.54
C ASP A 253 -10.85 -15.20 9.99
N GLY A 262 -6.37 -25.33 0.95
CA GLY A 262 -5.67 -25.25 -0.34
C GLY A 262 -4.19 -24.96 -0.15
N ASP A 263 -3.62 -24.17 -1.06
CA ASP A 263 -2.26 -23.65 -0.89
C ASP A 263 -2.32 -22.39 -0.02
N TYR A 264 -1.53 -22.37 1.05
CA TYR A 264 -1.47 -21.21 1.95
C TYR A 264 -1.00 -19.95 1.23
N ILE A 265 0.07 -20.11 0.43
CA ILE A 265 0.66 -18.99 -0.30
C ILE A 265 -0.34 -18.41 -1.30
N GLN A 266 -1.03 -19.27 -2.04
CA GLN A 266 -2.05 -18.82 -3.00
C GLN A 266 -3.25 -18.17 -2.29
N ALA A 267 -3.63 -18.69 -1.12
CA ALA A 267 -4.70 -18.06 -0.33
C ALA A 267 -4.32 -16.65 0.05
N VAL A 268 -3.05 -16.43 0.39
CA VAL A 268 -2.57 -15.10 0.76
C VAL A 268 -2.51 -14.18 -0.47
N LEU A 269 -2.00 -14.71 -1.58
CA LEU A 269 -1.95 -13.96 -2.85
C LEU A 269 -3.35 -13.57 -3.34
N ASP A 270 -4.34 -14.45 -3.14
CA ASP A 270 -5.71 -14.19 -3.61
C ASP A 270 -6.46 -13.10 -2.83
N ARG A 271 -5.84 -12.56 -1.79
CA ARG A 271 -6.35 -11.34 -1.15
C ARG A 271 -6.34 -10.15 -2.10
N ASN A 272 -5.47 -10.20 -3.11
CA ASN A 272 -5.45 -9.22 -4.21
C ASN A 272 -6.81 -9.04 -4.87
N LEU A 273 -7.60 -10.11 -4.94
CA LEU A 273 -8.90 -10.07 -5.60
C LEU A 273 -9.89 -9.13 -4.90
N ALA A 274 -9.81 -9.07 -3.57
CA ALA A 274 -10.65 -8.17 -2.78
C ALA A 274 -10.15 -6.73 -2.92
N GLU A 275 -8.83 -6.59 -2.92
CA GLU A 275 -8.21 -5.27 -3.00
C GLU A 275 -8.30 -4.66 -4.40
N ASN A 276 -8.65 -5.47 -5.39
CA ASN A 276 -8.86 -4.99 -6.75
C ASN A 276 -10.07 -4.03 -6.87
N ILE A 277 -10.99 -4.07 -5.89
CA ILE A 277 -12.17 -3.22 -5.94
C ILE A 277 -11.78 -1.73 -5.99
N SER A 278 -10.72 -1.34 -5.30
CA SER A 278 -10.29 0.06 -5.27
C SER A 278 -8.95 0.26 -5.98
N ARG A 279 -8.62 -0.63 -6.91
CA ARG A 279 -7.32 -0.59 -7.57
C ARG A 279 -7.25 0.53 -8.60
N VAL A 280 -8.20 0.57 -9.52
CA VAL A 280 -8.11 1.47 -10.66
C VAL A 280 -9.44 2.12 -11.00
N LEU A 281 -9.36 3.38 -11.42
CA LEU A 281 -10.53 4.11 -11.91
C LEU A 281 -10.88 3.64 -13.33
N TYR A 282 -12.15 3.35 -13.56
CA TYR A 282 -12.61 3.04 -14.91
C TYR A 282 -12.51 4.31 -15.76
N PRO A 283 -11.68 4.25 -16.82
CA PRO A 283 -11.36 5.45 -17.59
C PRO A 283 -12.36 5.80 -18.69
N ASN A 284 -13.64 5.53 -18.45
CA ASN A 284 -14.68 5.86 -19.42
C ASN A 284 -15.35 7.18 -19.05
N ASP A 285 -15.48 8.05 -20.03
CA ASP A 285 -16.16 9.33 -19.87
C ASP A 285 -17.40 9.28 -20.74
N ASN A 286 -18.57 9.55 -20.16
CA ASN A 286 -19.84 9.46 -20.88
C ASN A 286 -20.01 8.13 -21.64
N PHE A 287 -19.74 7.02 -20.97
CA PHE A 287 -19.89 5.71 -21.60
C PHE A 287 -20.03 4.62 -20.54
N PHE A 288 -21.10 3.85 -20.66
CA PHE A 288 -21.39 2.77 -19.72
C PHE A 288 -20.71 1.48 -20.16
N GLU A 289 -19.88 0.92 -19.27
CA GLU A 289 -19.30 -0.40 -19.49
C GLU A 289 -19.73 -1.30 -18.33
N GLY A 290 -20.52 -2.32 -18.64
CA GLY A 290 -21.19 -3.13 -17.63
C GLY A 290 -20.34 -4.26 -17.10
N LYS A 291 -19.25 -3.91 -16.43
CA LYS A 291 -18.31 -4.89 -15.91
C LYS A 291 -18.57 -5.16 -14.42
N GLU A 292 -18.38 -6.41 -14.01
CA GLU A 292 -18.64 -6.83 -12.63
C GLU A 292 -17.78 -6.05 -11.62
N LEU A 293 -16.52 -5.82 -11.95
CA LEU A 293 -15.62 -5.08 -11.06
C LEU A 293 -16.12 -3.65 -10.84
N ARG A 294 -16.68 -3.04 -11.90
CA ARG A 294 -17.31 -1.73 -11.80
C ARG A 294 -18.54 -1.76 -10.90
N LEU A 295 -19.38 -2.79 -11.03
CA LEU A 295 -20.56 -2.91 -10.16
C LEU A 295 -20.11 -3.03 -8.70
N LYS A 296 -19.09 -3.86 -8.46
CA LYS A 296 -18.52 -4.01 -7.12
C LYS A 296 -18.09 -2.65 -6.55
N GLN A 297 -17.35 -1.88 -7.35
CA GLN A 297 -16.90 -0.54 -6.96
C GLN A 297 -18.07 0.30 -6.48
N GLU A 298 -19.14 0.30 -7.26
CA GLU A 298 -20.30 1.12 -6.97
C GLU A 298 -20.98 0.73 -5.65
N TYR A 299 -21.15 -0.56 -5.40
CA TYR A 299 -21.74 -1.02 -4.17
C TYR A 299 -20.79 -0.79 -2.99
N PHE A 300 -19.51 -1.01 -3.22
CA PHE A 300 -18.47 -0.79 -2.22
C PHE A 300 -18.51 0.61 -1.61
N VAL A 301 -18.50 1.63 -2.46
CA VAL A 301 -18.49 3.02 -1.99
C VAL A 301 -19.81 3.36 -1.32
N VAL A 302 -20.89 2.78 -1.83
CA VAL A 302 -22.25 3.04 -1.35
C VAL A 302 -22.50 2.38 0.02
N ALA A 303 -22.04 1.15 0.20
CA ALA A 303 -22.27 0.41 1.44
C ALA A 303 -21.45 0.98 2.59
N ALA A 304 -20.16 1.24 2.33
CA ALA A 304 -19.26 1.82 3.32
C ALA A 304 -19.80 3.17 3.76
N THR A 305 -20.14 3.99 2.78
CA THR A 305 -20.63 5.35 3.03
C THR A 305 -21.92 5.38 3.87
N LEU A 306 -22.93 4.61 3.46
CA LEU A 306 -24.21 4.64 4.19
C LEU A 306 -24.04 4.18 5.66
N GLN A 307 -23.24 3.14 5.88
CA GLN A 307 -22.93 2.70 7.24
C GLN A 307 -22.29 3.79 8.07
N ASP A 308 -21.31 4.47 7.50
CA ASP A 308 -20.57 5.51 8.18
C ASP A 308 -21.44 6.72 8.50
N ILE A 309 -22.33 7.06 7.56
CA ILE A 309 -23.29 8.14 7.73
C ILE A 309 -24.30 7.84 8.84
N ILE A 310 -24.79 6.60 8.85
CA ILE A 310 -25.75 6.16 9.86
C ILE A 310 -25.09 6.15 11.24
N ARG A 311 -23.83 5.69 11.29
CA ARG A 311 -23.02 5.74 12.50
C ARG A 311 -22.87 7.16 13.04
N ARG A 312 -22.54 8.11 12.17
CA ARG A 312 -22.42 9.50 12.61
C ARG A 312 -23.77 10.03 13.11
N PHE A 313 -24.87 9.65 12.44
CA PHE A 313 -26.21 10.09 12.84
C PHE A 313 -26.60 9.57 14.23
N LYS A 314 -26.33 8.30 14.49
CA LYS A 314 -26.64 7.68 15.78
C LYS A 314 -25.83 8.25 16.94
N ALA A 315 -24.59 8.65 16.67
CA ALA A 315 -23.68 9.12 17.70
C ALA A 315 -23.85 10.61 17.99
N SER A 316 -24.60 11.31 17.13
CA SER A 316 -24.81 12.74 17.30
C SER A 316 -25.88 13.02 18.34
N LYS A 317 -26.15 14.29 18.60
CA LYS A 317 -27.20 14.71 19.55
C LYS A 317 -28.64 14.42 19.08
N PHE A 318 -28.82 14.22 17.76
CA PHE A 318 -30.14 13.89 17.19
C PHE A 318 -30.41 12.37 17.13
N GLY A 319 -29.54 11.57 17.75
CA GLY A 319 -29.70 10.11 17.82
C GLY A 319 -30.41 9.67 19.09
N SER A 320 -31.72 9.41 18.98
CA SER A 320 -32.56 9.03 20.13
C SER A 320 -32.90 7.53 20.09
N THR A 321 -33.44 7.02 21.19
CA THR A 321 -33.80 5.60 21.31
C THR A 321 -35.26 5.40 21.76
N ARG A 322 -35.89 4.36 21.19
CA ARG A 322 -37.29 3.99 21.51
C ARG A 322 -37.48 2.47 21.36
N GLY A 323 -38.69 2.01 21.70
CA GLY A 323 -39.04 0.57 21.74
C GLY A 323 -38.45 -0.34 20.67
N ALA A 324 -38.43 0.13 19.43
CA ALA A 324 -37.86 -0.64 18.31
C ALA A 324 -36.35 -0.53 18.31
N GLY A 325 -35.87 0.72 18.34
CA GLY A 325 -34.44 1.00 18.37
C GLY A 325 -34.22 2.47 18.10
N THR A 326 -33.33 2.77 17.17
CA THR A 326 -33.02 4.14 16.82
C THR A 326 -34.18 4.71 16.02
N VAL A 327 -34.62 5.89 16.42
CA VAL A 327 -35.59 6.62 15.65
C VAL A 327 -34.82 7.26 14.49
N PHE A 328 -35.21 6.88 13.27
CA PHE A 328 -34.65 7.47 12.06
C PHE A 328 -35.63 8.50 11.51
N ASP A 329 -36.60 8.90 12.34
CA ASP A 329 -37.60 9.88 11.94
C ASP A 329 -36.92 11.17 11.50
N ALA A 330 -35.90 11.57 12.25
CA ALA A 330 -35.19 12.83 12.00
C ALA A 330 -34.07 12.69 10.95
N PHE A 331 -33.82 11.47 10.48
CA PHE A 331 -32.73 11.20 9.53
C PHE A 331 -32.70 12.18 8.35
N PRO A 332 -33.82 12.34 7.63
CA PRO A 332 -33.78 13.26 6.48
C PRO A 332 -33.66 14.76 6.83
N ASP A 333 -33.82 15.15 8.10
CA ASP A 333 -33.57 16.53 8.54
C ASP A 333 -32.12 16.73 8.98
N GLN A 334 -31.38 15.63 9.07
CA GLN A 334 -29.98 15.63 9.48
C GLN A 334 -29.03 15.19 8.37
N VAL A 335 -29.57 14.57 7.32
CA VAL A 335 -28.77 13.96 6.28
C VAL A 335 -29.37 14.28 4.92
N ALA A 336 -28.54 14.81 4.03
CA ALA A 336 -28.82 14.86 2.60
C ALA A 336 -27.70 14.13 1.89
N ILE A 337 -28.07 13.24 0.98
CA ILE A 337 -27.10 12.54 0.14
C ILE A 337 -27.38 12.86 -1.33
N GLN A 338 -26.42 13.49 -2.00
CA GLN A 338 -26.52 13.76 -3.43
C GLN A 338 -25.83 12.65 -4.22
N LEU A 339 -26.56 12.04 -5.14
CA LEU A 339 -26.02 11.02 -6.03
C LEU A 339 -25.48 11.70 -7.29
N ASN A 340 -24.16 11.76 -7.41
CA ASN A 340 -23.51 12.33 -8.57
C ASN A 340 -23.63 11.33 -9.74
N ASP A 341 -24.63 11.56 -10.61
CA ASP A 341 -25.03 10.61 -11.66
C ASP A 341 -25.60 9.33 -11.04
N THR A 342 -25.90 8.33 -11.88
CA THR A 342 -26.48 7.06 -11.40
C THR A 342 -25.45 6.08 -10.86
N HIS A 343 -24.17 6.46 -10.86
CA HIS A 343 -23.10 5.55 -10.48
C HIS A 343 -23.30 4.96 -9.07
N PRO A 344 -23.68 5.80 -8.09
CA PRO A 344 -24.01 5.30 -6.76
C PRO A 344 -25.53 5.08 -6.53
N ALA A 345 -26.28 4.77 -7.59
CA ALA A 345 -27.73 4.49 -7.48
C ALA A 345 -28.06 3.41 -6.47
N LEU A 346 -27.15 2.44 -6.28
CA LEU A 346 -27.34 1.38 -5.30
C LEU A 346 -27.47 1.90 -3.86
N ALA A 347 -27.12 3.16 -3.62
CA ALA A 347 -27.39 3.80 -2.33
C ALA A 347 -28.85 3.70 -1.90
N ILE A 348 -29.78 3.76 -2.85
CA ILE A 348 -31.22 3.74 -2.53
C ILE A 348 -31.67 2.38 -2.00
N PRO A 349 -31.48 1.28 -2.76
CA PRO A 349 -31.85 -0.01 -2.20
C PRO A 349 -31.00 -0.45 -1.00
N GLU A 350 -29.77 0.08 -0.90
CA GLU A 350 -28.91 -0.22 0.25
C GLU A 350 -29.46 0.42 1.52
N LEU A 351 -29.89 1.66 1.43
CA LEU A 351 -30.51 2.31 2.58
C LEU A 351 -31.79 1.58 2.99
N MET A 352 -32.62 1.23 2.01
CA MET A 352 -33.81 0.43 2.27
C MET A 352 -33.47 -0.92 2.93
N ARG A 353 -32.45 -1.60 2.42
CA ARG A 353 -31.96 -2.84 3.06
C ARG A 353 -31.60 -2.62 4.53
N ILE A 354 -30.83 -1.58 4.82
CA ILE A 354 -30.45 -1.30 6.20
C ILE A 354 -31.70 -0.98 7.04
N PHE A 355 -32.59 -0.15 6.50
CA PHE A 355 -33.78 0.27 7.25
C PHE A 355 -34.71 -0.91 7.55
N VAL A 356 -34.96 -1.75 6.55
CA VAL A 356 -35.94 -2.83 6.68
C VAL A 356 -35.32 -4.13 7.22
N ASP A 357 -34.23 -4.61 6.62
CA ASP A 357 -33.63 -5.88 7.04
C ASP A 357 -32.91 -5.81 8.38
N ILE A 358 -32.25 -4.69 8.67
CA ILE A 358 -31.42 -4.56 9.86
C ILE A 358 -32.12 -3.77 10.96
N GLU A 359 -32.64 -2.60 10.61
CA GLU A 359 -33.31 -1.74 11.58
C GLU A 359 -34.79 -2.05 11.76
N LYS A 360 -35.33 -2.93 10.92
CA LYS A 360 -36.70 -3.44 11.06
C LYS A 360 -37.81 -2.39 10.94
N LEU A 361 -37.54 -1.28 10.29
CA LEU A 361 -38.60 -0.30 10.03
C LEU A 361 -39.54 -0.89 8.98
N PRO A 362 -40.83 -0.51 9.03
CA PRO A 362 -41.75 -0.92 7.96
C PRO A 362 -41.34 -0.31 6.62
N TRP A 363 -41.64 -1.02 5.53
CA TRP A 363 -41.32 -0.57 4.18
C TRP A 363 -41.80 0.86 3.92
N SER A 364 -43.07 1.12 4.20
CA SER A 364 -43.69 2.44 3.98
C SER A 364 -42.90 3.59 4.61
N LYS A 365 -42.50 3.43 5.87
CA LYS A 365 -41.73 4.46 6.58
C LYS A 365 -40.32 4.56 6.02
N ALA A 366 -39.69 3.40 5.81
CA ALA A 366 -38.35 3.35 5.26
C ALA A 366 -38.28 3.96 3.87
N TRP A 367 -39.29 3.72 3.04
CA TRP A 367 -39.33 4.26 1.67
C TRP A 367 -39.53 5.78 1.68
N GLU A 368 -40.36 6.27 2.58
CA GLU A 368 -40.59 7.70 2.73
C GLU A 368 -39.32 8.45 3.23
N LEU A 369 -38.62 7.87 4.19
CA LEU A 369 -37.34 8.40 4.67
C LEU A 369 -36.28 8.42 3.57
N THR A 370 -36.22 7.34 2.78
CA THR A 370 -35.29 7.25 1.65
C THR A 370 -35.49 8.40 0.67
N GLN A 371 -36.71 8.55 0.16
CA GLN A 371 -37.02 9.64 -0.77
C GLN A 371 -36.62 11.00 -0.23
N LYS A 372 -36.90 11.24 1.04
CA LYS A 372 -36.58 12.52 1.68
C LYS A 372 -35.06 12.74 1.84
N THR A 373 -34.29 11.65 1.85
CA THR A 373 -32.84 11.70 2.06
C THR A 373 -32.07 11.97 0.77
N PHE A 374 -32.42 11.24 -0.29
CA PHE A 374 -31.66 11.25 -1.55
C PHE A 374 -32.12 12.32 -2.55
N ALA A 375 -31.14 12.85 -3.28
CA ALA A 375 -31.38 13.65 -4.47
C ALA A 375 -30.42 13.15 -5.56
N TYR A 376 -30.83 13.27 -6.82
CA TYR A 376 -30.08 12.69 -7.93
C TYR A 376 -29.71 13.78 -8.94
N THR A 377 -28.46 13.77 -9.41
CA THR A 377 -28.03 14.70 -10.44
C THR A 377 -27.76 13.92 -11.72
N ASN A 378 -28.50 14.27 -12.77
CA ASN A 378 -28.33 13.68 -14.09
C ASN A 378 -27.32 14.51 -14.86
N HIS A 379 -26.35 13.84 -15.51
CA HIS A 379 -25.26 14.52 -16.22
C HIS A 379 -25.20 14.27 -17.72
N THR A 380 -26.02 13.38 -18.26
CA THR A 380 -25.97 13.10 -19.69
C THR A 380 -27.24 12.45 -20.24
N VAL A 381 -27.64 12.88 -21.44
CA VAL A 381 -28.75 12.24 -22.16
C VAL A 381 -28.29 11.27 -23.27
N LEU A 382 -26.98 11.09 -23.44
CA LEU A 382 -26.44 10.14 -24.42
C LEU A 382 -26.76 8.69 -24.04
N PRO A 383 -27.43 7.93 -24.93
CA PRO A 383 -27.86 6.56 -24.61
C PRO A 383 -26.73 5.63 -24.16
N GLU A 384 -25.57 5.74 -24.81
CA GLU A 384 -24.42 4.89 -24.51
C GLU A 384 -23.77 5.17 -23.15
N ALA A 385 -24.09 6.32 -22.55
CA ALA A 385 -23.63 6.64 -21.20
C ALA A 385 -24.55 6.08 -20.10
N LEU A 386 -25.80 5.76 -20.45
CA LEU A 386 -26.81 5.33 -19.48
C LEU A 386 -26.49 3.98 -18.86
N GLU A 387 -26.53 3.91 -17.53
CA GLU A 387 -26.25 2.67 -16.82
C GLU A 387 -27.47 1.75 -16.84
N ARG A 388 -27.32 0.62 -17.50
CA ARG A 388 -28.36 -0.38 -17.60
C ARG A 388 -27.73 -1.74 -17.25
N TRP A 389 -27.82 -2.11 -15.97
CA TRP A 389 -27.17 -3.32 -15.46
C TRP A 389 -28.03 -4.58 -15.68
N PRO A 390 -27.45 -5.63 -16.27
CA PRO A 390 -28.15 -6.92 -16.39
C PRO A 390 -28.59 -7.50 -15.05
N VAL A 391 -29.84 -7.92 -14.97
CA VAL A 391 -30.40 -8.53 -13.75
C VAL A 391 -29.64 -9.78 -13.32
N ASP A 392 -29.03 -10.49 -14.26
CA ASP A 392 -28.21 -11.67 -13.97
C ASP A 392 -26.96 -11.32 -13.17
N LEU A 393 -26.31 -10.22 -13.53
CA LEU A 393 -25.13 -9.77 -12.84
C LEU A 393 -25.50 -9.34 -11.41
N VAL A 394 -26.52 -8.52 -11.30
CA VAL A 394 -26.97 -8.01 -10.00
C VAL A 394 -27.44 -9.16 -9.11
N GLU A 395 -28.17 -10.13 -9.69
CA GLU A 395 -28.64 -11.30 -8.95
C GLU A 395 -27.50 -12.08 -8.33
N LYS A 396 -26.42 -12.28 -9.09
CA LYS A 396 -25.26 -13.01 -8.59
C LYS A 396 -24.52 -12.22 -7.52
N LEU A 397 -24.29 -10.93 -7.76
CA LEU A 397 -23.45 -10.11 -6.88
C LEU A 397 -24.21 -9.58 -5.68
N LEU A 398 -25.42 -9.08 -5.93
CA LEU A 398 -26.22 -8.39 -4.93
C LEU A 398 -27.66 -8.91 -4.97
N PRO A 399 -27.87 -10.19 -4.61
CA PRO A 399 -29.20 -10.84 -4.73
C PRO A 399 -30.31 -10.18 -3.91
N ARG A 400 -30.00 -9.71 -2.71
CA ARG A 400 -30.98 -9.02 -1.87
C ARG A 400 -31.37 -7.67 -2.46
N HIS A 401 -30.42 -7.01 -3.12
CA HIS A 401 -30.67 -5.70 -3.74
C HIS A 401 -31.54 -5.84 -4.98
N LEU A 402 -31.39 -6.94 -5.70
CA LEU A 402 -32.31 -7.25 -6.79
C LEU A 402 -33.74 -7.40 -6.29
N GLU A 403 -33.93 -8.09 -5.16
CA GLU A 403 -35.28 -8.23 -4.57
C GLU A 403 -35.86 -6.87 -4.16
N ILE A 404 -35.03 -6.02 -3.54
CA ILE A 404 -35.49 -4.68 -3.13
C ILE A 404 -35.86 -3.81 -4.34
N ILE A 405 -35.04 -3.87 -5.39
CA ILE A 405 -35.33 -3.13 -6.63
C ILE A 405 -36.66 -3.59 -7.25
N TYR A 406 -36.86 -4.91 -7.36
CA TYR A 406 -38.14 -5.46 -7.83
C TYR A 406 -39.31 -4.96 -6.97
N GLU A 407 -39.13 -5.01 -5.65
CA GLU A 407 -40.18 -4.58 -4.73
C GLU A 407 -40.49 -3.10 -4.91
N ILE A 408 -39.44 -2.28 -5.05
CA ILE A 408 -39.60 -0.86 -5.38
C ILE A 408 -40.35 -0.69 -6.70
N ASN A 409 -39.94 -1.44 -7.71
CA ASN A 409 -40.56 -1.36 -9.03
C ASN A 409 -42.05 -1.73 -8.98
N GLN A 410 -42.37 -2.82 -8.29
CA GLN A 410 -43.75 -3.29 -8.20
C GLN A 410 -44.64 -2.20 -7.62
N LYS A 411 -44.25 -1.65 -6.47
CA LYS A 411 -45.03 -0.62 -5.81
C LYS A 411 -45.11 0.65 -6.64
N HIS A 412 -44.05 0.92 -7.40
CA HIS A 412 -44.00 2.02 -8.37
C HIS A 412 -44.95 1.82 -9.54
N LEU A 413 -45.03 0.59 -10.06
CA LEU A 413 -45.93 0.30 -11.18
C LEU A 413 -47.40 0.23 -10.74
N ASP A 414 -47.65 -0.30 -9.54
CA ASP A 414 -49.01 -0.39 -9.00
C ASP A 414 -49.70 0.97 -8.96
N ARG A 415 -48.98 1.97 -8.43
CA ARG A 415 -49.48 3.34 -8.37
C ARG A 415 -49.77 3.91 -9.77
N ILE A 416 -48.94 3.55 -10.75
CA ILE A 416 -49.10 4.03 -12.11
C ILE A 416 -50.30 3.36 -12.79
N VAL A 417 -50.53 2.09 -12.45
CA VAL A 417 -51.71 1.36 -12.94
C VAL A 417 -52.99 1.92 -12.33
N ALA A 418 -52.92 2.32 -11.07
CA ALA A 418 -54.05 2.97 -10.40
C ALA A 418 -54.40 4.30 -11.07
N LEU A 419 -53.39 5.09 -11.43
CA LEU A 419 -53.60 6.42 -11.99
C LEU A 419 -53.95 6.41 -13.47
N PHE A 420 -53.33 5.50 -14.23
CA PHE A 420 -53.54 5.44 -15.69
C PHE A 420 -53.84 4.00 -16.12
N PRO A 421 -55.07 3.51 -15.84
CA PRO A 421 -55.42 2.09 -16.02
C PRO A 421 -55.42 1.59 -17.47
N LYS A 422 -55.66 2.50 -18.42
CA LYS A 422 -55.75 2.12 -19.83
C LYS A 422 -54.40 2.12 -20.55
N ASP A 423 -53.42 2.83 -19.97
CA ASP A 423 -52.12 3.04 -20.62
C ASP A 423 -51.16 1.90 -20.29
N VAL A 424 -51.23 0.83 -21.09
CA VAL A 424 -50.37 -0.34 -20.91
C VAL A 424 -48.91 -0.02 -21.21
N ASP A 425 -48.69 0.86 -22.17
CA ASP A 425 -47.34 1.16 -22.63
C ASP A 425 -46.59 2.05 -21.65
N ARG A 426 -47.32 2.89 -20.92
CA ARG A 426 -46.72 3.75 -19.92
C ARG A 426 -46.02 2.94 -18.83
N LEU A 427 -46.59 1.80 -18.46
CA LEU A 427 -45.96 0.89 -17.50
C LEU A 427 -44.59 0.43 -18.00
N ARG A 428 -44.52 0.06 -19.28
CA ARG A 428 -43.28 -0.41 -19.90
C ARG A 428 -42.22 0.70 -19.88
N ARG A 429 -42.64 1.92 -20.23
CA ARG A 429 -41.74 3.07 -20.29
C ARG A 429 -41.23 3.49 -18.92
N MET A 430 -42.06 3.35 -17.88
CA MET A 430 -41.72 3.84 -16.54
C MET A 430 -41.13 2.78 -15.61
N SER A 431 -41.03 1.54 -16.08
CA SER A 431 -40.49 0.45 -15.27
C SER A 431 -39.00 0.67 -15.00
N LEU A 432 -38.54 0.20 -13.85
CA LEU A 432 -37.11 0.18 -13.54
C LEU A 432 -36.42 -0.96 -14.29
N ILE A 433 -37.21 -1.86 -14.88
CA ILE A 433 -36.69 -3.00 -15.63
C ILE A 433 -37.01 -2.87 -17.11
N GLU A 434 -36.01 -3.12 -17.96
CA GLU A 434 -36.20 -3.28 -19.40
C GLU A 434 -36.20 -4.76 -19.68
N GLU A 435 -37.32 -5.27 -20.20
CA GLU A 435 -37.61 -6.71 -20.21
C GLU A 435 -37.18 -7.45 -21.49
N GLU A 436 -37.02 -6.73 -22.59
CA GLU A 436 -36.66 -7.38 -23.87
C GLU A 436 -35.25 -8.01 -23.82
N GLY A 437 -35.11 -9.16 -24.49
CA GLY A 437 -33.84 -9.89 -24.54
C GLY A 437 -33.31 -10.21 -23.16
N SER A 438 -32.09 -9.74 -22.86
CA SER A 438 -31.57 -9.80 -21.50
C SER A 438 -32.22 -8.66 -20.72
N LYS A 439 -32.72 -8.96 -19.53
CA LYS A 439 -33.38 -7.94 -18.71
C LYS A 439 -32.33 -7.06 -18.03
N ARG A 440 -32.58 -5.76 -18.01
CA ARG A 440 -31.64 -4.80 -17.43
C ARG A 440 -32.36 -3.89 -16.44
N ILE A 441 -31.61 -3.42 -15.44
CA ILE A 441 -32.13 -2.43 -14.48
C ILE A 441 -31.73 -1.05 -14.97
N ASN A 442 -32.73 -0.22 -15.26
CA ASN A 442 -32.50 1.17 -15.63
C ASN A 442 -32.23 1.97 -14.36
N MET A 443 -30.99 2.41 -14.20
CA MET A 443 -30.59 3.01 -12.92
C MET A 443 -31.09 4.44 -12.78
N ALA A 444 -31.31 5.13 -13.89
CA ALA A 444 -31.88 6.48 -13.87
C ALA A 444 -33.28 6.46 -13.29
N HIS A 445 -34.08 5.47 -13.68
CA HIS A 445 -35.44 5.34 -13.15
C HIS A 445 -35.43 5.02 -11.66
N LEU A 446 -34.48 4.19 -11.23
CA LEU A 446 -34.32 3.89 -9.80
C LEU A 446 -34.02 5.16 -9.01
N CYS A 447 -33.15 6.01 -9.56
CA CYS A 447 -32.77 7.27 -8.91
C CYS A 447 -33.91 8.29 -8.82
N ILE A 448 -34.75 8.32 -9.86
CA ILE A 448 -35.89 9.25 -9.89
C ILE A 448 -36.92 8.89 -8.81
N VAL A 449 -37.28 7.62 -8.74
CA VAL A 449 -38.31 7.18 -7.78
C VAL A 449 -37.79 7.17 -6.34
N GLY A 450 -36.49 6.95 -6.18
CA GLY A 450 -35.85 6.92 -4.86
C GLY A 450 -35.42 8.27 -4.32
N SER A 451 -35.60 9.34 -5.09
CA SER A 451 -35.14 10.67 -4.70
C SER A 451 -36.28 11.69 -4.70
N HIS A 452 -36.17 12.73 -3.87
CA HIS A 452 -37.17 13.80 -3.83
C HIS A 452 -36.83 14.97 -4.77
N ALA A 453 -35.64 14.94 -5.36
CA ALA A 453 -35.23 15.95 -6.33
C ALA A 453 -34.32 15.31 -7.37
N VAL A 454 -34.52 15.73 -8.62
CA VAL A 454 -33.71 15.31 -9.74
C VAL A 454 -33.34 16.58 -10.49
N ASN A 455 -32.05 16.77 -10.76
CA ASN A 455 -31.61 17.98 -11.46
C ASN A 455 -30.70 17.69 -12.63
N GLY A 456 -30.83 18.51 -13.67
CA GLY A 456 -29.86 18.55 -14.76
C GLY A 456 -28.85 19.65 -14.45
N VAL A 457 -27.88 19.80 -15.35
CA VAL A 457 -26.71 20.62 -15.07
C VAL A 457 -26.59 21.89 -15.93
N ALA A 458 -27.67 22.23 -16.63
CA ALA A 458 -27.79 23.50 -17.37
C ALA A 458 -29.21 23.57 -17.93
N LYS A 459 -29.71 24.79 -18.18
CA LYS A 459 -31.13 24.99 -18.55
C LYS A 459 -31.59 24.11 -19.71
N ILE A 460 -30.84 24.17 -20.81
CA ILE A 460 -31.15 23.39 -21.99
C ILE A 460 -31.25 21.90 -21.66
N HIS A 461 -30.32 21.42 -20.84
CA HIS A 461 -30.23 20.00 -20.52
C HIS A 461 -31.29 19.56 -19.50
N SER A 462 -31.49 20.36 -18.46
CA SER A 462 -32.53 20.07 -17.47
C SER A 462 -33.93 20.03 -18.10
N ASP A 463 -34.16 20.90 -19.08
CA ASP A 463 -35.42 20.89 -19.83
C ASP A 463 -35.63 19.59 -20.61
N ILE A 464 -34.58 19.10 -21.27
CA ILE A 464 -34.65 17.82 -21.99
C ILE A 464 -34.90 16.65 -21.04
N VAL A 465 -34.15 16.63 -19.93
CA VAL A 465 -34.36 15.64 -18.87
C VAL A 465 -35.83 15.62 -18.43
N LYS A 466 -36.37 16.79 -18.13
CA LYS A 466 -37.72 16.92 -17.60
C LYS A 466 -38.82 16.63 -18.63
N THR A 467 -38.78 17.34 -19.76
CA THR A 467 -39.91 17.35 -20.69
C THR A 467 -39.87 16.26 -21.76
N LYS A 468 -38.71 15.65 -21.98
CA LYS A 468 -38.55 14.63 -23.03
C LYS A 468 -38.10 13.27 -22.50
N VAL A 469 -36.93 13.21 -21.87
CA VAL A 469 -36.34 11.93 -21.48
C VAL A 469 -37.12 11.24 -20.35
N PHE A 470 -37.53 11.99 -19.34
CA PHE A 470 -38.35 11.46 -18.24
C PHE A 470 -39.70 12.18 -18.17
N LYS A 471 -40.29 12.38 -19.35
CA LYS A 471 -41.56 13.10 -19.51
C LYS A 471 -42.67 12.50 -18.65
N ASP A 472 -42.77 11.17 -18.64
CA ASP A 472 -43.78 10.46 -17.87
C ASP A 472 -43.60 10.68 -16.37
N PHE A 473 -42.35 10.80 -15.93
CA PHE A 473 -42.04 10.96 -14.50
C PHE A 473 -42.35 12.37 -14.00
N SER A 474 -41.92 13.38 -14.75
CA SER A 474 -42.14 14.77 -14.33
C SER A 474 -43.61 15.19 -14.40
N GLU A 475 -44.39 14.58 -15.29
CA GLU A 475 -45.83 14.84 -15.34
C GLU A 475 -46.50 14.38 -14.05
N LEU A 476 -46.12 13.19 -13.59
CA LEU A 476 -46.60 12.61 -12.34
C LEU A 476 -46.17 13.43 -11.10
N GLU A 477 -44.98 14.05 -11.17
CA GLU A 477 -44.42 14.83 -10.06
C GLU A 477 -43.69 16.07 -10.59
N PRO A 478 -44.42 17.14 -10.94
CA PRO A 478 -43.78 18.30 -11.59
C PRO A 478 -42.77 19.03 -10.71
N ASP A 479 -43.00 19.07 -9.41
CA ASP A 479 -42.07 19.75 -8.49
C ASP A 479 -40.77 18.97 -8.21
N LYS A 480 -40.65 17.76 -8.74
CA LYS A 480 -39.45 16.95 -8.50
C LYS A 480 -38.24 17.44 -9.29
N PHE A 481 -38.46 17.71 -10.57
CA PHE A 481 -37.35 18.03 -11.48
C PHE A 481 -36.94 19.48 -11.38
N GLN A 482 -35.63 19.73 -11.37
CA GLN A 482 -35.08 21.08 -11.24
C GLN A 482 -33.93 21.26 -12.20
N ASN A 483 -33.44 22.49 -12.29
CA ASN A 483 -32.18 22.80 -12.95
C ASN A 483 -31.18 23.31 -11.90
N LYS A 484 -29.91 22.91 -12.07
CA LYS A 484 -28.81 23.51 -11.30
C LYS A 484 -27.62 23.65 -12.25
N THR A 485 -27.50 24.81 -12.88
CA THR A 485 -26.47 25.06 -13.86
C THR A 485 -25.10 24.95 -13.20
N ASN A 486 -24.20 24.17 -13.81
CA ASN A 486 -22.88 23.94 -13.23
C ASN A 486 -22.08 25.23 -13.03
N GLY A 487 -21.01 25.11 -12.26
CA GLY A 487 -20.10 26.21 -12.02
C GLY A 487 -18.72 25.66 -11.76
N ILE A 488 -17.75 26.56 -11.65
CA ILE A 488 -16.36 26.23 -11.36
C ILE A 488 -15.93 27.11 -10.19
N THR A 489 -14.94 26.67 -9.42
CA THR A 489 -14.49 27.48 -8.29
C THR A 489 -13.52 28.54 -8.77
N PRO A 490 -13.78 29.81 -8.42
CA PRO A 490 -12.88 30.88 -8.83
C PRO A 490 -11.56 30.92 -8.07
N ARG A 491 -11.40 30.04 -7.07
CA ARG A 491 -10.10 29.86 -6.43
C ARG A 491 -9.14 29.15 -7.38
N ARG A 492 -9.35 27.86 -7.62
CA ARG A 492 -8.43 27.10 -8.49
C ARG A 492 -8.35 27.70 -9.89
N TRP A 493 -9.51 28.12 -10.41
CA TRP A 493 -9.62 28.46 -11.82
C TRP A 493 -9.48 29.96 -12.12
N LEU A 494 -9.03 30.74 -11.13
CA LEU A 494 -8.60 32.12 -11.37
C LEU A 494 -7.42 32.50 -10.47
N LEU A 495 -7.64 32.56 -9.16
CA LEU A 495 -6.58 32.94 -8.20
C LEU A 495 -5.34 32.06 -8.30
N LEU A 496 -5.55 30.75 -8.46
CA LEU A 496 -4.45 29.79 -8.51
C LEU A 496 -3.82 29.75 -9.91
N CYS A 497 -4.63 29.47 -10.92
CA CYS A 497 -4.10 29.24 -12.27
C CYS A 497 -3.71 30.51 -13.01
N ASN A 498 -4.31 31.64 -12.64
CA ASN A 498 -4.05 32.91 -13.34
C ASN A 498 -3.84 34.07 -12.36
N PRO A 499 -2.72 34.02 -11.60
CA PRO A 499 -2.49 35.09 -10.61
C PRO A 499 -2.39 36.48 -11.27
N GLY A 500 -1.78 36.55 -12.46
CA GLY A 500 -1.71 37.79 -13.24
C GLY A 500 -3.07 38.44 -13.46
N LEU A 501 -4.04 37.66 -13.93
CA LEU A 501 -5.39 38.17 -14.17
C LEU A 501 -6.09 38.49 -12.86
N ALA A 502 -5.92 37.62 -11.87
CA ALA A 502 -6.50 37.84 -10.53
C ALA A 502 -6.03 39.18 -9.93
N GLU A 503 -4.72 39.41 -9.99
N GLU A 503 -4.74 39.46 -9.99
CA GLU A 503 -4.07 40.64 -9.55
CA GLU A 503 -4.23 40.71 -9.42
C GLU A 503 -4.64 41.86 -10.25
C GLU A 503 -4.64 41.93 -10.25
N LEU A 504 -4.70 41.79 -11.57
CA LEU A 504 -5.22 42.87 -12.42
C LEU A 504 -6.63 43.27 -12.02
N ILE A 505 -7.50 42.27 -11.90
CA ILE A 505 -8.89 42.51 -11.49
C ILE A 505 -8.93 43.13 -10.09
N ALA A 506 -8.05 42.67 -9.20
CA ALA A 506 -7.96 43.20 -7.83
C ALA A 506 -7.61 44.68 -7.81
N GLU A 507 -6.60 45.05 -8.60
CA GLU A 507 -6.19 46.45 -8.76
C GLU A 507 -7.34 47.37 -9.14
N LYS A 508 -8.23 46.88 -10.01
CA LYS A 508 -9.28 47.71 -10.59
C LYS A 508 -10.59 47.72 -9.81
N ILE A 509 -10.99 46.59 -9.20
CA ILE A 509 -12.29 46.55 -8.49
C ILE A 509 -12.27 46.01 -7.06
N GLY A 510 -11.09 45.72 -6.52
CA GLY A 510 -10.98 45.19 -5.15
C GLY A 510 -11.05 43.67 -5.10
N GLU A 511 -10.99 43.10 -3.90
CA GLU A 511 -10.84 41.65 -3.72
C GLU A 511 -12.14 40.91 -3.35
N ASP A 512 -13.25 41.63 -3.30
CA ASP A 512 -14.52 41.03 -2.93
C ASP A 512 -15.05 40.05 -3.97
N TYR A 513 -14.57 40.14 -5.21
CA TYR A 513 -15.04 39.25 -6.26
C TYR A 513 -14.74 37.77 -6.00
N VAL A 514 -13.71 37.49 -5.20
CA VAL A 514 -13.30 36.11 -4.97
C VAL A 514 -14.36 35.33 -4.19
N LYS A 515 -15.08 36.02 -3.31
CA LYS A 515 -16.20 35.43 -2.58
C LYS A 515 -17.57 35.75 -3.19
N ASP A 516 -17.66 36.79 -4.01
CA ASP A 516 -18.88 37.06 -4.77
C ASP A 516 -18.50 37.36 -6.22
N LEU A 517 -18.57 36.35 -7.06
CA LEU A 517 -18.05 36.48 -8.43
C LEU A 517 -18.90 37.43 -9.30
N SER A 518 -20.14 37.68 -8.89
CA SER A 518 -21.01 38.63 -9.61
C SER A 518 -20.42 40.05 -9.66
N GLN A 519 -19.55 40.36 -8.72
N GLN A 519 -19.54 40.36 -8.72
CA GLN A 519 -18.87 41.67 -8.70
CA GLN A 519 -18.83 41.63 -8.68
C GLN A 519 -17.95 41.89 -9.91
C GLN A 519 -17.99 41.90 -9.93
N LEU A 520 -17.76 40.87 -10.74
CA LEU A 520 -17.00 41.04 -11.99
C LEU A 520 -17.66 42.03 -12.99
N THR A 521 -18.99 42.22 -12.90
CA THR A 521 -19.67 43.19 -13.78
C THR A 521 -19.18 44.63 -13.57
N LYS A 522 -18.59 44.91 -12.41
CA LYS A 522 -17.98 46.21 -12.14
C LYS A 522 -16.84 46.55 -13.10
N LEU A 523 -16.25 45.53 -13.73
CA LEU A 523 -15.22 45.75 -14.75
C LEU A 523 -15.74 46.47 -16.00
N HIS A 524 -17.06 46.57 -16.15
CA HIS A 524 -17.68 47.33 -17.25
C HIS A 524 -17.35 48.83 -17.22
N SER A 525 -16.88 49.33 -16.08
CA SER A 525 -16.41 50.71 -15.95
C SER A 525 -15.21 50.99 -16.84
N PHE A 526 -14.51 49.94 -17.27
CA PHE A 526 -13.29 50.10 -18.05
C PHE A 526 -13.48 49.79 -19.53
N LEU A 527 -14.75 49.72 -19.97
CA LEU A 527 -15.10 49.36 -21.35
C LEU A 527 -14.27 50.05 -22.44
N GLY A 528 -14.22 51.37 -22.41
CA GLY A 528 -13.46 52.13 -23.43
C GLY A 528 -12.05 52.53 -23.02
N ASP A 529 -11.65 52.14 -21.82
CA ASP A 529 -10.35 52.50 -21.25
C ASP A 529 -9.24 51.70 -21.93
N ASP A 530 -8.48 52.36 -22.80
CA ASP A 530 -7.42 51.72 -23.58
C ASP A 530 -6.24 51.24 -22.74
N VAL A 531 -5.99 51.89 -21.61
CA VAL A 531 -4.92 51.47 -20.72
C VAL A 531 -5.23 50.09 -20.18
N PHE A 532 -6.47 49.90 -19.72
CA PHE A 532 -6.89 48.63 -19.16
C PHE A 532 -6.92 47.54 -20.22
N LEU A 533 -7.38 47.88 -21.42
CA LEU A 533 -7.40 46.92 -22.52
C LEU A 533 -5.98 46.44 -22.85
N ARG A 534 -5.01 47.35 -22.77
CA ARG A 534 -3.61 46.99 -22.91
C ARG A 534 -3.21 46.04 -21.77
N GLU A 535 -3.58 46.40 -20.55
CA GLU A 535 -3.18 45.65 -19.36
C GLU A 535 -3.72 44.22 -19.39
N LEU A 536 -4.94 44.07 -19.88
CA LEU A 536 -5.56 42.76 -20.06
C LEU A 536 -4.82 41.93 -21.11
N ALA A 537 -4.35 42.56 -22.18
CA ALA A 537 -3.62 41.88 -23.25
C ALA A 537 -2.26 41.40 -22.78
N LYS A 538 -1.64 42.18 -21.89
CA LYS A 538 -0.30 41.88 -21.40
C LYS A 538 -0.31 40.64 -20.51
N VAL A 539 -1.31 40.54 -19.63
CA VAL A 539 -1.49 39.34 -18.80
C VAL A 539 -1.65 38.09 -19.68
N LYS A 540 -2.50 38.20 -20.69
CA LYS A 540 -2.68 37.11 -21.65
C LYS A 540 -1.36 36.78 -22.34
N GLN A 541 -0.58 37.80 -22.68
CA GLN A 541 0.70 37.59 -23.35
C GLN A 541 1.70 36.92 -22.42
N GLU A 542 1.73 37.34 -21.16
CA GLU A 542 2.60 36.73 -20.16
C GLU A 542 2.29 35.25 -19.93
N ASN A 543 1.00 34.92 -19.88
CA ASN A 543 0.56 33.53 -19.75
C ASN A 543 0.95 32.71 -21.00
N LYS A 544 0.84 33.33 -22.17
CA LYS A 544 1.19 32.69 -23.43
C LYS A 544 2.69 32.44 -23.55
N LEU A 545 3.49 33.43 -23.16
CA LEU A 545 4.95 33.28 -23.16
C LEU A 545 5.38 32.12 -22.26
N LYS A 546 4.84 32.08 -21.05
CA LYS A 546 5.17 31.01 -20.11
C LYS A 546 4.81 29.65 -20.68
N PHE A 547 3.55 29.50 -21.11
CA PHE A 547 3.08 28.24 -21.66
C PHE A 547 3.84 27.85 -22.94
N SER A 548 4.29 28.84 -23.71
CA SER A 548 5.09 28.57 -24.93
C SER A 548 6.42 27.90 -24.58
N GLN A 549 7.04 28.33 -23.48
CA GLN A 549 8.25 27.69 -23.00
C GLN A 549 8.00 26.20 -22.79
N PHE A 550 7.00 25.90 -21.96
CA PHE A 550 6.60 24.53 -21.69
C PHE A 550 6.46 23.76 -22.99
N LEU A 551 5.68 24.30 -23.92
CA LEU A 551 5.41 23.64 -25.19
C LEU A 551 6.70 23.32 -25.97
N GLU A 552 7.63 24.26 -25.99
CA GLU A 552 8.82 24.11 -26.82
C GLU A 552 9.85 23.14 -26.24
N THR A 553 9.77 22.86 -24.95
CA THR A 553 10.66 21.85 -24.33
C THR A 553 10.06 20.43 -24.41
N GLU A 554 8.79 20.32 -24.76
CA GLU A 554 8.07 19.04 -24.81
C GLU A 554 7.77 18.57 -26.25
N TYR A 555 7.66 19.52 -27.18
CA TYR A 555 7.34 19.21 -28.57
C TYR A 555 8.35 19.87 -29.51
N LYS A 556 8.59 19.25 -30.66
CA LYS A 556 9.49 19.82 -31.68
C LYS A 556 8.68 20.81 -32.50
N VAL A 557 8.51 22.02 -31.97
CA VAL A 557 7.74 23.06 -32.63
C VAL A 557 8.35 24.39 -32.27
N LYS A 558 8.34 25.31 -33.23
CA LYS A 558 8.72 26.69 -33.00
C LYS A 558 7.41 27.48 -32.94
N ILE A 559 6.99 27.83 -31.72
CA ILE A 559 5.73 28.55 -31.51
C ILE A 559 5.86 30.01 -31.94
N ASN A 560 4.89 30.47 -32.73
CA ASN A 560 4.77 31.88 -33.11
C ASN A 560 4.08 32.64 -31.96
N PRO A 561 4.82 33.54 -31.29
CA PRO A 561 4.30 34.19 -30.09
C PRO A 561 3.18 35.21 -30.36
N SER A 562 3.12 35.76 -31.57
CA SER A 562 2.02 36.66 -31.92
C SER A 562 0.78 35.93 -32.45
N SER A 563 0.82 34.60 -32.50
CA SER A 563 -0.31 33.81 -33.01
C SER A 563 -1.48 33.74 -32.02
N MET A 564 -2.67 33.51 -32.56
CA MET A 564 -3.86 33.24 -31.78
C MET A 564 -3.77 31.83 -31.23
N PHE A 565 -3.89 31.67 -29.91
CA PHE A 565 -3.91 30.34 -29.30
C PHE A 565 -5.34 29.80 -29.32
N ASP A 566 -5.55 28.83 -30.21
CA ASP A 566 -6.85 28.23 -30.46
C ASP A 566 -6.85 26.84 -29.82
N VAL A 567 -7.62 26.69 -28.74
CA VAL A 567 -7.51 25.52 -27.87
C VAL A 567 -8.82 24.74 -27.75
N GLN A 568 -8.74 23.42 -27.95
CA GLN A 568 -9.84 22.52 -27.63
C GLN A 568 -9.30 21.45 -26.70
N VAL A 569 -9.56 21.61 -25.39
CA VAL A 569 -9.12 20.61 -24.42
C VAL A 569 -10.30 20.08 -23.63
N LYS A 570 -10.49 18.76 -23.73
CA LYS A 570 -11.61 18.04 -23.15
C LYS A 570 -11.38 16.59 -23.57
N ARG A 571 -12.12 15.65 -22.99
CA ARG A 571 -11.94 14.24 -23.36
C ARG A 571 -12.29 14.03 -24.85
N ILE A 572 -11.56 13.13 -25.52
CA ILE A 572 -11.75 12.91 -26.96
C ILE A 572 -13.05 12.13 -27.17
N HIS A 573 -13.95 12.73 -27.94
CA HIS A 573 -15.31 12.21 -28.13
C HIS A 573 -15.83 12.53 -29.52
N GLU A 574 -16.69 11.65 -30.04
CA GLU A 574 -17.37 11.93 -31.30
C GLU A 574 -18.38 13.06 -31.15
N TYR A 575 -19.01 13.16 -29.97
CA TYR A 575 -20.01 14.20 -29.70
C TYR A 575 -19.40 15.58 -29.45
N LYS A 576 -18.16 15.62 -28.96
CA LYS A 576 -17.48 16.89 -28.68
C LYS A 576 -16.81 17.45 -29.94
N ARG A 577 -16.62 16.58 -30.93
CA ARG A 577 -16.24 16.97 -32.31
C ARG A 577 -14.89 17.66 -32.47
N GLN A 578 -13.85 17.05 -31.88
CA GLN A 578 -12.47 17.39 -32.19
C GLN A 578 -12.19 17.18 -33.69
N LEU A 579 -12.90 16.23 -34.28
CA LEU A 579 -12.81 15.92 -35.70
C LEU A 579 -13.21 17.13 -36.54
N LEU A 580 -14.28 17.81 -36.13
CA LEU A 580 -14.72 19.05 -36.79
C LEU A 580 -13.63 20.10 -36.74
N ASN A 581 -13.04 20.27 -35.56
CA ASN A 581 -11.90 21.17 -35.39
C ASN A 581 -10.80 20.78 -36.37
N CYS A 582 -10.55 19.48 -36.48
CA CYS A 582 -9.51 18.95 -37.33
C CYS A 582 -9.78 19.23 -38.80
N LEU A 583 -11.03 19.06 -39.24
CA LEU A 583 -11.42 19.41 -40.60
C LEU A 583 -11.15 20.88 -40.92
N HIS A 584 -11.38 21.76 -39.95
CA HIS A 584 -11.08 23.19 -40.13
C HIS A 584 -9.58 23.45 -40.20
N VAL A 585 -8.79 22.71 -39.44
CA VAL A 585 -7.34 22.88 -39.45
C VAL A 585 -6.78 22.58 -40.84
N ILE A 586 -7.25 21.48 -41.43
CA ILE A 586 -6.83 21.08 -42.77
C ILE A 586 -7.27 22.14 -43.80
N THR A 587 -8.50 22.63 -43.64
CA THR A 587 -9.01 23.72 -44.48
C THR A 587 -8.07 24.92 -44.47
N MET A 588 -7.58 25.29 -43.29
CA MET A 588 -6.62 26.39 -43.18
C MET A 588 -5.30 26.06 -43.90
N TYR A 589 -4.77 24.88 -43.63
CA TYR A 589 -3.56 24.42 -44.32
C TYR A 589 -3.71 24.55 -45.83
N ASN A 590 -4.79 23.98 -46.37
CA ASN A 590 -5.06 24.02 -47.81
C ASN A 590 -5.17 25.44 -48.38
N ARG A 591 -5.67 26.38 -47.57
CA ARG A 591 -5.74 27.78 -47.98
C ARG A 591 -4.36 28.44 -48.06
N ILE A 592 -3.46 28.05 -47.17
CA ILE A 592 -2.10 28.58 -47.21
C ILE A 592 -1.36 28.04 -48.44
N LYS A 593 -1.54 26.75 -48.73
CA LYS A 593 -0.91 26.14 -49.89
C LYS A 593 -1.45 26.75 -51.19
N LYS A 594 -2.75 27.02 -51.22
CA LYS A 594 -3.41 27.56 -52.40
C LYS A 594 -2.95 29.01 -52.67
N ASP A 595 -2.78 29.79 -51.61
CA ASP A 595 -2.42 31.20 -51.75
C ASP A 595 -1.38 31.62 -50.70
N PRO A 596 -0.13 31.15 -50.88
CA PRO A 596 0.96 31.37 -49.90
C PRO A 596 1.21 32.81 -49.47
N LYS A 597 0.95 33.78 -50.34
CA LYS A 597 1.25 35.19 -50.05
C LYS A 597 0.04 35.95 -49.51
N LYS A 598 -1.12 35.28 -49.45
CA LYS A 598 -2.35 35.90 -48.94
C LYS A 598 -2.26 36.12 -47.42
N LEU A 599 -3.00 37.12 -46.94
CA LEU A 599 -3.05 37.42 -45.50
C LEU A 599 -3.65 36.26 -44.72
N PHE A 600 -2.86 35.74 -43.78
CA PHE A 600 -3.33 34.71 -42.86
C PHE A 600 -3.08 35.20 -41.44
N VAL A 601 -4.14 35.24 -40.64
CA VAL A 601 -4.02 35.53 -39.21
C VAL A 601 -3.47 34.27 -38.53
N PRO A 602 -2.23 34.33 -38.04
CA PRO A 602 -1.56 33.10 -37.64
C PRO A 602 -2.12 32.51 -36.34
N ARG A 603 -2.18 31.18 -36.30
CA ARG A 603 -2.71 30.46 -35.14
C ARG A 603 -1.75 29.38 -34.66
N THR A 604 -1.81 29.13 -33.35
CA THR A 604 -1.34 27.88 -32.79
C THR A 604 -2.59 27.13 -32.38
N VAL A 605 -2.88 26.03 -33.06
CA VAL A 605 -4.06 25.24 -32.78
C VAL A 605 -3.65 24.12 -31.85
N ILE A 606 -4.20 24.13 -30.64
CA ILE A 606 -3.91 23.10 -29.65
C ILE A 606 -5.18 22.27 -29.42
N ILE A 607 -5.04 20.95 -29.56
CA ILE A 607 -6.12 20.02 -29.25
C ILE A 607 -5.56 18.97 -28.28
N GLY A 608 -6.24 18.76 -27.16
CA GLY A 608 -5.75 17.85 -26.13
C GLY A 608 -6.88 17.12 -25.43
N GLY A 609 -6.56 15.94 -24.91
CA GLY A 609 -7.53 15.12 -24.19
C GLY A 609 -7.22 13.65 -24.25
N LYS A 610 -7.65 12.91 -23.24
CA LYS A 610 -7.47 11.46 -23.21
C LYS A 610 -8.62 10.74 -23.92
N ALA A 611 -8.30 9.66 -24.63
CA ALA A 611 -9.32 8.79 -25.19
C ALA A 611 -9.47 7.62 -24.25
N ALA A 612 -10.70 7.17 -24.02
CA ALA A 612 -10.90 5.93 -23.25
C ALA A 612 -10.17 4.81 -23.99
N PRO A 613 -9.44 3.95 -23.27
CA PRO A 613 -8.63 2.91 -23.91
C PRO A 613 -9.35 2.01 -24.92
N GLY A 614 -10.60 1.65 -24.65
CA GLY A 614 -11.39 0.85 -25.60
C GLY A 614 -12.18 1.65 -26.63
N TYR A 615 -12.02 2.97 -26.66
CA TYR A 615 -12.76 3.83 -27.62
C TYR A 615 -12.01 3.94 -28.95
N HIS A 616 -12.31 3.02 -29.88
CA HIS A 616 -11.58 2.91 -31.15
C HIS A 616 -11.61 4.20 -31.95
N MET A 617 -12.78 4.80 -32.08
CA MET A 617 -12.92 5.99 -32.93
C MET A 617 -12.17 7.17 -32.35
N ALA A 618 -12.22 7.32 -31.03
CA ALA A 618 -11.50 8.40 -30.34
C ALA A 618 -9.99 8.28 -30.59
N LYS A 619 -9.47 7.06 -30.49
CA LYS A 619 -8.04 6.79 -30.76
C LYS A 619 -7.66 7.12 -32.20
N MET A 620 -8.54 6.79 -33.15
CA MET A 620 -8.34 7.14 -34.56
C MET A 620 -8.29 8.65 -34.77
N ILE A 621 -9.15 9.38 -34.08
CA ILE A 621 -9.17 10.85 -34.15
C ILE A 621 -7.86 11.46 -33.63
N ILE A 622 -7.28 10.88 -32.59
CA ILE A 622 -5.98 11.34 -32.10
C ILE A 622 -4.91 11.15 -33.18
N LYS A 623 -4.91 9.97 -33.78
CA LYS A 623 -3.96 9.63 -34.86
C LYS A 623 -4.10 10.58 -36.04
N LEU A 624 -5.34 10.93 -36.38
CA LEU A 624 -5.60 11.91 -37.41
C LEU A 624 -4.97 13.27 -37.06
N ILE A 625 -5.25 13.77 -35.86
CA ILE A 625 -4.72 15.06 -35.41
C ILE A 625 -3.18 15.11 -35.43
N THR A 626 -2.52 14.09 -34.90
CA THR A 626 -1.05 14.05 -34.88
C THR A 626 -0.48 13.91 -36.31
N SER A 627 -1.14 13.10 -37.14
CA SER A 627 -0.75 12.92 -38.53
C SER A 627 -0.81 14.25 -39.27
N VAL A 628 -1.93 14.95 -39.09
CA VAL A 628 -2.12 16.28 -39.67
C VAL A 628 -1.06 17.25 -39.17
N ALA A 629 -0.82 17.24 -37.86
CA ALA A 629 0.19 18.12 -37.26
C ALA A 629 1.55 17.96 -37.94
N ASP A 630 1.98 16.72 -38.17
CA ASP A 630 3.28 16.44 -38.79
C ASP A 630 3.41 17.09 -40.17
N VAL A 631 2.34 17.05 -40.94
CA VAL A 631 2.31 17.70 -42.25
C VAL A 631 2.37 19.22 -42.11
N VAL A 632 1.46 19.78 -41.30
CA VAL A 632 1.32 21.24 -41.17
C VAL A 632 2.56 21.90 -40.53
N ASN A 633 3.07 21.28 -39.48
CA ASN A 633 4.22 21.84 -38.75
C ASN A 633 5.52 21.85 -39.56
N ASN A 634 5.69 20.88 -40.46
CA ASN A 634 6.94 20.68 -41.19
C ASN A 634 6.91 21.17 -42.64
N ASP A 635 5.74 21.62 -43.11
CA ASP A 635 5.62 22.17 -44.44
C ASP A 635 6.22 23.58 -44.41
N PRO A 636 7.33 23.80 -45.14
CA PRO A 636 8.02 25.10 -45.09
C PRO A 636 7.23 26.28 -45.68
N MET A 637 6.32 26.00 -46.60
N MET A 637 6.31 26.00 -46.58
CA MET A 637 5.46 27.02 -47.22
CA MET A 637 5.47 27.03 -47.20
C MET A 637 4.49 27.63 -46.18
C MET A 637 4.48 27.62 -46.19
N VAL A 638 4.10 26.82 -45.19
CA VAL A 638 3.25 27.29 -44.10
C VAL A 638 4.07 28.11 -43.09
N GLY A 639 5.15 27.51 -42.60
CA GLY A 639 6.06 28.18 -41.68
C GLY A 639 5.36 28.59 -40.41
N SER A 640 5.58 29.84 -39.99
CA SER A 640 5.04 30.35 -38.72
C SER A 640 3.56 30.75 -38.79
N LYS A 641 2.93 30.63 -39.96
CA LYS A 641 1.50 30.93 -40.10
C LYS A 641 0.61 30.01 -39.25
N LEU A 642 0.97 28.73 -39.14
CA LEU A 642 0.09 27.76 -38.51
C LEU A 642 0.87 26.58 -37.93
N LYS A 643 0.65 26.35 -36.63
CA LYS A 643 1.21 25.19 -35.95
C LYS A 643 0.10 24.44 -35.24
N VAL A 644 0.23 23.11 -35.21
CA VAL A 644 -0.75 22.24 -34.56
C VAL A 644 -0.05 21.44 -33.47
N ILE A 645 -0.59 21.49 -32.25
CA ILE A 645 -0.09 20.68 -31.14
C ILE A 645 -1.18 19.77 -30.58
N PHE A 646 -0.92 18.46 -30.52
CA PHE A 646 -1.71 17.60 -29.66
C PHE A 646 -1.09 17.62 -28.28
N LEU A 647 -1.80 18.20 -27.32
CA LEU A 647 -1.30 18.35 -25.96
C LEU A 647 -1.46 17.04 -25.17
N GLU A 648 -0.34 16.37 -24.89
CA GLU A 648 -0.36 15.07 -24.21
C GLU A 648 -0.76 15.17 -22.74
N ASN A 649 -1.51 14.17 -22.28
CA ASN A 649 -1.81 14.00 -20.87
C ASN A 649 -2.61 15.17 -20.28
N TYR A 650 -3.66 15.59 -20.98
CA TYR A 650 -4.51 16.66 -20.45
C TYR A 650 -5.13 16.21 -19.13
N ARG A 651 -5.00 17.07 -18.14
CA ARG A 651 -5.42 16.76 -16.77
C ARG A 651 -5.53 18.09 -16.02
N VAL A 652 -5.99 18.04 -14.77
CA VAL A 652 -6.32 19.27 -14.06
C VAL A 652 -5.13 20.26 -13.95
N SER A 653 -3.99 19.79 -13.46
CA SER A 653 -2.83 20.68 -13.28
C SER A 653 -2.37 21.29 -14.61
N LEU A 654 -2.53 20.55 -15.71
CA LEU A 654 -2.15 21.07 -17.03
C LEU A 654 -3.21 22.03 -17.56
N ALA A 655 -4.48 21.71 -17.33
CA ALA A 655 -5.56 22.62 -17.67
C ALA A 655 -5.31 23.97 -17.02
N GLU A 656 -4.77 23.96 -15.81
CA GLU A 656 -4.39 25.20 -15.11
C GLU A 656 -3.28 26.00 -15.81
N LYS A 657 -2.45 25.32 -16.61
CA LYS A 657 -1.39 25.98 -17.38
C LYS A 657 -1.92 26.50 -18.71
N VAL A 658 -2.62 25.66 -19.47
CA VAL A 658 -3.03 26.00 -20.86
C VAL A 658 -4.26 26.93 -20.95
N ILE A 659 -5.17 26.85 -19.98
CA ILE A 659 -6.39 27.67 -20.04
C ILE A 659 -6.10 29.18 -20.00
N PRO A 660 -5.32 29.64 -19.00
CA PRO A 660 -4.91 31.05 -18.99
C PRO A 660 -4.14 31.52 -20.23
N ALA A 661 -3.54 30.60 -20.96
CA ALA A 661 -2.77 30.95 -22.16
C ALA A 661 -3.64 31.05 -23.44
N THR A 662 -4.96 30.89 -23.31
CA THR A 662 -5.81 30.72 -24.49
C THR A 662 -6.48 32.01 -24.97
N ASP A 663 -6.61 32.13 -26.29
CA ASP A 663 -7.34 33.23 -26.93
C ASP A 663 -8.73 32.77 -27.35
N LEU A 664 -8.80 31.62 -28.02
CA LEU A 664 -10.06 31.10 -28.53
C LEU A 664 -10.36 29.75 -27.89
N SER A 665 -11.56 29.61 -27.32
CA SER A 665 -12.00 28.38 -26.67
C SER A 665 -12.97 27.62 -27.56
N GLU A 666 -12.62 26.37 -27.88
CA GLU A 666 -13.43 25.54 -28.79
C GLU A 666 -14.44 24.74 -27.98
N GLN A 667 -15.73 25.08 -28.13
CA GLN A 667 -16.80 24.38 -27.43
C GLN A 667 -17.88 24.02 -28.45
N ILE A 668 -17.56 23.01 -29.26
CA ILE A 668 -18.23 22.80 -30.53
C ILE A 668 -18.99 21.48 -30.59
N SER A 669 -19.55 21.06 -29.46
CA SER A 669 -20.37 19.85 -29.41
C SER A 669 -21.66 20.03 -30.22
N THR A 670 -22.20 18.93 -30.73
CA THR A 670 -23.45 18.97 -31.48
C THR A 670 -24.60 19.39 -30.55
N ALA A 671 -25.44 20.30 -31.03
CA ALA A 671 -26.54 20.85 -30.22
C ALA A 671 -27.36 19.74 -29.58
N GLY A 672 -27.40 19.74 -28.25
CA GLY A 672 -28.17 18.76 -27.49
C GLY A 672 -27.37 17.62 -26.88
N THR A 673 -26.06 17.57 -27.13
CA THR A 673 -25.21 16.46 -26.67
C THR A 673 -24.44 16.75 -25.38
N GLU A 674 -23.94 17.98 -25.24
CA GLU A 674 -23.17 18.36 -24.05
C GLU A 674 -24.12 18.88 -22.97
N ALA A 675 -24.37 18.07 -21.94
CA ALA A 675 -25.29 18.47 -20.87
C ALA A 675 -25.01 19.88 -20.39
N SER A 676 -23.75 20.18 -20.02
CA SER A 676 -23.38 21.53 -19.60
C SER A 676 -22.02 21.99 -20.14
N GLY A 677 -20.98 21.23 -19.85
CA GLY A 677 -19.62 21.69 -20.02
C GLY A 677 -19.24 22.55 -18.82
N THR A 678 -17.98 22.42 -18.40
CA THR A 678 -17.41 23.29 -17.39
C THR A 678 -16.10 23.93 -17.88
N GLY A 679 -15.42 23.30 -18.83
CA GLY A 679 -14.24 23.91 -19.44
C GLY A 679 -14.58 25.26 -20.06
N ASN A 680 -15.71 25.30 -20.76
CA ASN A 680 -16.22 26.56 -21.33
C ASN A 680 -16.20 27.71 -20.34
N MET A 681 -16.61 27.44 -19.11
CA MET A 681 -16.64 28.44 -18.04
C MET A 681 -15.22 28.87 -17.61
N LYS A 682 -14.29 27.93 -17.61
CA LYS A 682 -12.91 28.20 -17.20
C LYS A 682 -12.27 29.17 -18.18
N PHE A 683 -12.44 28.87 -19.47
CA PHE A 683 -11.91 29.73 -20.54
C PHE A 683 -12.51 31.14 -20.50
N MET A 684 -13.80 31.24 -20.23
CA MET A 684 -14.49 32.53 -20.16
C MET A 684 -13.91 33.40 -19.06
N LEU A 685 -13.65 32.77 -17.93
CA LEU A 685 -13.13 33.45 -16.74
C LEU A 685 -11.68 33.88 -16.92
N ASN A 686 -10.97 33.23 -17.84
CA ASN A 686 -9.52 33.41 -18.01
C ASN A 686 -9.10 34.23 -19.24
N GLY A 687 -10.04 34.95 -19.84
CA GLY A 687 -9.71 35.93 -20.89
C GLY A 687 -9.68 35.40 -22.31
N ALA A 688 -10.47 34.35 -22.56
CA ALA A 688 -10.58 33.79 -23.90
C ALA A 688 -11.97 34.08 -24.44
N LEU A 689 -12.08 34.23 -25.75
CA LEU A 689 -13.36 34.28 -26.44
C LEU A 689 -13.75 32.85 -26.80
N THR A 690 -15.05 32.62 -26.96
CA THR A 690 -15.59 31.28 -27.20
C THR A 690 -16.18 31.15 -28.59
N ILE A 691 -15.74 30.13 -29.33
CA ILE A 691 -16.44 29.68 -30.52
C ILE A 691 -17.21 28.42 -30.14
N GLY A 692 -18.51 28.40 -30.39
CA GLY A 692 -19.31 27.26 -29.99
C GLY A 692 -20.74 27.22 -30.49
N THR A 693 -21.35 26.05 -30.31
CA THR A 693 -22.75 25.86 -30.62
C THR A 693 -23.59 26.31 -29.43
N MET A 694 -24.90 26.42 -29.67
CA MET A 694 -25.86 26.68 -28.60
C MET A 694 -26.17 25.34 -27.90
N ASP A 695 -25.21 24.88 -27.11
CA ASP A 695 -25.33 23.61 -26.42
C ASP A 695 -24.89 23.79 -24.97
N GLY A 696 -25.53 23.07 -24.06
CA GLY A 696 -25.16 23.11 -22.65
C GLY A 696 -25.16 24.51 -22.08
N ALA A 697 -24.16 24.81 -21.26
CA ALA A 697 -24.05 26.10 -20.61
C ALA A 697 -23.54 27.20 -21.55
N ASN A 698 -23.18 26.85 -22.80
CA ASN A 698 -22.83 27.86 -23.80
C ASN A 698 -23.98 28.83 -23.95
N VAL A 699 -25.20 28.30 -23.95
CA VAL A 699 -26.41 29.11 -24.08
C VAL A 699 -26.44 30.18 -22.99
N GLU A 700 -26.17 29.75 -21.76
CA GLU A 700 -26.19 30.64 -20.61
C GLU A 700 -24.98 31.56 -20.58
N MET A 701 -23.87 31.14 -21.19
CA MET A 701 -22.74 32.06 -21.36
C MET A 701 -23.11 33.18 -22.34
N ALA A 702 -23.80 32.81 -23.42
CA ALA A 702 -24.32 33.80 -24.39
C ALA A 702 -25.32 34.75 -23.73
N GLU A 703 -26.23 34.20 -22.93
CA GLU A 703 -27.21 35.03 -22.20
C GLU A 703 -26.55 36.07 -21.31
N GLU A 704 -25.50 35.68 -20.60
CA GLU A 704 -24.84 36.57 -19.64
C GLU A 704 -23.96 37.64 -20.29
N ALA A 705 -23.23 37.26 -21.34
CA ALA A 705 -22.27 38.15 -21.98
C ALA A 705 -22.88 38.93 -23.14
N GLY A 706 -24.01 38.44 -23.64
CA GLY A 706 -24.59 38.94 -24.87
C GLY A 706 -24.14 38.01 -25.97
N GLU A 707 -25.10 37.46 -26.71
CA GLU A 707 -24.82 36.47 -27.76
C GLU A 707 -23.82 37.00 -28.79
N GLU A 708 -23.84 38.31 -29.03
CA GLU A 708 -22.94 38.92 -30.03
C GLU A 708 -21.50 38.91 -29.57
N ASN A 709 -21.28 38.67 -28.27
CA ASN A 709 -19.93 38.59 -27.68
C ASN A 709 -19.36 37.18 -27.61
N LEU A 710 -20.14 36.19 -28.05
CA LEU A 710 -19.61 34.85 -28.29
C LEU A 710 -19.69 34.57 -29.79
N PHE A 711 -18.88 33.63 -30.26
CA PHE A 711 -18.93 33.21 -31.65
C PHE A 711 -19.78 31.96 -31.78
N ILE A 712 -21.09 32.17 -31.76
CA ILE A 712 -22.06 31.10 -31.87
C ILE A 712 -22.30 30.75 -33.33
N PHE A 713 -22.38 29.44 -33.61
CA PHE A 713 -22.56 28.97 -34.97
C PHE A 713 -23.34 27.65 -35.00
N GLY A 714 -23.76 27.27 -36.20
CA GLY A 714 -24.26 25.94 -36.45
C GLY A 714 -25.69 25.69 -36.05
N MET A 715 -26.10 24.43 -36.20
CA MET A 715 -27.45 23.97 -35.87
C MET A 715 -27.75 24.12 -34.38
N ARG A 716 -28.98 24.53 -34.07
CA ARG A 716 -29.48 24.52 -32.70
C ARG A 716 -30.27 23.24 -32.52
N ILE A 717 -30.79 23.01 -31.31
CA ILE A 717 -31.37 21.71 -30.99
C ILE A 717 -32.57 21.34 -31.89
N ASP A 718 -33.40 22.32 -32.24
CA ASP A 718 -34.52 22.10 -33.19
C ASP A 718 -34.02 21.77 -34.60
N ASP A 719 -32.91 22.40 -35.00
CA ASP A 719 -32.31 22.14 -36.32
C ASP A 719 -31.79 20.70 -36.43
N VAL A 720 -31.19 20.21 -35.34
CA VAL A 720 -30.74 18.81 -35.28
C VAL A 720 -31.93 17.86 -35.31
N ALA A 721 -33.01 18.22 -34.62
CA ALA A 721 -34.26 17.43 -34.64
C ALA A 721 -34.86 17.37 -36.05
N ALA A 722 -34.92 18.52 -36.73
CA ALA A 722 -35.41 18.59 -38.11
C ALA A 722 -34.58 17.73 -39.07
N LEU A 723 -33.27 17.69 -38.86
CA LEU A 723 -32.37 16.93 -39.73
C LEU A 723 -32.47 15.43 -39.47
N ASP A 724 -32.70 15.04 -38.21
CA ASP A 724 -32.95 13.64 -37.84
C ASP A 724 -34.21 13.11 -38.48
N LYS A 725 -35.28 13.90 -38.43
CA LYS A 725 -36.58 13.52 -38.98
C LYS A 725 -36.48 13.35 -40.49
N LYS A 726 -35.80 14.29 -41.14
CA LYS A 726 -35.60 14.24 -42.58
C LYS A 726 -34.63 13.13 -42.97
N GLY A 727 -33.65 12.88 -42.12
CA GLY A 727 -32.60 11.90 -42.40
C GLY A 727 -31.32 12.60 -42.83
N TYR A 728 -30.20 12.21 -42.22
CA TYR A 728 -28.92 12.85 -42.44
C TYR A 728 -28.13 12.12 -43.52
N GLU A 729 -27.87 12.80 -44.63
CA GLU A 729 -27.07 12.27 -45.71
C GLU A 729 -25.80 13.09 -45.77
N ALA A 730 -24.75 12.61 -45.12
CA ALA A 730 -23.49 13.34 -45.04
C ALA A 730 -22.91 13.70 -46.41
N LYS A 731 -23.09 12.83 -47.39
CA LYS A 731 -22.50 13.02 -48.73
C LYS A 731 -23.01 14.25 -49.49
N GLU A 732 -24.21 14.72 -49.14
CA GLU A 732 -24.75 15.91 -49.77
C GLU A 732 -23.92 17.15 -49.44
N TYR A 733 -23.36 17.19 -48.22
CA TYR A 733 -22.50 18.29 -47.79
C TYR A 733 -21.13 18.19 -48.46
N TYR A 734 -20.61 16.97 -48.51
CA TYR A 734 -19.34 16.65 -49.17
C TYR A 734 -19.35 17.10 -50.64
N GLU A 735 -20.45 16.80 -51.35
CA GLU A 735 -20.59 17.19 -52.75
C GLU A 735 -20.83 18.69 -52.91
N ALA A 736 -21.57 19.29 -51.99
CA ALA A 736 -21.94 20.70 -52.10
C ALA A 736 -20.82 21.68 -51.71
N LEU A 737 -19.88 21.24 -50.89
CA LEU A 737 -18.85 22.13 -50.33
C LEU A 737 -17.46 21.72 -50.78
N PRO A 738 -16.94 22.37 -51.86
CA PRO A 738 -15.65 22.01 -52.43
C PRO A 738 -14.52 21.86 -51.40
N GLU A 739 -14.43 22.80 -50.46
CA GLU A 739 -13.37 22.79 -49.45
C GLU A 739 -13.41 21.58 -48.55
N LEU A 740 -14.62 21.15 -48.18
CA LEU A 740 -14.79 19.92 -47.42
C LEU A 740 -14.34 18.72 -48.24
N LYS A 741 -14.69 18.71 -49.52
CA LYS A 741 -14.32 17.63 -50.43
C LYS A 741 -12.81 17.41 -50.44
N LEU A 742 -12.07 18.50 -50.58
CA LEU A 742 -10.62 18.45 -50.60
C LEU A 742 -10.07 17.87 -49.30
N VAL A 743 -10.57 18.38 -48.17
CA VAL A 743 -10.19 17.89 -46.85
C VAL A 743 -10.44 16.39 -46.73
N ILE A 744 -11.65 15.95 -47.06
CA ILE A 744 -12.04 14.55 -46.92
C ILE A 744 -11.27 13.63 -47.87
N ASP A 745 -11.08 14.07 -49.12
CA ASP A 745 -10.34 13.27 -50.08
C ASP A 745 -8.88 13.11 -49.65
N GLN A 746 -8.30 14.18 -49.11
CA GLN A 746 -6.93 14.14 -48.58
C GLN A 746 -6.78 13.06 -47.51
N ILE A 747 -7.73 13.02 -46.57
CA ILE A 747 -7.71 12.05 -45.46
C ILE A 747 -7.93 10.65 -45.98
N ASP A 748 -8.88 10.51 -46.89
CA ASP A 748 -9.27 9.20 -47.43
C ASP A 748 -8.18 8.56 -48.31
N ASN A 749 -7.50 9.39 -49.09
CA ASN A 749 -6.54 8.92 -50.09
C ASN A 749 -5.11 8.77 -49.58
N GLY A 750 -4.84 9.27 -48.38
CA GLY A 750 -3.54 9.06 -47.74
C GLY A 750 -2.63 10.26 -47.72
N PHE A 751 -3.16 11.46 -47.97
CA PHE A 751 -2.36 12.69 -47.92
C PHE A 751 -1.66 12.83 -46.56
N PHE A 752 -2.36 12.44 -45.50
CA PHE A 752 -1.84 12.51 -44.13
C PHE A 752 -1.32 11.18 -43.59
N SER A 753 -1.43 10.12 -44.40
CA SER A 753 -0.86 8.83 -44.06
C SER A 753 -0.22 8.16 -45.30
N PRO A 754 0.84 8.79 -45.86
CA PRO A 754 1.41 8.35 -47.14
C PRO A 754 1.92 6.91 -47.14
N LYS A 755 2.38 6.44 -45.99
CA LYS A 755 2.87 5.07 -45.83
C LYS A 755 1.76 4.12 -45.41
N GLN A 756 0.56 4.63 -45.22
CA GLN A 756 -0.61 3.79 -44.92
C GLN A 756 -1.88 4.50 -45.45
N PRO A 757 -2.04 4.52 -46.78
CA PRO A 757 -3.12 5.28 -47.44
C PRO A 757 -4.53 5.03 -46.91
N ASP A 758 -4.81 3.81 -46.48
CA ASP A 758 -6.14 3.44 -45.99
C ASP A 758 -6.32 3.63 -44.47
N LEU A 759 -5.32 4.23 -43.81
CA LEU A 759 -5.28 4.34 -42.35
C LEU A 759 -6.57 4.91 -41.71
N PHE A 760 -7.15 5.93 -42.34
CA PHE A 760 -8.32 6.61 -41.78
C PHE A 760 -9.65 6.16 -42.40
N LYS A 761 -9.65 4.98 -43.00
CA LYS A 761 -10.84 4.38 -43.61
C LYS A 761 -12.04 4.31 -42.64
N ASP A 762 -11.78 3.94 -41.38
CA ASP A 762 -12.85 3.86 -40.37
C ASP A 762 -13.48 5.23 -40.10
N ILE A 763 -12.68 6.30 -40.15
CA ILE A 763 -13.19 7.65 -39.89
C ILE A 763 -14.09 8.10 -41.03
N ILE A 764 -13.63 7.90 -42.26
CA ILE A 764 -14.40 8.20 -43.46
C ILE A 764 -15.74 7.43 -43.40
N ASN A 765 -15.65 6.14 -43.10
CA ASN A 765 -16.83 5.29 -43.01
C ASN A 765 -17.87 5.81 -42.02
N MET A 766 -17.42 6.25 -40.85
CA MET A 766 -18.30 6.85 -39.85
C MET A 766 -18.84 8.20 -40.33
N LEU A 767 -17.95 9.07 -40.79
CA LEU A 767 -18.34 10.41 -41.23
C LEU A 767 -19.44 10.39 -42.30
N PHE A 768 -19.39 9.41 -43.19
CA PHE A 768 -20.34 9.32 -44.30
C PHE A 768 -21.61 8.52 -43.99
N TYR A 769 -21.49 7.45 -43.21
CA TYR A 769 -22.62 6.51 -43.05
C TYR A 769 -23.17 6.33 -41.63
N HIS A 770 -22.43 6.74 -40.60
CA HIS A 770 -22.86 6.51 -39.20
C HIS A 770 -22.61 7.69 -38.25
N ASP A 771 -22.44 8.89 -38.78
CA ASP A 771 -22.13 10.05 -37.95
C ASP A 771 -23.37 10.56 -37.23
N ARG A 772 -23.57 10.08 -36.00
CA ARG A 772 -24.68 10.53 -35.17
C ARG A 772 -24.59 12.00 -34.76
N PHE A 773 -23.42 12.60 -34.98
CA PHE A 773 -23.16 13.96 -34.50
C PHE A 773 -22.96 14.98 -35.61
N LYS A 774 -23.24 14.55 -36.85
CA LYS A 774 -23.45 15.44 -37.98
C LYS A 774 -22.34 16.48 -38.14
N VAL A 775 -21.11 15.99 -38.23
CA VAL A 775 -19.93 16.83 -38.41
C VAL A 775 -20.01 17.71 -39.66
N PHE A 776 -20.38 17.13 -40.80
CA PHE A 776 -20.43 17.89 -42.06
C PHE A 776 -21.55 18.92 -42.05
N ALA A 777 -22.64 18.61 -41.36
CA ALA A 777 -23.80 19.52 -41.26
C ALA A 777 -23.44 20.89 -40.68
N ASP A 778 -22.40 20.94 -39.84
CA ASP A 778 -21.98 22.19 -39.19
C ASP A 778 -20.65 22.74 -39.73
N TYR A 779 -20.05 22.06 -40.71
CA TYR A 779 -18.76 22.48 -41.26
C TYR A 779 -18.79 23.90 -41.87
N GLU A 780 -19.81 24.17 -42.69
CA GLU A 780 -19.91 25.46 -43.38
C GLU A 780 -20.05 26.62 -42.39
N ALA A 781 -20.98 26.49 -41.46
CA ALA A 781 -21.20 27.50 -40.43
C ALA A 781 -19.98 27.67 -39.53
N TYR A 782 -19.28 26.56 -39.28
CA TYR A 782 -18.10 26.56 -38.43
C TYR A 782 -16.93 27.33 -39.09
N VAL A 783 -16.62 27.00 -40.34
CA VAL A 783 -15.50 27.65 -41.04
C VAL A 783 -15.75 29.14 -41.26
N LYS A 784 -16.98 29.51 -41.56
CA LYS A 784 -17.34 30.93 -41.70
C LYS A 784 -17.23 31.65 -40.37
N CYS A 785 -17.65 30.98 -39.30
CA CYS A 785 -17.55 31.54 -37.96
C CYS A 785 -16.08 31.72 -37.58
N GLN A 786 -15.23 30.76 -37.98
CA GLN A 786 -13.80 30.87 -37.73
C GLN A 786 -13.17 32.05 -38.46
N ASP A 787 -13.66 32.34 -39.68
CA ASP A 787 -13.19 33.50 -40.44
C ASP A 787 -13.47 34.79 -39.69
N LYS A 788 -14.65 34.89 -39.08
CA LYS A 788 -15.00 36.04 -38.28
C LYS A 788 -14.08 36.20 -37.06
N VAL A 789 -13.73 35.09 -36.42
CA VAL A 789 -12.80 35.13 -35.27
C VAL A 789 -11.44 35.66 -35.70
N SER A 790 -10.93 35.13 -36.81
CA SER A 790 -9.67 35.62 -37.40
C SER A 790 -9.68 37.14 -37.64
N GLN A 791 -10.79 37.64 -38.22
CA GLN A 791 -10.95 39.08 -38.49
C GLN A 791 -10.89 39.94 -37.23
N LEU A 792 -11.57 39.50 -36.17
CA LEU A 792 -11.61 40.24 -34.90
C LEU A 792 -10.26 40.24 -34.18
N TYR A 793 -9.49 39.15 -34.30
CA TYR A 793 -8.19 39.05 -33.64
C TYR A 793 -7.16 40.04 -34.22
N MET A 794 -7.34 40.41 -35.48
CA MET A 794 -6.50 41.46 -36.10
C MET A 794 -6.75 42.84 -35.51
N ASN A 795 -7.81 43.00 -34.71
CA ASN A 795 -8.12 44.28 -34.04
C ASN A 795 -8.06 44.12 -32.51
N PRO A 796 -6.85 44.21 -31.93
CA PRO A 796 -6.64 44.15 -30.48
C PRO A 796 -7.65 44.90 -29.61
N LYS A 797 -8.02 46.11 -30.03
CA LYS A 797 -8.93 46.92 -29.25
C LYS A 797 -10.32 46.30 -29.21
N ALA A 798 -10.77 45.80 -30.36
CA ALA A 798 -12.08 45.17 -30.48
C ALA A 798 -12.07 43.80 -29.82
N TRP A 799 -10.97 43.07 -30.00
CA TRP A 799 -10.84 41.72 -29.46
C TRP A 799 -10.90 41.70 -27.95
N ASN A 800 -10.14 42.60 -27.33
CA ASN A 800 -10.05 42.65 -25.87
C ASN A 800 -11.27 43.29 -25.23
N THR A 801 -11.96 44.14 -26.00
CA THR A 801 -13.25 44.67 -25.57
C THR A 801 -14.26 43.53 -25.36
N MET A 802 -14.26 42.57 -26.28
CA MET A 802 -15.16 41.42 -26.17
C MET A 802 -14.71 40.50 -25.04
N VAL A 803 -13.40 40.34 -24.88
CA VAL A 803 -12.85 39.58 -23.76
C VAL A 803 -13.33 40.18 -22.44
N LEU A 804 -13.22 41.50 -22.30
CA LEU A 804 -13.69 42.21 -21.11
C LEU A 804 -15.16 41.91 -20.78
N LYS A 805 -16.01 41.97 -21.80
CA LYS A 805 -17.44 41.70 -21.60
C LYS A 805 -17.71 40.24 -21.21
N ASN A 806 -16.82 39.33 -21.63
CA ASN A 806 -16.91 37.93 -21.21
C ASN A 806 -16.50 37.76 -19.74
N ILE A 807 -15.34 38.29 -19.36
CA ILE A 807 -14.87 38.14 -17.99
C ILE A 807 -15.86 38.82 -17.03
N ALA A 808 -16.29 40.03 -17.39
CA ALA A 808 -17.24 40.80 -16.57
C ALA A 808 -18.61 40.11 -16.39
N ALA A 809 -18.98 39.22 -17.32
CA ALA A 809 -20.26 38.52 -17.28
C ALA A 809 -20.16 37.08 -16.75
N SER A 810 -18.99 36.67 -16.27
CA SER A 810 -18.77 35.25 -15.91
C SER A 810 -19.18 34.87 -14.47
N GLY A 811 -19.58 35.86 -13.67
CA GLY A 811 -19.95 35.64 -12.26
C GLY A 811 -20.95 34.52 -11.98
N LYS A 812 -21.95 34.39 -12.85
CA LYS A 812 -22.95 33.32 -12.71
C LYS A 812 -22.31 31.93 -12.57
N PHE A 813 -21.14 31.75 -13.18
CA PHE A 813 -20.55 30.42 -13.31
C PHE A 813 -19.58 30.04 -12.19
N SER A 814 -19.58 30.83 -11.12
CA SER A 814 -18.94 30.43 -9.88
C SER A 814 -19.72 29.27 -9.28
N SER A 815 -19.01 28.25 -8.81
CA SER A 815 -19.65 27.09 -8.18
C SER A 815 -20.25 27.45 -6.83
N ASP A 816 -19.85 28.59 -6.27
CA ASP A 816 -20.54 29.14 -5.11
C ASP A 816 -22.01 29.38 -5.42
N ARG A 817 -22.28 30.06 -6.53
CA ARG A 817 -23.66 30.31 -6.96
C ARG A 817 -24.39 28.98 -7.08
N THR A 818 -23.78 28.02 -7.78
CA THR A 818 -24.38 26.69 -7.94
C THR A 818 -24.71 26.04 -6.59
N ILE A 819 -23.77 26.07 -5.65
CA ILE A 819 -23.96 25.39 -4.37
C ILE A 819 -25.04 26.04 -3.49
N LYS A 820 -25.13 27.38 -3.49
CA LYS A 820 -26.21 28.07 -2.78
C LYS A 820 -27.58 27.58 -3.26
N GLU A 821 -27.72 27.41 -4.57
CA GLU A 821 -28.96 26.91 -5.17
C GLU A 821 -29.32 25.49 -4.74
N TYR A 822 -28.36 24.57 -4.79
CA TYR A 822 -28.57 23.20 -4.24
C TYR A 822 -28.98 23.28 -2.77
N ALA A 823 -28.24 24.07 -1.99
CA ALA A 823 -28.50 24.17 -0.55
C ALA A 823 -29.94 24.64 -0.27
N GLN A 824 -30.34 25.71 -0.93
CA GLN A 824 -31.66 26.31 -0.72
C GLN A 824 -32.78 25.41 -1.25
N ASN A 825 -32.60 24.88 -2.46
CA ASN A 825 -33.70 24.18 -3.15
C ASN A 825 -33.70 22.66 -3.03
N ILE A 826 -32.58 22.06 -2.65
CA ILE A 826 -32.48 20.60 -2.61
C ILE A 826 -32.12 20.06 -1.24
N TRP A 827 -31.08 20.61 -0.61
CA TRP A 827 -30.57 20.07 0.66
C TRP A 827 -31.25 20.65 1.90
N ASN A 828 -31.88 21.80 1.74
CA ASN A 828 -32.47 22.54 2.86
C ASN A 828 -31.44 22.81 3.97
N VAL A 829 -30.33 23.44 3.57
CA VAL A 829 -29.29 23.87 4.51
C VAL A 829 -28.90 25.32 4.20
N GLU A 830 -28.22 25.96 5.14
CA GLU A 830 -27.87 27.37 5.02
C GLU A 830 -26.35 27.59 5.03
N PRO A 831 -25.83 28.43 4.12
CA PRO A 831 -24.46 28.93 4.23
C PRO A 831 -24.22 29.60 5.58
N SER A 832 -23.01 29.48 6.11
CA SER A 832 -22.71 29.91 7.47
C SER A 832 -21.63 31.00 7.49
N ASN B 25 12.26 16.85 30.99
CA ASN B 25 12.42 15.63 30.13
C ASN B 25 11.12 14.82 30.05
N VAL B 26 10.51 14.55 31.21
CA VAL B 26 9.16 13.99 31.26
C VAL B 26 8.15 14.98 30.67
N ALA B 27 8.27 16.25 31.07
CA ALA B 27 7.41 17.31 30.57
C ALA B 27 7.48 17.47 29.05
N GLU B 28 8.68 17.39 28.49
CA GLU B 28 8.88 17.52 27.04
C GLU B 28 8.35 16.31 26.26
N LEU B 29 8.47 15.13 26.84
CA LEU B 29 7.90 13.92 26.25
C LEU B 29 6.36 14.01 26.16
N LYS B 30 5.75 14.62 27.16
CA LYS B 30 4.31 14.85 27.16
C LYS B 30 3.88 15.85 26.10
N LYS B 31 4.64 16.93 25.97
CA LYS B 31 4.36 17.93 24.93
C LYS B 31 4.52 17.32 23.56
N SER B 32 5.57 16.53 23.36
CA SER B 32 5.83 15.88 22.08
C SER B 32 4.71 14.92 21.74
N PHE B 33 4.31 14.12 22.72
CA PHE B 33 3.20 13.18 22.57
C PHE B 33 1.95 13.89 22.10
N ASN B 34 1.61 14.99 22.78
CA ASN B 34 0.42 15.76 22.45
C ASN B 34 0.51 16.42 21.09
N ARG B 35 1.71 16.86 20.70
CA ARG B 35 1.94 17.41 19.36
C ARG B 35 1.62 16.39 18.29
N HIS B 36 2.14 15.18 18.45
CA HIS B 36 1.94 14.13 17.47
C HIS B 36 0.49 13.67 17.39
N LEU B 37 -0.15 13.52 18.55
CA LEU B 37 -1.58 13.17 18.57
C LEU B 37 -2.34 14.20 17.77
N HIS B 38 -2.00 15.47 17.96
CA HIS B 38 -2.64 16.59 17.28
C HIS B 38 -2.27 16.66 15.79
N PHE B 39 -0.98 16.87 15.48
CA PHE B 39 -0.57 17.13 14.09
C PHE B 39 -0.40 15.86 13.22
N THR B 40 0.10 14.78 13.81
CA THR B 40 0.40 13.55 13.05
C THR B 40 -0.82 12.62 12.96
N LEU B 41 -1.64 12.62 14.00
CA LEU B 41 -2.85 11.81 13.99
C LEU B 41 -4.11 12.62 13.68
N VAL B 42 -4.00 13.95 13.68
CA VAL B 42 -5.13 14.84 13.41
C VAL B 42 -6.31 14.42 14.28
N LYS B 43 -6.07 14.35 15.59
CA LYS B 43 -7.06 13.89 16.54
C LYS B 43 -7.14 14.77 17.78
N ASP B 44 -8.36 15.17 18.13
CA ASP B 44 -8.62 15.70 19.47
C ASP B 44 -8.68 14.51 20.43
N ARG B 45 -8.24 14.74 21.66
CA ARG B 45 -8.24 13.73 22.71
C ARG B 45 -9.65 13.12 22.94
N ASN B 46 -10.70 13.91 22.72
CA ASN B 46 -12.07 13.44 22.86
C ASN B 46 -12.45 12.27 21.93
N VAL B 47 -11.84 12.20 20.75
CA VAL B 47 -12.11 11.11 19.82
C VAL B 47 -10.89 10.20 19.55
N ALA B 48 -9.88 10.30 20.41
CA ALA B 48 -8.64 9.54 20.25
C ALA B 48 -8.83 8.07 20.58
N THR B 49 -8.21 7.21 19.77
CA THR B 49 -8.22 5.77 20.03
C THR B 49 -6.93 5.36 20.74
N THR B 50 -6.93 4.15 21.30
CA THR B 50 -5.73 3.57 21.90
C THR B 50 -4.61 3.49 20.88
N ARG B 51 -4.95 3.09 19.66
CA ARG B 51 -3.99 3.02 18.56
C ARG B 51 -3.38 4.38 18.23
N ASP B 52 -4.20 5.44 18.25
CA ASP B 52 -3.69 6.81 18.06
C ASP B 52 -2.56 7.09 19.05
N TYR B 53 -2.82 6.80 20.33
CA TYR B 53 -1.84 7.01 21.40
C TYR B 53 -0.57 6.23 21.17
N TYR B 54 -0.70 4.98 20.73
CA TYR B 54 0.47 4.17 20.42
C TYR B 54 1.29 4.86 19.35
N PHE B 55 0.60 5.33 18.31
CA PHE B 55 1.25 6.01 17.19
C PHE B 55 1.91 7.34 17.60
N ALA B 56 1.23 8.12 18.46
CA ALA B 56 1.80 9.36 18.97
C ALA B 56 3.06 9.09 19.78
N LEU B 57 3.03 8.05 20.62
CA LEU B 57 4.20 7.68 21.41
C LEU B 57 5.31 7.15 20.53
N ALA B 58 4.94 6.32 19.55
CA ALA B 58 5.93 5.72 18.65
C ALA B 58 6.73 6.79 17.92
N HIS B 59 6.03 7.80 17.41
CA HIS B 59 6.65 8.92 16.71
C HIS B 59 7.50 9.78 17.65
N THR B 60 7.03 9.99 18.87
CA THR B 60 7.81 10.73 19.88
C THR B 60 9.15 10.05 20.12
N VAL B 61 9.11 8.72 20.28
CA VAL B 61 10.33 7.95 20.51
C VAL B 61 11.28 7.97 19.31
N ARG B 62 10.74 7.78 18.11
CA ARG B 62 11.55 7.75 16.89
C ARG B 62 12.23 9.08 16.61
N ASP B 63 11.55 10.19 16.95
CA ASP B 63 12.15 11.52 16.87
C ASP B 63 13.48 11.58 17.61
N HIS B 64 13.57 10.91 18.76
CA HIS B 64 14.77 10.94 19.59
C HIS B 64 15.99 10.22 19.02
N LEU B 65 15.82 9.44 17.95
CA LEU B 65 16.97 8.76 17.34
C LEU B 65 17.33 9.27 15.95
N VAL B 66 16.55 10.22 15.43
CA VAL B 66 16.76 10.74 14.08
C VAL B 66 18.11 11.43 13.95
N GLY B 67 18.42 12.28 14.93
CA GLY B 67 19.70 12.98 14.97
C GLY B 67 20.88 12.04 14.82
N ARG B 68 20.90 11.02 15.66
CA ARG B 68 21.99 10.04 15.64
C ARG B 68 21.94 9.15 14.40
N TRP B 69 20.74 8.95 13.84
CA TRP B 69 20.58 8.17 12.63
C TRP B 69 21.22 8.87 11.43
N ILE B 70 20.98 10.18 11.32
CA ILE B 70 21.58 10.99 10.28
C ILE B 70 23.09 11.17 10.50
N ARG B 71 23.49 11.37 11.76
CA ARG B 71 24.90 11.56 12.10
C ARG B 71 25.72 10.26 12.04
N THR B 72 25.06 9.12 12.24
CA THR B 72 25.73 7.84 12.05
C THR B 72 26.13 7.68 10.58
N GLN B 73 25.25 8.10 9.68
CA GLN B 73 25.50 8.00 8.23
C GLN B 73 26.62 8.96 7.80
N GLN B 74 26.60 10.17 8.33
CA GLN B 74 27.67 11.13 8.08
C GLN B 74 29.00 10.53 8.53
N HIS B 75 29.02 10.03 9.76
CA HIS B 75 30.24 9.44 10.32
C HIS B 75 30.80 8.34 9.41
N TYR B 76 29.94 7.45 8.92
CA TYR B 76 30.39 6.38 8.01
C TYR B 76 30.90 6.92 6.68
N TYR B 77 30.32 8.02 6.19
CA TYR B 77 30.78 8.66 4.99
C TYR B 77 32.17 9.28 5.19
N ASP B 78 32.30 10.11 6.24
CA ASP B 78 33.55 10.82 6.51
C ASP B 78 34.74 9.90 6.82
N LYS B 79 34.52 8.82 7.56
CA LYS B 79 35.62 7.99 8.07
C LYS B 79 35.83 6.66 7.32
N CYS B 80 34.87 6.28 6.48
CA CYS B 80 34.97 5.09 5.63
C CYS B 80 35.44 3.80 6.33
N PRO B 81 34.77 3.42 7.43
CA PRO B 81 35.06 2.12 8.00
C PRO B 81 34.56 1.04 7.06
N LYS B 82 35.16 -0.14 7.12
CA LYS B 82 34.68 -1.27 6.33
C LYS B 82 33.24 -1.54 6.76
N ARG B 83 32.35 -1.64 5.78
CA ARG B 83 30.94 -1.88 6.07
C ARG B 83 30.60 -3.36 6.08
N VAL B 84 29.69 -3.75 6.97
CA VAL B 84 29.19 -5.12 7.05
C VAL B 84 27.75 -5.15 6.55
N TYR B 85 27.48 -6.03 5.58
CA TYR B 85 26.15 -6.18 5.04
C TYR B 85 25.59 -7.56 5.38
N TYR B 86 24.62 -7.60 6.28
CA TYR B 86 23.95 -8.84 6.65
C TYR B 86 22.76 -9.10 5.71
N LEU B 87 22.91 -10.08 4.83
CA LEU B 87 21.92 -10.36 3.78
C LEU B 87 21.11 -11.59 4.14
N SER B 88 19.84 -11.37 4.43
CA SER B 88 18.96 -12.40 4.96
C SER B 88 17.60 -12.32 4.27
N LEU B 89 16.97 -13.47 4.04
CA LEU B 89 15.59 -13.49 3.59
C LEU B 89 14.64 -13.27 4.77
N GLU B 90 15.18 -13.32 5.99
CA GLU B 90 14.37 -13.14 7.19
C GLU B 90 14.99 -12.19 8.23
N PHE B 91 14.15 -11.33 8.80
CA PHE B 91 14.48 -10.59 10.02
C PHE B 91 13.27 -10.68 10.96
N TYR B 92 13.45 -11.43 12.05
CA TYR B 92 12.38 -11.78 12.98
C TYR B 92 12.45 -10.81 14.14
N MET B 93 11.97 -9.58 13.91
CA MET B 93 12.30 -8.44 14.76
C MET B 93 11.38 -8.21 15.97
N GLY B 94 10.18 -8.78 15.94
CA GLY B 94 9.20 -8.51 16.99
C GLY B 94 8.78 -7.06 16.98
N ARG B 95 8.51 -6.51 18.15
CA ARG B 95 8.10 -5.12 18.31
C ARG B 95 9.29 -4.21 18.53
N THR B 96 9.13 -2.96 18.13
CA THR B 96 10.20 -1.97 18.13
C THR B 96 10.09 -0.91 19.23
N LEU B 97 8.87 -0.56 19.63
CA LEU B 97 8.66 0.54 20.58
C LEU B 97 9.47 0.35 21.86
N GLN B 98 9.19 -0.72 22.59
CA GLN B 98 9.84 -0.92 23.88
C GLN B 98 11.36 -1.05 23.75
N ASN B 99 11.80 -1.76 22.72
CA ASN B 99 13.23 -1.97 22.46
C ASN B 99 13.94 -0.64 22.24
N THR B 100 13.32 0.25 21.47
CA THR B 100 13.90 1.55 21.16
C THR B 100 13.94 2.44 22.41
N MET B 101 12.86 2.44 23.19
CA MET B 101 12.84 3.18 24.45
C MET B 101 13.99 2.75 25.34
N ILE B 102 14.19 1.44 25.45
CA ILE B 102 15.25 0.89 26.29
C ILE B 102 16.64 1.29 25.80
N ASN B 103 16.88 1.11 24.50
CA ASN B 103 18.19 1.39 23.93
C ASN B 103 18.56 2.87 23.91
N LEU B 104 17.57 3.76 23.95
CA LEU B 104 17.81 5.21 23.98
C LEU B 104 17.77 5.78 25.40
N GLY B 105 17.44 4.94 26.38
CA GLY B 105 17.39 5.35 27.80
C GLY B 105 16.14 6.14 28.18
N LEU B 106 15.04 5.92 27.46
CA LEU B 106 13.84 6.73 27.62
C LEU B 106 12.65 5.99 28.24
N GLN B 107 12.83 4.73 28.63
CA GLN B 107 11.69 3.93 29.09
C GLN B 107 11.06 4.49 30.37
N ASN B 108 11.88 4.77 31.37
CA ASN B 108 11.36 5.29 32.65
C ASN B 108 10.65 6.61 32.49
N ALA B 109 11.22 7.49 31.65
CA ALA B 109 10.63 8.80 31.38
C ALA B 109 9.34 8.69 30.56
N CYS B 110 9.33 7.81 29.56
CA CYS B 110 8.13 7.58 28.74
C CYS B 110 7.00 6.95 29.55
N ASP B 111 7.34 6.01 30.42
N ASP B 111 7.35 6.00 30.41
CA ASP B 111 6.36 5.39 31.30
CA ASP B 111 6.39 5.38 31.34
C ASP B 111 5.71 6.45 32.20
C ASP B 111 5.72 6.46 32.18
N GLU B 112 6.54 7.32 32.78
CA GLU B 112 6.05 8.39 33.64
C GLU B 112 5.22 9.44 32.88
N ALA B 113 5.67 9.81 31.68
CA ALA B 113 4.95 10.76 30.84
C ALA B 113 3.58 10.23 30.46
N ILE B 114 3.53 8.96 30.03
CA ILE B 114 2.27 8.33 29.61
C ILE B 114 1.33 8.13 30.79
N TYR B 115 1.89 7.74 31.93
CA TYR B 115 1.13 7.66 33.17
C TYR B 115 0.50 9.00 33.53
N GLN B 116 1.28 10.08 33.46
CA GLN B 116 0.78 11.43 33.76
C GLN B 116 -0.31 11.90 32.81
N LEU B 117 -0.39 11.30 31.63
CA LEU B 117 -1.45 11.60 30.66
C LEU B 117 -2.70 10.73 30.87
N GLY B 118 -2.71 9.94 31.95
CA GLY B 118 -3.85 9.11 32.29
C GLY B 118 -3.92 7.84 31.47
N LEU B 119 -2.78 7.39 30.96
CA LEU B 119 -2.73 6.23 30.08
C LEU B 119 -1.77 5.18 30.64
N ASP B 120 -1.97 3.93 30.22
CA ASP B 120 -1.08 2.83 30.58
C ASP B 120 -0.21 2.49 29.37
N ILE B 121 1.10 2.56 29.55
CA ILE B 121 2.06 2.34 28.45
C ILE B 121 2.06 0.90 27.95
N GLU B 122 1.81 -0.07 28.83
CA GLU B 122 1.76 -1.48 28.43
C GLU B 122 0.62 -1.74 27.46
N GLU B 123 -0.49 -1.04 27.68
CA GLU B 123 -1.67 -1.15 26.81
C GLU B 123 -1.38 -0.60 25.42
N LEU B 124 -0.60 0.50 25.37
CA LEU B 124 -0.19 1.09 24.10
C LEU B 124 0.79 0.18 23.38
N GLU B 125 1.66 -0.47 24.14
CA GLU B 125 2.65 -1.38 23.57
C GLU B 125 2.00 -2.59 22.91
N GLU B 126 0.92 -3.08 23.50
CA GLU B 126 0.18 -4.23 22.95
C GLU B 126 -0.52 -3.92 21.63
N ILE B 127 -0.69 -2.64 21.30
CA ILE B 127 -1.26 -2.27 20.00
C ILE B 127 -0.32 -2.68 18.86
N GLU B 128 0.98 -2.61 19.10
CA GLU B 128 1.98 -2.79 18.06
C GLU B 128 2.00 -4.21 17.50
N GLU B 129 2.02 -4.31 16.17
CA GLU B 129 2.17 -5.59 15.47
C GLU B 129 3.64 -6.01 15.47
N ASP B 130 3.90 -7.29 15.66
CA ASP B 130 5.23 -7.83 15.47
C ASP B 130 5.63 -7.66 14.01
N ALA B 131 6.86 -7.22 13.77
CA ALA B 131 7.48 -7.36 12.46
C ALA B 131 7.94 -8.83 12.36
N GLY B 132 6.99 -9.71 12.03
CA GLY B 132 7.22 -11.15 12.02
C GLY B 132 7.76 -11.65 10.69
N LEU B 133 8.89 -11.09 10.27
CA LEU B 133 9.45 -11.38 8.96
C LEU B 133 10.51 -12.48 9.07
N GLY B 134 10.15 -13.56 9.76
CA GLY B 134 11.03 -14.71 9.94
C GLY B 134 10.27 -15.92 10.44
N ASN B 135 10.92 -17.07 10.41
CA ASN B 135 10.29 -18.33 10.79
C ASN B 135 10.67 -18.80 12.18
N GLY B 136 11.94 -18.65 12.52
CA GLY B 136 12.43 -19.09 13.81
C GLY B 136 13.85 -18.62 14.06
N GLY B 137 14.73 -19.56 14.41
CA GLY B 137 16.09 -19.26 14.87
C GLY B 137 16.90 -18.43 13.91
N LEU B 138 16.90 -18.83 12.64
CA LEU B 138 17.67 -18.16 11.60
C LEU B 138 17.32 -16.68 11.48
N GLY B 139 16.02 -16.37 11.48
CA GLY B 139 15.55 -15.00 11.36
C GLY B 139 15.74 -14.18 12.63
N ARG B 140 15.68 -14.84 13.77
CA ARG B 140 15.85 -14.16 15.05
C ARG B 140 17.33 -13.89 15.32
N LEU B 141 18.20 -14.76 14.82
CA LEU B 141 19.65 -14.50 14.85
C LEU B 141 19.98 -13.20 14.10
N ALA B 142 19.41 -13.05 12.91
CA ALA B 142 19.56 -11.82 12.12
C ALA B 142 19.14 -10.58 12.92
N ALA B 143 18.04 -10.69 13.65
CA ALA B 143 17.52 -9.59 14.49
C ALA B 143 18.43 -9.27 15.68
N CYS B 144 18.86 -10.28 16.41
CA CYS B 144 19.78 -10.06 17.53
C CYS B 144 21.08 -9.44 17.04
N PHE B 145 21.58 -9.94 15.91
CA PHE B 145 22.82 -9.46 15.32
C PHE B 145 22.76 -7.97 15.00
N LEU B 146 21.67 -7.52 14.37
CA LEU B 146 21.53 -6.09 14.06
C LEU B 146 21.66 -5.26 15.35
N ASP B 147 21.05 -5.73 16.43
CA ASP B 147 21.10 -5.03 17.71
C ASP B 147 22.50 -5.03 18.31
N SER B 148 23.17 -6.18 18.22
CA SER B 148 24.54 -6.31 18.70
C SER B 148 25.55 -5.47 17.88
N MET B 149 25.43 -5.52 16.55
CA MET B 149 26.31 -4.73 15.68
C MET B 149 26.16 -3.22 15.90
N ALA B 150 24.94 -2.78 16.17
CA ALA B 150 24.69 -1.36 16.46
C ALA B 150 25.26 -0.95 17.84
N THR B 151 25.11 -1.83 18.82
CA THR B 151 25.65 -1.63 20.17
C THR B 151 27.19 -1.63 20.20
N LEU B 152 27.80 -2.42 19.32
CA LEU B 152 29.26 -2.45 19.17
C LEU B 152 29.78 -1.44 18.16
N GLY B 153 28.92 -0.57 17.64
CA GLY B 153 29.35 0.52 16.77
C GLY B 153 29.87 0.13 15.40
N LEU B 154 29.49 -1.06 14.91
CA LEU B 154 29.88 -1.48 13.57
C LEU B 154 29.04 -0.81 12.49
N ALA B 155 29.68 -0.47 11.38
CA ALA B 155 29.01 0.10 10.23
C ALA B 155 28.27 -1.01 9.49
N ALA B 156 27.17 -1.46 10.08
CA ALA B 156 26.46 -2.64 9.63
C ALA B 156 25.05 -2.29 9.19
N TYR B 157 24.66 -2.83 8.04
CA TYR B 157 23.28 -2.71 7.55
C TYR B 157 22.69 -4.11 7.42
N GLY B 158 21.41 -4.26 7.77
CA GLY B 158 20.65 -5.46 7.48
C GLY B 158 19.83 -5.28 6.20
N TYR B 159 19.95 -6.23 5.27
CA TYR B 159 19.23 -6.18 4.00
C TYR B 159 18.31 -7.39 3.86
N GLY B 160 17.02 -7.14 3.65
CA GLY B 160 16.03 -8.22 3.51
C GLY B 160 14.82 -7.82 2.70
N ILE B 161 13.76 -8.64 2.78
CA ILE B 161 12.52 -8.36 2.07
C ILE B 161 11.45 -7.86 3.04
N ARG B 162 10.79 -6.77 2.67
CA ARG B 162 9.64 -6.26 3.40
C ARG B 162 8.42 -7.03 2.93
N TYR B 163 8.18 -8.18 3.54
CA TYR B 163 7.02 -8.98 3.18
C TYR B 163 5.79 -8.21 3.62
N GLU B 164 4.79 -8.13 2.75
CA GLU B 164 3.52 -7.53 3.16
C GLU B 164 2.86 -8.37 4.25
N TYR B 165 3.04 -9.68 4.19
CA TYR B 165 2.56 -10.59 5.21
C TYR B 165 3.73 -11.41 5.74
N GLY B 166 3.96 -11.32 7.04
CA GLY B 166 4.99 -12.10 7.70
C GLY B 166 4.52 -13.52 7.96
N ILE B 167 5.16 -14.18 8.91
CA ILE B 167 4.72 -15.50 9.36
C ILE B 167 3.26 -15.37 9.85
N PHE B 168 2.41 -16.28 9.37
CA PHE B 168 0.96 -16.25 9.65
C PHE B 168 0.64 -16.19 11.15
N ASN B 169 -0.49 -15.58 11.48
CA ASN B 169 -1.04 -15.71 12.82
C ASN B 169 -1.67 -17.09 12.98
N GLN B 170 -1.35 -17.76 14.09
CA GLN B 170 -1.85 -19.10 14.38
C GLN B 170 -3.06 -18.99 15.29
N LYS B 171 -4.18 -19.57 14.86
CA LYS B 171 -5.32 -19.80 15.73
C LYS B 171 -5.44 -21.31 15.92
N ILE B 172 -6.06 -21.72 17.01
CA ILE B 172 -6.44 -23.12 17.19
C ILE B 172 -7.96 -23.20 17.15
N ARG B 173 -8.48 -24.00 16.23
CA ARG B 173 -9.92 -24.22 16.10
C ARG B 173 -10.16 -25.72 16.17
N ASP B 174 -11.01 -26.14 17.12
CA ASP B 174 -11.24 -27.56 17.38
C ASP B 174 -9.93 -28.33 17.58
N GLY B 175 -8.94 -27.67 18.18
CA GLY B 175 -7.66 -28.29 18.48
C GLY B 175 -6.62 -28.26 17.38
N TRP B 176 -7.01 -27.85 16.17
CA TRP B 176 -6.13 -27.80 15.01
C TRP B 176 -5.58 -26.40 14.78
N GLN B 177 -4.37 -26.32 14.24
CA GLN B 177 -3.84 -25.06 13.77
C GLN B 177 -4.64 -24.59 12.55
N VAL B 178 -4.98 -23.31 12.56
CA VAL B 178 -5.52 -22.65 11.38
C VAL B 178 -4.70 -21.37 11.17
N GLU B 179 -4.46 -21.03 9.91
CA GLU B 179 -3.60 -19.91 9.55
C GLU B 179 -4.39 -18.70 9.11
N GLU B 180 -4.11 -17.54 9.71
CA GLU B 180 -4.66 -16.27 9.24
C GLU B 180 -3.55 -15.37 8.72
N ALA B 181 -3.86 -14.54 7.74
CA ALA B 181 -2.90 -13.61 7.16
C ALA B 181 -2.37 -12.68 8.24
N ASP B 182 -1.04 -12.55 8.31
CA ASP B 182 -0.39 -11.61 9.20
C ASP B 182 -0.37 -10.24 8.52
N ASP B 183 -1.49 -9.54 8.61
CA ASP B 183 -1.66 -8.25 7.94
C ASP B 183 -1.04 -7.10 8.74
N TRP B 184 0.26 -7.19 8.97
CA TRP B 184 0.96 -6.32 9.95
C TRP B 184 1.08 -4.85 9.54
N LEU B 185 0.96 -4.56 8.25
CA LEU B 185 1.07 -3.19 7.75
C LEU B 185 -0.30 -2.55 7.45
N ARG B 186 -1.38 -3.16 7.94
CA ARG B 186 -2.72 -2.65 7.66
C ARG B 186 -2.88 -1.20 8.08
N TYR B 187 -2.38 -0.87 9.27
CA TYR B 187 -2.59 0.46 9.85
C TYR B 187 -1.35 1.34 9.75
N GLY B 188 -0.34 0.89 9.01
CA GLY B 188 0.91 1.61 8.87
C GLY B 188 1.99 1.12 9.83
N ASN B 189 3.24 1.40 9.46
CA ASN B 189 4.40 1.09 10.28
C ASN B 189 5.12 2.40 10.56
N PRO B 190 5.10 2.86 11.82
CA PRO B 190 5.71 4.16 12.14
C PRO B 190 7.23 4.12 12.23
N TRP B 191 7.81 2.93 12.15
CA TRP B 191 9.24 2.76 12.33
C TRP B 191 10.01 2.72 11.03
N GLU B 192 9.29 2.70 9.90
CA GLU B 192 9.96 2.61 8.60
C GLU B 192 9.88 3.94 7.88
N LYS B 193 10.85 4.18 7.00
CA LYS B 193 10.77 5.30 6.07
C LYS B 193 11.07 4.81 4.67
N SER B 194 10.10 4.95 3.76
CA SER B 194 10.28 4.52 2.39
C SER B 194 11.17 5.53 1.70
N ARG B 195 12.05 5.04 0.83
CA ARG B 195 12.98 5.87 0.10
C ARG B 195 12.85 5.53 -1.38
N PRO B 196 11.75 5.97 -2.02
CA PRO B 196 11.53 5.57 -3.42
C PRO B 196 12.52 6.23 -4.40
N GLU B 197 13.17 7.30 -3.98
CA GLU B 197 14.27 7.87 -4.75
C GLU B 197 15.46 6.91 -4.93
N PHE B 198 15.55 5.89 -4.07
CA PHE B 198 16.61 4.88 -4.16
C PHE B 198 16.12 3.56 -4.74
N MET B 199 15.02 3.63 -5.48
CA MET B 199 14.43 2.47 -6.13
C MET B 199 15.40 1.88 -7.16
N LEU B 200 15.38 0.56 -7.32
CA LEU B 200 16.31 -0.15 -8.20
C LEU B 200 15.59 -1.19 -9.05
N PRO B 201 15.98 -1.34 -10.32
CA PRO B 201 15.36 -2.35 -11.16
C PRO B 201 16.00 -3.72 -10.97
N VAL B 202 15.16 -4.76 -10.91
CA VAL B 202 15.60 -6.15 -10.91
C VAL B 202 15.03 -6.85 -12.15
N HIS B 203 15.86 -7.70 -12.77
CA HIS B 203 15.50 -8.32 -14.05
C HIS B 203 15.19 -9.81 -13.91
N PHE B 204 14.24 -10.30 -14.72
CA PHE B 204 13.91 -11.73 -14.76
C PHE B 204 13.69 -12.21 -16.18
N TYR B 205 13.81 -13.52 -16.38
CA TYR B 205 13.59 -14.16 -17.67
C TYR B 205 14.55 -13.59 -18.71
N GLY B 206 14.06 -13.30 -19.92
CA GLY B 206 14.91 -12.79 -20.98
C GLY B 206 15.87 -13.83 -21.53
N LYS B 207 16.92 -13.35 -22.16
CA LYS B 207 17.90 -14.24 -22.80
C LYS B 207 19.28 -13.58 -22.87
N VAL B 208 20.27 -14.39 -23.21
CA VAL B 208 21.65 -13.93 -23.23
C VAL B 208 22.20 -13.89 -24.66
N GLU B 209 22.95 -12.84 -24.95
CA GLU B 209 23.71 -12.71 -26.20
C GLU B 209 25.15 -12.36 -25.82
N HIS B 210 26.09 -13.16 -26.31
CA HIS B 210 27.51 -12.95 -26.03
C HIS B 210 28.11 -12.13 -27.17
N THR B 211 27.97 -10.81 -27.05
CA THR B 211 28.34 -9.88 -28.13
C THR B 211 29.80 -9.44 -28.01
N ASN B 212 30.27 -8.69 -29.00
CA ASN B 212 31.65 -8.18 -29.00
C ASN B 212 31.91 -7.03 -28.03
N THR B 213 30.86 -6.49 -27.41
CA THR B 213 31.01 -5.51 -26.32
C THR B 213 30.79 -6.12 -24.94
N GLY B 214 30.64 -7.46 -24.89
CA GLY B 214 30.38 -8.18 -23.65
C GLY B 214 29.06 -8.93 -23.69
N THR B 215 28.79 -9.72 -22.65
CA THR B 215 27.55 -10.50 -22.55
C THR B 215 26.36 -9.62 -22.16
N LYS B 216 25.29 -9.64 -22.97
CA LYS B 216 24.09 -8.84 -22.71
C LYS B 216 22.89 -9.71 -22.29
N TRP B 217 22.31 -9.40 -21.15
CA TRP B 217 21.08 -10.05 -20.68
C TRP B 217 19.90 -9.19 -21.09
N ILE B 218 19.12 -9.65 -22.07
CA ILE B 218 18.13 -8.80 -22.74
C ILE B 218 16.73 -9.41 -22.75
N ASP B 219 15.74 -8.61 -23.17
CA ASP B 219 14.32 -8.98 -23.17
C ASP B 219 13.85 -9.45 -21.79
N THR B 220 14.34 -8.81 -20.74
CA THR B 220 13.99 -9.20 -19.40
C THR B 220 12.67 -8.54 -18.99
N GLN B 221 11.98 -9.17 -18.05
CA GLN B 221 10.94 -8.49 -17.27
C GLN B 221 11.61 -7.77 -16.11
N VAL B 222 11.19 -6.53 -15.87
CA VAL B 222 11.73 -5.71 -14.80
C VAL B 222 10.74 -5.63 -13.63
N VAL B 223 11.26 -5.73 -12.42
CA VAL B 223 10.47 -5.47 -11.22
C VAL B 223 11.27 -4.48 -10.39
N LEU B 224 10.60 -3.46 -9.87
CA LEU B 224 11.28 -2.42 -9.10
C LEU B 224 11.39 -2.83 -7.63
N ALA B 225 12.52 -2.50 -7.01
CA ALA B 225 12.74 -2.75 -5.59
C ALA B 225 12.78 -1.40 -4.90
N LEU B 226 11.78 -1.15 -4.06
CA LEU B 226 11.66 0.10 -3.31
C LEU B 226 12.07 -0.18 -1.86
N PRO B 227 13.13 0.51 -1.38
CA PRO B 227 13.64 0.23 -0.05
C PRO B 227 12.92 1.00 1.05
N TYR B 228 12.70 0.33 2.18
CA TYR B 228 12.16 0.96 3.39
C TYR B 228 13.19 0.84 4.52
N ASP B 229 13.53 1.97 5.13
CA ASP B 229 14.56 2.01 6.18
C ASP B 229 13.95 2.05 7.58
N THR B 230 14.37 1.10 8.42
CA THR B 230 14.02 1.08 9.85
C THR B 230 15.30 1.33 10.66
N PRO B 231 15.24 2.20 11.67
CA PRO B 231 16.44 2.48 12.45
C PRO B 231 16.76 1.34 13.40
N VAL B 232 18.05 1.07 13.58
CA VAL B 232 18.52 0.03 14.48
C VAL B 232 19.43 0.70 15.51
N PRO B 233 18.82 1.18 16.62
CA PRO B 233 19.57 1.92 17.62
C PRO B 233 20.47 1.00 18.44
N GLY B 234 21.69 1.44 18.72
CA GLY B 234 22.57 0.74 19.64
C GLY B 234 22.10 0.95 21.06
N TYR B 235 22.53 0.10 21.99
CA TYR B 235 22.21 0.27 23.41
C TYR B 235 23.09 1.37 23.99
N MET B 236 22.45 2.47 24.40
CA MET B 236 23.13 3.58 25.07
C MET B 236 24.47 3.94 24.41
N ASN B 237 24.41 4.32 23.14
CA ASN B 237 25.57 4.89 22.44
C ASN B 237 25.09 5.89 21.38
N ASN B 238 25.96 6.25 20.45
CA ASN B 238 25.64 7.24 19.43
C ASN B 238 25.28 6.64 18.08
N THR B 239 25.19 5.30 18.03
CA THR B 239 24.98 4.60 16.78
C THR B 239 23.50 4.29 16.57
N VAL B 240 23.01 4.63 15.37
CA VAL B 240 21.74 4.13 14.89
C VAL B 240 21.99 3.64 13.47
N ASN B 241 22.01 2.32 13.31
CA ASN B 241 22.23 1.67 12.03
C ASN B 241 20.90 1.52 11.31
N THR B 242 20.92 0.88 10.15
CA THR B 242 19.72 0.74 9.35
C THR B 242 19.42 -0.73 9.03
N MET B 243 18.14 -1.06 9.00
CA MET B 243 17.64 -2.27 8.36
C MET B 243 16.91 -1.79 7.11
N ARG B 244 17.40 -2.18 5.94
CA ARG B 244 16.79 -1.79 4.68
C ARG B 244 16.11 -3.01 4.08
N LEU B 245 14.78 -2.95 3.98
CA LEU B 245 13.99 -4.04 3.43
C LEU B 245 13.38 -3.57 2.10
N TRP B 246 13.39 -4.45 1.10
CA TRP B 246 12.93 -4.11 -0.24
C TRP B 246 11.49 -4.57 -0.49
N SER B 247 10.74 -3.75 -1.22
CA SER B 247 9.36 -4.06 -1.58
C SER B 247 9.22 -4.04 -3.11
N ALA B 248 8.46 -4.99 -3.65
CA ALA B 248 8.28 -5.14 -5.09
C ALA B 248 7.24 -4.15 -5.63
N ARG B 249 7.57 -3.49 -6.74
CA ARG B 249 6.61 -2.66 -7.48
C ARG B 249 6.73 -2.94 -8.97
N ALA B 250 5.61 -2.82 -9.68
CA ALA B 250 5.61 -2.92 -11.13
C ALA B 250 6.13 -1.61 -11.71
N PRO B 251 6.84 -1.66 -12.84
CA PRO B 251 7.34 -0.43 -13.47
C PRO B 251 6.22 0.29 -14.23
N ASN B 252 6.37 1.60 -14.40
CA ASN B 252 5.34 2.43 -15.07
C ASN B 252 5.60 2.67 -16.55
N ASP B 253 6.88 2.64 -16.95
CA ASP B 253 7.29 3.06 -18.30
C ASP B 253 6.71 2.16 -19.39
N PHE B 254 6.24 2.78 -20.45
CA PHE B 254 5.82 2.05 -21.64
C PHE B 254 7.05 1.55 -22.40
N ASN B 255 7.08 0.25 -22.69
CA ASN B 255 8.03 -0.33 -23.64
C ASN B 255 7.28 -0.54 -24.95
N LEU B 256 7.94 -0.35 -26.09
CA LEU B 256 7.28 -0.59 -27.38
C LEU B 256 6.84 -2.05 -27.52
N ARG B 257 7.27 -2.91 -26.59
CA ARG B 257 6.78 -4.30 -26.51
C ARG B 257 5.44 -4.43 -25.74
N ASP B 258 4.95 -3.33 -25.16
CA ASP B 258 3.60 -3.27 -24.54
C ASP B 258 2.54 -2.77 -25.53
N PHE B 259 2.97 -2.33 -26.71
CA PHE B 259 2.06 -1.93 -27.80
C PHE B 259 1.00 -3.02 -28.04
N ASN B 260 1.37 -4.26 -27.72
CA ASN B 260 0.50 -5.43 -27.88
C ASN B 260 -0.75 -5.36 -26.98
N VAL B 261 -1.91 -5.38 -27.63
CA VAL B 261 -3.20 -5.03 -27.00
C VAL B 261 -3.60 -5.99 -25.88
N GLY B 262 -4.52 -5.52 -25.05
CA GLY B 262 -5.17 -6.31 -24.01
C GLY B 262 -6.13 -5.33 -23.34
N ASP B 263 -6.97 -5.83 -22.45
CA ASP B 263 -7.82 -4.94 -21.66
C ASP B 263 -6.92 -4.03 -20.80
N TYR B 264 -7.23 -2.73 -20.78
CA TYR B 264 -6.49 -1.78 -19.95
C TYR B 264 -6.63 -2.11 -18.47
N ILE B 265 -7.85 -2.39 -18.04
CA ILE B 265 -8.13 -2.70 -16.63
C ILE B 265 -7.34 -3.91 -16.15
N GLN B 266 -7.34 -4.99 -16.93
CA GLN B 266 -6.63 -6.21 -16.56
C GLN B 266 -5.12 -5.99 -16.49
N ALA B 267 -4.59 -5.24 -17.44
CA ALA B 267 -3.15 -4.90 -17.46
C ALA B 267 -2.73 -4.21 -16.16
N VAL B 268 -3.55 -3.28 -15.67
CA VAL B 268 -3.26 -2.61 -14.41
C VAL B 268 -3.39 -3.58 -13.24
N LEU B 269 -4.38 -4.46 -13.27
CA LEU B 269 -4.56 -5.49 -12.25
C LEU B 269 -3.37 -6.45 -12.25
N ASP B 270 -2.91 -6.81 -13.44
CA ASP B 270 -1.76 -7.70 -13.58
C ASP B 270 -0.45 -7.13 -12.99
N ARG B 271 -0.43 -5.85 -12.63
CA ARG B 271 0.70 -5.32 -11.87
C ARG B 271 0.92 -6.07 -10.55
N ASN B 272 -0.17 -6.62 -10.00
CA ASN B 272 -0.13 -7.50 -8.81
C ASN B 272 0.91 -8.61 -8.93
N LEU B 273 1.08 -9.17 -10.13
CA LEU B 273 1.98 -10.29 -10.34
C LEU B 273 3.45 -9.97 -10.02
N ALA B 274 3.91 -8.77 -10.37
CA ALA B 274 5.23 -8.29 -9.99
C ALA B 274 5.29 -8.01 -8.50
N GLU B 275 4.26 -7.36 -7.98
CA GLU B 275 4.22 -6.98 -6.57
C GLU B 275 4.09 -8.20 -5.65
N ASN B 276 3.63 -9.33 -6.20
CA ASN B 276 3.57 -10.58 -5.44
C ASN B 276 4.92 -11.06 -4.91
N ILE B 277 6.02 -10.65 -5.54
CA ILE B 277 7.35 -11.13 -5.14
C ILE B 277 7.61 -10.88 -3.65
N SER B 278 7.26 -9.71 -3.15
CA SER B 278 7.45 -9.42 -1.72
C SER B 278 6.15 -9.51 -0.91
N ARG B 279 5.16 -10.28 -1.37
CA ARG B 279 3.87 -10.34 -0.71
C ARG B 279 3.88 -11.11 0.60
N VAL B 280 4.53 -12.27 0.63
CA VAL B 280 4.43 -13.13 1.78
C VAL B 280 5.70 -13.92 2.04
N LEU B 281 6.06 -14.03 3.32
CA LEU B 281 7.14 -14.88 3.78
C LEU B 281 6.77 -16.36 3.62
N TYR B 282 7.67 -17.15 3.06
CA TYR B 282 7.48 -18.60 3.01
C TYR B 282 7.63 -19.16 4.42
N PRO B 283 6.55 -19.77 4.95
CA PRO B 283 6.50 -20.11 6.36
C PRO B 283 7.13 -21.47 6.69
N ASN B 284 8.20 -21.82 5.99
CA ASN B 284 8.87 -23.10 6.19
C ASN B 284 10.09 -22.90 7.07
N ASP B 285 10.16 -23.67 8.15
CA ASP B 285 11.33 -23.67 9.03
C ASP B 285 12.10 -24.96 8.76
N ASN B 286 13.38 -24.83 8.42
CA ASN B 286 14.24 -25.99 8.12
C ASN B 286 13.65 -26.93 7.06
N PHE B 287 13.08 -26.36 5.99
CA PHE B 287 12.50 -27.16 4.93
C PHE B 287 12.51 -26.40 3.61
N PHE B 288 13.16 -27.02 2.61
CA PHE B 288 13.24 -26.45 1.28
C PHE B 288 12.02 -26.81 0.47
N GLU B 289 11.43 -25.79 -0.16
CA GLU B 289 10.38 -25.96 -1.14
C GLU B 289 10.86 -25.24 -2.39
N GLY B 290 10.92 -25.96 -3.51
CA GLY B 290 11.48 -25.42 -4.75
C GLY B 290 10.46 -24.67 -5.60
N LYS B 291 9.75 -23.74 -4.98
CA LYS B 291 8.75 -22.95 -5.69
C LYS B 291 9.41 -21.80 -6.44
N GLU B 292 8.87 -21.46 -7.60
CA GLU B 292 9.44 -20.41 -8.44
C GLU B 292 9.38 -19.03 -7.78
N LEU B 293 8.26 -18.72 -7.12
CA LEU B 293 8.10 -17.43 -6.45
C LEU B 293 9.19 -17.22 -5.39
N ARG B 294 9.57 -18.29 -4.70
CA ARG B 294 10.66 -18.24 -3.71
C ARG B 294 12.02 -17.94 -4.35
N LEU B 295 12.29 -18.56 -5.50
CA LEU B 295 13.51 -18.25 -6.23
C LEU B 295 13.54 -16.78 -6.60
N LYS B 296 12.38 -16.24 -7.02
CA LYS B 296 12.28 -14.81 -7.36
C LYS B 296 12.57 -13.91 -6.16
N GLN B 297 12.04 -14.27 -5.01
CA GLN B 297 12.35 -13.56 -3.78
C GLN B 297 13.86 -13.52 -3.54
N GLU B 298 14.49 -14.67 -3.72
CA GLU B 298 15.91 -14.81 -3.42
C GLU B 298 16.77 -13.94 -4.31
N TYR B 299 16.44 -13.90 -5.60
CA TYR B 299 17.16 -13.02 -6.52
C TYR B 299 16.76 -11.57 -6.31
N PHE B 300 15.47 -11.34 -6.06
CA PHE B 300 14.95 -10.01 -5.79
C PHE B 300 15.76 -9.28 -4.71
N VAL B 301 15.81 -9.86 -3.51
CA VAL B 301 16.54 -9.25 -2.40
C VAL B 301 18.04 -9.12 -2.70
N VAL B 302 18.58 -10.11 -3.41
CA VAL B 302 20.01 -10.16 -3.74
C VAL B 302 20.41 -9.13 -4.80
N ALA B 303 19.63 -9.02 -5.88
CA ALA B 303 19.94 -8.08 -6.96
C ALA B 303 19.80 -6.64 -6.50
N ALA B 304 18.75 -6.33 -5.76
CA ALA B 304 18.53 -4.98 -5.23
C ALA B 304 19.65 -4.62 -4.25
N THR B 305 19.94 -5.54 -3.33
CA THR B 305 20.95 -5.31 -2.29
C THR B 305 22.34 -5.02 -2.85
N LEU B 306 22.80 -5.88 -3.75
CA LEU B 306 24.14 -5.70 -4.33
C LEU B 306 24.26 -4.39 -5.12
N GLN B 307 23.27 -4.07 -5.94
CA GLN B 307 23.26 -2.78 -6.65
C GLN B 307 23.40 -1.61 -5.69
N ASP B 308 22.73 -1.69 -4.55
CA ASP B 308 22.70 -0.63 -3.57
C ASP B 308 24.04 -0.50 -2.86
N ILE B 309 24.66 -1.65 -2.59
CA ILE B 309 25.99 -1.69 -1.98
C ILE B 309 27.01 -1.07 -2.93
N ILE B 310 26.97 -1.45 -4.20
CA ILE B 310 27.86 -0.90 -5.21
C ILE B 310 27.66 0.63 -5.38
N ARG B 311 26.40 1.07 -5.38
CA ARG B 311 26.11 2.50 -5.51
C ARG B 311 26.69 3.29 -4.32
N ARG B 312 26.59 2.74 -3.11
CA ARG B 312 27.15 3.41 -1.95
C ARG B 312 28.69 3.41 -1.97
N PHE B 313 29.29 2.30 -2.40
CA PHE B 313 30.75 2.21 -2.55
C PHE B 313 31.29 3.28 -3.49
N LYS B 314 30.70 3.37 -4.69
CA LYS B 314 31.14 4.32 -5.71
C LYS B 314 30.96 5.78 -5.30
N ALA B 315 29.98 6.05 -4.44
CA ALA B 315 29.72 7.41 -3.98
C ALA B 315 30.55 7.75 -2.74
N SER B 316 31.34 6.80 -2.26
CA SER B 316 32.17 7.03 -1.08
C SER B 316 33.53 7.52 -1.50
N LYS B 317 34.36 7.86 -0.52
CA LYS B 317 35.69 8.43 -0.78
C LYS B 317 36.67 7.41 -1.40
N PHE B 318 36.34 6.11 -1.31
CA PHE B 318 37.05 5.05 -2.06
C PHE B 318 36.39 4.79 -3.43
N GLY B 319 35.66 5.78 -3.94
CA GLY B 319 34.91 5.63 -5.19
C GLY B 319 35.62 6.07 -6.44
N SER B 320 36.83 6.62 -6.28
CA SER B 320 37.66 7.05 -7.43
C SER B 320 39.15 6.90 -7.11
N THR B 321 39.94 6.64 -8.15
CA THR B 321 41.40 6.54 -8.04
C THR B 321 42.11 6.86 -9.36
N GLY B 325 44.07 0.19 -10.57
CA GLY B 325 43.47 1.45 -11.01
C GLY B 325 41.97 1.41 -10.96
N THR B 326 41.40 0.26 -11.33
CA THR B 326 39.97 0.01 -11.23
C THR B 326 39.51 0.31 -9.81
N VAL B 327 38.44 1.08 -9.70
CA VAL B 327 37.87 1.44 -8.41
C VAL B 327 37.62 0.27 -7.45
N PHE B 328 37.31 -0.91 -8.01
CA PHE B 328 36.90 -2.06 -7.21
C PHE B 328 38.00 -2.88 -6.53
N ASP B 329 39.25 -2.45 -6.63
CA ASP B 329 40.34 -3.14 -5.94
C ASP B 329 40.23 -2.99 -4.42
N ALA B 330 39.65 -1.88 -3.97
CA ALA B 330 39.46 -1.61 -2.55
C ALA B 330 38.13 -2.19 -2.01
N PHE B 331 37.34 -2.79 -2.88
CA PHE B 331 35.98 -3.23 -2.54
C PHE B 331 35.87 -4.16 -1.31
N PRO B 332 36.58 -5.31 -1.31
CA PRO B 332 36.55 -6.17 -0.12
C PRO B 332 37.25 -5.62 1.13
N ASP B 333 37.93 -4.48 1.02
CA ASP B 333 38.44 -3.76 2.19
C ASP B 333 37.38 -2.84 2.76
N GLN B 334 36.35 -2.58 1.95
CA GLN B 334 35.28 -1.66 2.29
C GLN B 334 33.91 -2.33 2.43
N VAL B 335 33.82 -3.59 2.03
CA VAL B 335 32.54 -4.29 2.00
C VAL B 335 32.72 -5.73 2.46
N ALA B 336 31.85 -6.16 3.35
CA ALA B 336 31.69 -7.57 3.67
C ALA B 336 30.21 -7.89 3.54
N ILE B 337 29.90 -9.01 2.92
CA ILE B 337 28.51 -9.44 2.76
C ILE B 337 28.36 -10.83 3.36
N GLN B 338 27.60 -10.92 4.45
CA GLN B 338 27.35 -12.19 5.10
C GLN B 338 26.08 -12.82 4.54
N LEU B 339 26.19 -14.08 4.14
CA LEU B 339 25.06 -14.84 3.60
C LEU B 339 24.40 -15.66 4.71
N ASN B 340 23.21 -15.24 5.13
CA ASN B 340 22.46 -15.97 6.15
C ASN B 340 21.82 -17.24 5.58
N ASP B 341 22.54 -18.35 5.69
CA ASP B 341 22.19 -19.61 4.99
C ASP B 341 22.38 -19.45 3.48
N THR B 342 21.91 -20.43 2.71
CA THR B 342 22.08 -20.41 1.26
C THR B 342 20.98 -19.62 0.56
N HIS B 343 20.01 -19.10 1.30
CA HIS B 343 18.89 -18.39 0.67
C HIS B 343 19.34 -17.25 -0.24
N PRO B 344 20.34 -16.45 0.17
CA PRO B 344 20.87 -15.44 -0.72
C PRO B 344 22.09 -15.88 -1.54
N ALA B 345 22.23 -17.18 -1.79
CA ALA B 345 23.40 -17.73 -2.48
C ALA B 345 23.63 -17.11 -3.86
N LEU B 346 22.56 -16.72 -4.53
CA LEU B 346 22.63 -16.04 -5.83
C LEU B 346 23.41 -14.72 -5.82
N ALA B 347 23.70 -14.19 -4.64
CA ALA B 347 24.53 -12.99 -4.52
C ALA B 347 25.90 -13.18 -5.15
N ILE B 348 26.42 -14.40 -5.09
CA ILE B 348 27.76 -14.71 -5.62
C ILE B 348 27.83 -14.55 -7.15
N PRO B 349 27.00 -15.30 -7.90
CA PRO B 349 26.96 -15.07 -9.35
C PRO B 349 26.46 -13.68 -9.78
N GLU B 350 25.66 -13.02 -8.95
CA GLU B 350 25.20 -11.66 -9.26
C GLU B 350 26.35 -10.66 -9.17
N LEU B 351 27.16 -10.76 -8.12
CA LEU B 351 28.32 -9.87 -8.00
C LEU B 351 29.25 -10.12 -9.18
N MET B 352 29.49 -11.38 -9.52
CA MET B 352 30.25 -11.71 -10.72
C MET B 352 29.61 -11.07 -11.96
N ARG B 353 28.29 -11.20 -12.10
CA ARG B 353 27.59 -10.62 -13.25
C ARG B 353 27.81 -9.12 -13.33
N ILE B 354 27.66 -8.43 -12.21
CA ILE B 354 27.86 -6.98 -12.18
C ILE B 354 29.31 -6.63 -12.49
N PHE B 355 30.26 -7.40 -11.96
CA PHE B 355 31.68 -7.11 -12.19
C PHE B 355 32.09 -7.33 -13.63
N VAL B 356 31.69 -8.46 -14.20
CA VAL B 356 32.08 -8.82 -15.56
C VAL B 356 31.23 -8.11 -16.62
N ASP B 357 29.92 -8.22 -16.53
CA ASP B 357 29.05 -7.73 -17.61
C ASP B 357 28.84 -6.22 -17.62
N ILE B 358 28.82 -5.60 -16.44
CA ILE B 358 28.50 -4.18 -16.35
C ILE B 358 29.74 -3.32 -16.07
N GLU B 359 30.61 -3.76 -15.17
CA GLU B 359 31.81 -2.99 -14.82
C GLU B 359 33.04 -3.38 -15.64
N LYS B 360 32.91 -4.42 -16.48
CA LYS B 360 33.95 -4.82 -17.43
C LYS B 360 35.28 -5.26 -16.81
N LEU B 361 35.20 -5.84 -15.59
CA LEU B 361 36.37 -6.43 -14.95
C LEU B 361 36.57 -7.82 -15.55
N PRO B 362 37.85 -8.27 -15.66
CA PRO B 362 38.12 -9.64 -16.09
C PRO B 362 37.68 -10.67 -15.04
N TRP B 363 37.39 -11.88 -15.51
CA TRP B 363 36.83 -12.93 -14.67
C TRP B 363 37.66 -13.22 -13.42
N SER B 364 38.96 -13.44 -13.57
CA SER B 364 39.81 -13.82 -12.45
C SER B 364 39.80 -12.75 -11.35
N LYS B 365 39.89 -11.49 -11.76
CA LYS B 365 39.83 -10.33 -10.86
C LYS B 365 38.49 -10.29 -10.12
N ALA B 366 37.40 -10.34 -10.88
CA ALA B 366 36.04 -10.40 -10.33
C ALA B 366 35.90 -11.52 -9.31
N TRP B 367 36.39 -12.71 -9.68
CA TRP B 367 36.30 -13.90 -8.82
C TRP B 367 37.11 -13.79 -7.52
N GLU B 368 38.29 -13.17 -7.61
CA GLU B 368 39.10 -12.87 -6.44
C GLU B 368 38.34 -11.94 -5.48
N LEU B 369 37.74 -10.88 -6.05
CA LEU B 369 37.01 -9.89 -5.25
C LEU B 369 35.74 -10.49 -4.64
N THR B 370 35.04 -11.34 -5.40
CA THR B 370 33.85 -12.02 -4.91
C THR B 370 34.16 -12.85 -3.67
N GLN B 371 35.18 -13.69 -3.76
CA GLN B 371 35.53 -14.57 -2.64
C GLN B 371 35.88 -13.77 -1.40
N LYS B 372 36.64 -12.68 -1.58
CA LYS B 372 37.06 -11.86 -0.45
C LYS B 372 35.90 -11.02 0.14
N THR B 373 34.82 -10.87 -0.62
CA THR B 373 33.65 -10.11 -0.15
C THR B 373 32.72 -10.98 0.70
N PHE B 374 32.44 -12.20 0.23
CA PHE B 374 31.41 -13.04 0.82
C PHE B 374 31.91 -14.00 1.90
N ALA B 375 31.12 -14.13 2.96
CA ALA B 375 31.22 -15.25 3.90
C ALA B 375 29.84 -15.89 4.00
N TYR B 376 29.81 -17.18 4.31
CA TYR B 376 28.58 -17.97 4.31
C TYR B 376 28.36 -18.62 5.68
N THR B 377 27.14 -18.52 6.20
CA THR B 377 26.77 -19.17 7.47
C THR B 377 25.80 -20.33 7.21
N ASN B 378 26.20 -21.52 7.65
CA ASN B 378 25.39 -22.72 7.54
C ASN B 378 24.59 -22.92 8.82
N HIS B 379 23.29 -23.18 8.70
CA HIS B 379 22.41 -23.24 9.87
C HIS B 379 21.81 -24.61 10.17
N THR B 380 21.99 -25.60 9.29
CA THR B 380 21.41 -26.93 9.53
C THR B 380 22.05 -28.01 8.66
N VAL B 381 22.09 -29.24 9.16
CA VAL B 381 22.56 -30.39 8.37
C VAL B 381 21.42 -31.35 7.96
N LEU B 382 20.17 -31.01 8.30
CA LEU B 382 19.03 -31.83 7.90
C LEU B 382 18.80 -31.75 6.38
N PRO B 383 18.78 -32.91 5.70
CA PRO B 383 18.80 -32.92 4.23
C PRO B 383 17.59 -32.28 3.57
N GLU B 384 16.43 -32.35 4.22
CA GLU B 384 15.21 -31.73 3.67
C GLU B 384 15.25 -30.19 3.66
N ALA B 385 16.19 -29.59 4.39
CA ALA B 385 16.36 -28.13 4.44
C ALA B 385 17.29 -27.58 3.37
N LEU B 386 18.09 -28.44 2.74
CA LEU B 386 19.12 -27.98 1.79
C LEU B 386 18.50 -27.50 0.48
N GLU B 387 18.96 -26.35 0.01
CA GLU B 387 18.43 -25.75 -1.22
C GLU B 387 19.06 -26.37 -2.46
N ARG B 388 18.24 -27.05 -3.25
CA ARG B 388 18.69 -27.65 -4.49
C ARG B 388 17.74 -27.23 -5.61
N TRP B 389 18.12 -26.19 -6.34
CA TRP B 389 17.25 -25.66 -7.39
C TRP B 389 17.46 -26.41 -8.69
N PRO B 390 16.36 -26.90 -9.29
CA PRO B 390 16.42 -27.51 -10.62
C PRO B 390 17.04 -26.57 -11.65
N VAL B 391 18.02 -27.05 -12.41
CA VAL B 391 18.69 -26.21 -13.41
C VAL B 391 17.72 -25.63 -14.45
N ASP B 392 16.66 -26.36 -14.79
CA ASP B 392 15.65 -25.87 -15.72
C ASP B 392 15.00 -24.58 -15.22
N LEU B 393 14.70 -24.54 -13.92
CA LEU B 393 14.03 -23.39 -13.33
C LEU B 393 14.97 -22.18 -13.35
N VAL B 394 16.23 -22.40 -13.01
CA VAL B 394 17.23 -21.31 -13.02
C VAL B 394 17.53 -20.86 -14.46
N GLU B 395 17.55 -21.79 -15.41
CA GLU B 395 17.80 -21.43 -16.81
C GLU B 395 16.74 -20.47 -17.37
N LYS B 396 15.48 -20.75 -17.08
CA LYS B 396 14.36 -19.94 -17.56
C LYS B 396 14.31 -18.57 -16.88
N LEU B 397 14.45 -18.56 -15.56
CA LEU B 397 14.32 -17.33 -14.78
C LEU B 397 15.59 -16.46 -14.79
N LEU B 398 16.76 -17.10 -14.73
CA LEU B 398 18.02 -16.38 -14.57
C LEU B 398 19.10 -17.01 -15.46
N PRO B 399 18.92 -16.92 -16.80
CA PRO B 399 19.83 -17.59 -17.74
C PRO B 399 21.30 -17.17 -17.62
N ARG B 400 21.55 -15.90 -17.33
CA ARG B 400 22.93 -15.43 -17.21
C ARG B 400 23.60 -15.96 -15.96
N HIS B 401 22.85 -16.09 -14.87
CA HIS B 401 23.38 -16.64 -13.63
C HIS B 401 23.71 -18.13 -13.75
N LEU B 402 22.90 -18.89 -14.50
CA LEU B 402 23.22 -20.29 -14.76
C LEU B 402 24.55 -20.40 -15.47
N GLU B 403 24.71 -19.64 -16.55
CA GLU B 403 25.98 -19.60 -17.28
C GLU B 403 27.13 -19.32 -16.31
N ILE B 404 26.96 -18.30 -15.49
CA ILE B 404 28.00 -17.93 -14.52
C ILE B 404 28.26 -19.05 -13.49
N ILE B 405 27.20 -19.72 -13.07
CA ILE B 405 27.31 -20.83 -12.11
C ILE B 405 28.04 -22.00 -12.75
N TYR B 406 27.67 -22.34 -13.97
CA TYR B 406 28.36 -23.38 -14.73
C TYR B 406 29.86 -23.07 -14.85
N GLU B 407 30.19 -21.79 -15.05
CA GLU B 407 31.59 -21.41 -15.23
C GLU B 407 32.37 -21.53 -13.92
N ILE B 408 31.77 -21.03 -12.83
CA ILE B 408 32.35 -21.20 -11.50
C ILE B 408 32.64 -22.68 -11.24
N ASN B 409 31.69 -23.54 -11.60
CA ASN B 409 31.85 -24.98 -11.39
C ASN B 409 32.93 -25.58 -12.28
N GLN B 410 32.97 -25.15 -13.54
CA GLN B 410 33.97 -25.65 -14.48
C GLN B 410 35.39 -25.41 -13.95
N LYS B 411 35.70 -24.15 -13.63
CA LYS B 411 37.00 -23.78 -13.06
C LYS B 411 37.24 -24.40 -11.68
N HIS B 412 36.17 -24.69 -10.96
CA HIS B 412 36.24 -25.41 -9.69
C HIS B 412 36.65 -26.87 -9.90
N LEU B 413 35.99 -27.56 -10.84
CA LEU B 413 36.26 -28.98 -11.10
C LEU B 413 37.59 -29.21 -11.80
N ASP B 414 37.98 -28.31 -12.70
CA ASP B 414 39.30 -28.37 -13.34
C ASP B 414 40.41 -28.48 -12.30
N ARG B 415 40.28 -27.72 -11.21
CA ARG B 415 41.28 -27.75 -10.14
C ARG B 415 41.30 -29.07 -9.37
N ILE B 416 40.14 -29.69 -9.21
CA ILE B 416 40.05 -30.95 -8.48
C ILE B 416 40.55 -32.13 -9.31
N VAL B 417 40.34 -32.08 -10.63
CA VAL B 417 40.96 -33.03 -11.55
C VAL B 417 42.48 -32.84 -11.59
N ALA B 418 42.90 -31.58 -11.50
CA ALA B 418 44.33 -31.24 -11.44
C ALA B 418 45.02 -31.75 -10.17
N LEU B 419 44.31 -31.71 -9.04
CA LEU B 419 44.87 -32.10 -7.74
C LEU B 419 44.65 -33.58 -7.40
N PHE B 420 43.62 -34.19 -7.99
CA PHE B 420 43.28 -35.59 -7.75
C PHE B 420 42.82 -36.26 -9.05
N PRO B 421 43.75 -36.46 -10.01
CA PRO B 421 43.42 -36.95 -11.36
C PRO B 421 42.68 -38.30 -11.40
N LYS B 422 42.95 -39.17 -10.43
CA LYS B 422 42.35 -40.50 -10.40
C LYS B 422 41.01 -40.57 -9.66
N ASP B 423 40.65 -39.50 -8.96
CA ASP B 423 39.46 -39.51 -8.09
C ASP B 423 38.24 -38.92 -8.81
N VAL B 424 37.59 -39.77 -9.60
CA VAL B 424 36.44 -39.36 -10.41
C VAL B 424 35.17 -39.17 -9.57
N ASP B 425 34.99 -39.98 -8.52
CA ASP B 425 33.83 -39.83 -7.65
C ASP B 425 33.87 -38.51 -6.86
N ARG B 426 35.07 -38.03 -6.57
CA ARG B 426 35.24 -36.76 -5.85
C ARG B 426 34.71 -35.59 -6.66
N LEU B 427 34.90 -35.64 -7.97
CA LEU B 427 34.32 -34.65 -8.88
C LEU B 427 32.79 -34.61 -8.76
N ARG B 428 32.19 -35.79 -8.68
CA ARG B 428 30.74 -35.89 -8.50
C ARG B 428 30.32 -35.26 -7.16
N ARG B 429 31.03 -35.60 -6.09
CA ARG B 429 30.65 -35.12 -4.75
C ARG B 429 30.83 -33.61 -4.57
N MET B 430 31.82 -33.02 -5.25
CA MET B 430 32.17 -31.61 -5.08
C MET B 430 31.57 -30.67 -6.12
N SER B 431 30.90 -31.23 -7.13
CA SER B 431 30.26 -30.40 -8.15
C SER B 431 29.15 -29.55 -7.53
N LEU B 432 28.90 -28.38 -8.12
CA LEU B 432 27.74 -27.57 -7.76
C LEU B 432 26.47 -28.15 -8.37
N ILE B 433 26.62 -29.01 -9.39
CA ILE B 433 25.49 -29.61 -10.07
C ILE B 433 25.33 -31.08 -9.69
N GLU B 434 24.14 -31.45 -9.24
CA GLU B 434 23.78 -32.86 -9.03
C GLU B 434 23.09 -33.34 -10.28
N GLU B 435 23.62 -34.39 -10.92
CA GLU B 435 23.14 -34.81 -12.26
C GLU B 435 22.04 -35.89 -12.26
N GLU B 436 21.65 -36.39 -11.08
CA GLU B 436 20.78 -37.58 -10.98
C GLU B 436 19.38 -37.38 -11.57
N GLY B 437 19.25 -37.61 -12.88
CA GLY B 437 17.98 -37.44 -13.59
C GLY B 437 17.65 -35.97 -13.81
N SER B 438 16.79 -35.43 -12.94
CA SER B 438 16.52 -33.99 -12.89
C SER B 438 17.73 -33.31 -12.25
N LYS B 439 18.42 -32.46 -13.01
CA LYS B 439 19.62 -31.83 -12.53
C LYS B 439 19.29 -30.68 -11.57
N ARG B 440 20.07 -30.55 -10.49
CA ARG B 440 19.86 -29.52 -9.48
C ARG B 440 21.17 -28.80 -9.14
N ILE B 441 21.07 -27.51 -8.82
CA ILE B 441 22.20 -26.73 -8.34
C ILE B 441 22.29 -26.85 -6.81
N ASN B 442 23.41 -27.34 -6.31
CA ASN B 442 23.65 -27.40 -4.86
C ASN B 442 24.15 -26.04 -4.35
N MET B 443 23.26 -25.28 -3.74
CA MET B 443 23.54 -23.89 -3.38
C MET B 443 24.57 -23.77 -2.27
N ALA B 444 24.66 -24.79 -1.42
CA ALA B 444 25.69 -24.83 -0.38
C ALA B 444 27.08 -24.87 -1.02
N HIS B 445 27.28 -25.74 -2.00
CA HIS B 445 28.57 -25.81 -2.70
C HIS B 445 28.92 -24.48 -3.38
N LEU B 446 27.92 -23.81 -3.94
CA LEU B 446 28.09 -22.47 -4.51
C LEU B 446 28.57 -21.48 -3.46
N CYS B 447 28.02 -21.58 -2.25
CA CYS B 447 28.36 -20.67 -1.17
C CYS B 447 29.77 -20.90 -0.63
N ILE B 448 30.22 -22.16 -0.64
CA ILE B 448 31.55 -22.53 -0.16
C ILE B 448 32.65 -22.01 -1.10
N VAL B 449 32.53 -22.30 -2.40
CA VAL B 449 33.53 -21.89 -3.38
C VAL B 449 33.55 -20.37 -3.56
N GLY B 450 32.40 -19.72 -3.40
CA GLY B 450 32.31 -18.27 -3.59
C GLY B 450 32.63 -17.44 -2.35
N SER B 451 32.86 -18.08 -1.20
CA SER B 451 33.10 -17.37 0.04
C SER B 451 34.50 -17.64 0.57
N HIS B 452 35.09 -16.64 1.22
CA HIS B 452 36.42 -16.80 1.83
C HIS B 452 36.31 -17.45 3.21
N ALA B 453 35.09 -17.52 3.76
CA ALA B 453 34.87 -18.11 5.08
C ALA B 453 33.48 -18.72 5.19
N VAL B 454 33.40 -19.91 5.78
CA VAL B 454 32.16 -20.64 5.99
C VAL B 454 32.05 -21.01 7.47
N ASN B 455 30.95 -20.65 8.14
CA ASN B 455 30.80 -20.98 9.56
C ASN B 455 29.53 -21.73 9.90
N GLY B 456 29.63 -22.62 10.88
CA GLY B 456 28.49 -23.19 11.56
C GLY B 456 28.16 -22.34 12.77
N VAL B 457 27.16 -22.76 13.52
CA VAL B 457 26.55 -21.89 14.55
C VAL B 457 26.69 -22.46 15.97
N ALA B 458 27.43 -23.54 16.10
CA ALA B 458 27.83 -24.10 17.40
C ALA B 458 28.99 -25.05 17.12
N LYS B 459 29.78 -25.37 18.15
CA LYS B 459 30.99 -26.20 17.99
C LYS B 459 30.68 -27.56 17.39
N ILE B 460 29.72 -28.26 17.98
CA ILE B 460 29.35 -29.61 17.53
C ILE B 460 28.89 -29.59 16.06
N HIS B 461 28.12 -28.57 15.71
CA HIS B 461 27.60 -28.40 14.36
C HIS B 461 28.68 -28.00 13.37
N SER B 462 29.50 -27.00 13.73
CA SER B 462 30.59 -26.54 12.87
C SER B 462 31.60 -27.65 12.60
N ASP B 463 31.77 -28.54 13.57
CA ASP B 463 32.61 -29.73 13.41
C ASP B 463 32.05 -30.69 12.37
N ILE B 464 30.76 -31.04 12.51
CA ILE B 464 30.11 -31.91 11.54
C ILE B 464 30.16 -31.29 10.14
N VAL B 465 29.94 -29.98 10.08
CA VAL B 465 29.97 -29.26 8.81
C VAL B 465 31.32 -29.44 8.11
N LYS B 466 32.39 -29.18 8.86
CA LYS B 466 33.75 -29.19 8.33
C LYS B 466 34.27 -30.60 7.98
N THR B 467 34.09 -31.54 8.91
CA THR B 467 34.75 -32.85 8.82
C THR B 467 33.93 -33.94 8.11
N LYS B 468 32.60 -33.84 8.18
CA LYS B 468 31.71 -34.81 7.55
C LYS B 468 31.07 -34.23 6.29
N VAL B 469 30.11 -33.32 6.46
CA VAL B 469 29.25 -32.87 5.36
C VAL B 469 30.02 -32.19 4.22
N PHE B 470 31.00 -31.37 4.56
CA PHE B 470 31.83 -30.72 3.54
C PHE B 470 33.31 -31.11 3.66
N LYS B 471 33.53 -32.35 4.08
CA LYS B 471 34.85 -32.96 4.21
C LYS B 471 35.74 -32.69 3.00
N ASP B 472 35.20 -32.95 1.80
CA ASP B 472 35.95 -32.76 0.56
C ASP B 472 36.40 -31.30 0.36
N PHE B 473 35.63 -30.35 0.89
CA PHE B 473 35.95 -28.93 0.75
C PHE B 473 36.95 -28.44 1.80
N SER B 474 36.81 -28.91 3.04
CA SER B 474 37.71 -28.51 4.12
C SER B 474 39.12 -29.07 3.98
N GLU B 475 39.26 -30.26 3.38
CA GLU B 475 40.58 -30.86 3.18
C GLU B 475 41.45 -30.02 2.24
N LEU B 476 40.81 -29.37 1.26
CA LEU B 476 41.50 -28.47 0.34
C LEU B 476 41.76 -27.10 0.96
N GLU B 477 40.80 -26.63 1.76
CA GLU B 477 40.86 -25.30 2.36
C GLU B 477 40.49 -25.37 3.84
N PRO B 478 41.44 -25.79 4.69
CA PRO B 478 41.11 -25.97 6.11
C PRO B 478 40.81 -24.66 6.85
N ASP B 479 41.52 -23.60 6.48
CA ASP B 479 41.34 -22.27 7.11
C ASP B 479 40.01 -21.59 6.75
N LYS B 480 39.33 -22.07 5.72
CA LYS B 480 38.03 -21.52 5.32
C LYS B 480 36.92 -21.76 6.36
N PHE B 481 36.86 -22.97 6.91
CA PHE B 481 35.75 -23.35 7.78
C PHE B 481 35.99 -22.93 9.22
N GLN B 482 35.00 -22.28 9.82
CA GLN B 482 35.12 -21.75 11.18
C GLN B 482 33.90 -22.08 12.03
N ASN B 483 34.02 -21.82 13.32
CA ASN B 483 32.87 -21.83 14.22
C ASN B 483 32.60 -20.42 14.70
N LYS B 484 31.32 -20.07 14.75
CA LYS B 484 30.87 -18.87 15.45
C LYS B 484 29.62 -19.27 16.17
N THR B 485 29.74 -19.61 17.45
CA THR B 485 28.59 -20.06 18.23
C THR B 485 27.57 -18.94 18.33
N ASN B 486 26.30 -19.30 18.18
CA ASN B 486 25.20 -18.32 18.23
C ASN B 486 25.10 -17.61 19.57
N GLY B 487 24.26 -16.60 19.60
CA GLY B 487 24.01 -15.82 20.81
C GLY B 487 22.74 -15.01 20.67
N ILE B 488 22.35 -14.37 21.78
CA ILE B 488 21.12 -13.60 21.83
C ILE B 488 21.42 -12.25 22.46
N THR B 489 20.73 -11.20 22.02
CA THR B 489 20.97 -9.90 22.60
C THR B 489 20.39 -9.87 24.02
N PRO B 490 21.18 -9.39 24.99
CA PRO B 490 20.66 -9.27 26.35
C PRO B 490 19.84 -8.02 26.57
N ARG B 491 19.57 -7.24 25.51
CA ARG B 491 18.63 -6.12 25.62
C ARG B 491 17.21 -6.64 25.55
N ARG B 492 16.80 -7.15 24.39
CA ARG B 492 15.46 -7.72 24.25
C ARG B 492 15.26 -8.90 25.19
N TRP B 493 16.28 -9.74 25.36
CA TRP B 493 16.11 -11.02 26.05
C TRP B 493 16.52 -11.02 27.52
N LEU B 494 16.71 -9.83 28.09
CA LEU B 494 16.80 -9.66 29.54
C LEU B 494 16.22 -8.31 29.97
N LEU B 495 16.89 -7.22 29.64
CA LEU B 495 16.40 -5.87 29.97
C LEU B 495 14.92 -5.68 29.63
N LEU B 496 14.56 -5.98 28.40
CA LEU B 496 13.19 -5.75 27.92
C LEU B 496 12.19 -6.73 28.51
N CYS B 497 12.47 -8.03 28.36
CA CYS B 497 11.52 -9.07 28.74
C CYS B 497 11.48 -9.35 30.24
N ASN B 498 12.55 -9.02 30.96
CA ASN B 498 12.66 -9.37 32.38
C ASN B 498 13.32 -8.26 33.19
N PRO B 499 12.66 -7.10 33.31
CA PRO B 499 13.24 -5.97 34.04
C PRO B 499 13.50 -6.28 35.51
N GLY B 500 12.63 -7.08 36.11
CA GLY B 500 12.84 -7.55 37.49
C GLY B 500 14.20 -8.18 37.68
N LEU B 501 14.57 -9.10 36.79
CA LEU B 501 15.88 -9.75 36.88
C LEU B 501 17.01 -8.77 36.55
N ALA B 502 16.81 -7.93 35.55
CA ALA B 502 17.81 -6.96 35.12
C ALA B 502 18.13 -5.99 36.26
N GLU B 503 17.08 -5.50 36.91
CA GLU B 503 17.21 -4.60 38.04
C GLU B 503 17.94 -5.29 39.19
N LEU B 504 17.50 -6.51 39.51
CA LEU B 504 18.10 -7.29 40.59
C LEU B 504 19.59 -7.55 40.34
N ILE B 505 19.95 -7.93 39.12
CA ILE B 505 21.35 -8.16 38.78
C ILE B 505 22.17 -6.86 38.84
N ALA B 506 21.62 -5.78 38.31
CA ALA B 506 22.32 -4.49 38.28
C ALA B 506 22.60 -3.95 39.68
N GLU B 507 21.68 -4.21 40.61
CA GLU B 507 21.82 -3.77 41.99
C GLU B 507 23.00 -4.40 42.71
N LYS B 508 23.38 -5.62 42.32
CA LYS B 508 24.49 -6.32 42.96
C LYS B 508 25.84 -6.02 42.28
N ILE B 509 25.90 -6.17 40.96
CA ILE B 509 27.18 -6.09 40.23
C ILE B 509 27.28 -4.90 39.26
N GLY B 510 26.33 -3.96 39.35
CA GLY B 510 26.29 -2.85 38.41
C GLY B 510 25.78 -3.28 37.04
N GLU B 511 25.79 -2.35 36.08
CA GLU B 511 25.14 -2.57 34.79
C GLU B 511 26.09 -2.68 33.59
N ASP B 512 27.37 -2.90 33.83
CA ASP B 512 28.31 -3.20 32.75
C ASP B 512 27.93 -4.46 31.99
N TYR B 513 27.25 -5.38 32.68
CA TYR B 513 26.87 -6.67 32.09
C TYR B 513 26.06 -6.55 30.79
N VAL B 514 25.36 -5.44 30.60
CA VAL B 514 24.55 -5.28 29.40
C VAL B 514 25.43 -5.28 28.14
N LYS B 515 26.55 -4.57 28.19
CA LYS B 515 27.48 -4.50 27.06
C LYS B 515 28.62 -5.54 27.14
N ASP B 516 28.72 -6.25 28.26
CA ASP B 516 29.67 -7.34 28.39
C ASP B 516 29.07 -8.39 29.33
N LEU B 517 28.34 -9.33 28.76
CA LEU B 517 27.55 -10.27 29.54
C LEU B 517 28.40 -11.29 30.30
N SER B 518 29.69 -11.40 29.97
CA SER B 518 30.60 -12.28 30.72
C SER B 518 30.78 -11.78 32.15
N GLN B 519 30.41 -10.52 32.39
CA GLN B 519 30.37 -9.94 33.73
C GLN B 519 29.39 -10.65 34.66
N LEU B 520 28.43 -11.38 34.10
CA LEU B 520 27.50 -12.15 34.91
C LEU B 520 28.20 -13.17 35.83
N THR B 521 29.43 -13.56 35.49
CA THR B 521 30.23 -14.46 36.36
C THR B 521 30.42 -13.94 37.78
N LYS B 522 30.40 -12.62 37.96
CA LYS B 522 30.49 -12.00 39.28
C LYS B 522 29.34 -12.39 40.22
N LEU B 523 28.22 -12.86 39.64
CA LEU B 523 27.10 -13.38 40.43
C LEU B 523 27.47 -14.69 41.16
N HIS B 524 28.50 -15.36 40.68
CA HIS B 524 29.02 -16.57 41.34
C HIS B 524 29.38 -16.29 42.82
N SER B 525 29.74 -15.05 43.13
CA SER B 525 30.03 -14.63 44.50
C SER B 525 28.87 -14.81 45.47
N PHE B 526 27.63 -14.74 44.97
CA PHE B 526 26.44 -14.74 45.81
C PHE B 526 25.80 -16.13 45.96
N LEU B 527 26.56 -17.20 45.71
CA LEU B 527 26.03 -18.56 45.78
C LEU B 527 25.54 -18.98 47.17
N GLY B 528 26.19 -18.48 48.22
CA GLY B 528 25.76 -18.74 49.60
C GLY B 528 24.94 -17.62 50.23
N ASP B 529 24.60 -16.61 49.43
CA ASP B 529 23.78 -15.46 49.86
C ASP B 529 22.30 -15.85 49.84
N ASP B 530 21.78 -16.32 50.98
CA ASP B 530 20.41 -16.84 51.05
C ASP B 530 19.36 -15.77 50.77
N VAL B 531 19.63 -14.53 51.17
CA VAL B 531 18.70 -13.43 50.94
C VAL B 531 18.59 -13.11 49.44
N PHE B 532 19.72 -13.19 48.74
CA PHE B 532 19.75 -12.98 47.29
C PHE B 532 19.04 -14.12 46.54
N LEU B 533 19.15 -15.35 47.04
CA LEU B 533 18.41 -16.47 46.48
C LEU B 533 16.89 -16.31 46.65
N ARG B 534 16.43 -15.81 47.80
CA ARG B 534 15.01 -15.50 47.99
C ARG B 534 14.53 -14.45 46.99
N GLU B 535 15.38 -13.44 46.77
CA GLU B 535 15.06 -12.32 45.88
C GLU B 535 15.07 -12.74 44.41
N LEU B 536 15.93 -13.69 44.07
CA LEU B 536 15.96 -14.27 42.73
C LEU B 536 14.66 -15.02 42.50
N ALA B 537 14.32 -15.89 43.45
CA ALA B 537 13.10 -16.70 43.38
C ALA B 537 11.85 -15.85 43.34
N LYS B 538 11.88 -14.69 43.99
CA LYS B 538 10.73 -13.80 44.03
C LYS B 538 10.49 -13.13 42.69
N VAL B 539 11.58 -12.76 42.00
CA VAL B 539 11.48 -12.20 40.65
C VAL B 539 10.84 -13.20 39.71
N LYS B 540 11.29 -14.46 39.78
CA LYS B 540 10.67 -15.54 39.03
C LYS B 540 9.19 -15.66 39.37
N GLN B 541 8.88 -15.62 40.66
CA GLN B 541 7.49 -15.76 41.12
C GLN B 541 6.60 -14.64 40.55
N GLU B 542 7.11 -13.41 40.57
CA GLU B 542 6.36 -12.27 40.01
C GLU B 542 6.15 -12.42 38.50
N ASN B 543 7.17 -12.89 37.79
CA ASN B 543 7.03 -13.18 36.37
C ASN B 543 5.96 -14.26 36.14
N LYS B 544 5.95 -15.29 36.99
CA LYS B 544 4.96 -16.38 36.90
C LYS B 544 3.54 -15.92 37.19
N LEU B 545 3.36 -15.09 38.22
CA LEU B 545 2.05 -14.55 38.56
C LEU B 545 1.47 -13.80 37.37
N LYS B 546 2.29 -12.95 36.76
CA LYS B 546 1.84 -12.09 35.68
C LYS B 546 1.48 -12.86 34.41
N PHE B 547 2.28 -13.88 34.10
CA PHE B 547 1.98 -14.74 32.95
C PHE B 547 0.80 -15.66 33.24
N SER B 548 0.60 -16.03 34.49
CA SER B 548 -0.58 -16.82 34.88
C SER B 548 -1.85 -16.05 34.57
N GLN B 549 -1.83 -14.74 34.82
CA GLN B 549 -2.95 -13.86 34.50
C GLN B 549 -3.22 -13.87 33.00
N PHE B 550 -2.16 -13.67 32.21
CA PHE B 550 -2.23 -13.80 30.76
C PHE B 550 -2.88 -15.13 30.35
N LEU B 551 -2.48 -16.23 31.01
CA LEU B 551 -2.98 -17.56 30.67
C LEU B 551 -4.45 -17.75 31.04
N GLU B 552 -4.88 -17.16 32.14
CA GLU B 552 -6.28 -17.30 32.59
C GLU B 552 -7.21 -16.42 31.77
N THR B 553 -6.71 -15.27 31.31
CA THR B 553 -7.45 -14.41 30.38
C THR B 553 -7.69 -15.09 29.03
N GLU B 554 -6.67 -15.77 28.52
CA GLU B 554 -6.69 -16.31 27.16
C GLU B 554 -7.24 -17.73 27.06
N TYR B 555 -7.07 -18.56 28.11
CA TYR B 555 -7.41 -19.99 28.03
C TYR B 555 -8.48 -20.50 29.00
N LYS B 556 -8.94 -19.67 29.92
CA LYS B 556 -10.01 -20.08 30.85
C LYS B 556 -9.63 -21.40 31.53
N VAL B 557 -8.40 -21.47 32.01
CA VAL B 557 -7.85 -22.64 32.71
C VAL B 557 -7.26 -22.14 34.03
N LYS B 558 -7.66 -22.75 35.14
CA LYS B 558 -7.15 -22.32 36.46
C LYS B 558 -5.70 -22.80 36.65
N ILE B 559 -4.79 -21.84 36.84
CA ILE B 559 -3.38 -22.13 36.96
C ILE B 559 -2.95 -22.27 38.42
N ASN B 560 -2.20 -23.32 38.72
CA ASN B 560 -1.60 -23.52 40.03
C ASN B 560 -0.36 -22.61 40.12
N PRO B 561 -0.40 -21.61 41.01
CA PRO B 561 0.71 -20.64 41.03
C PRO B 561 2.04 -21.24 41.51
N SER B 562 1.98 -22.30 42.30
CA SER B 562 3.17 -22.92 42.87
C SER B 562 3.65 -24.13 42.06
N SER B 563 3.00 -24.38 40.91
CA SER B 563 3.45 -25.43 40.00
C SER B 563 4.71 -25.00 39.24
N MET B 564 5.51 -25.98 38.84
CA MET B 564 6.68 -25.78 37.99
C MET B 564 6.22 -25.45 36.56
N PHE B 565 6.66 -24.31 36.04
CA PHE B 565 6.35 -23.94 34.66
C PHE B 565 7.34 -24.62 33.72
N ASP B 566 6.87 -25.70 33.10
CA ASP B 566 7.65 -26.56 32.21
C ASP B 566 7.30 -26.22 30.75
N VAL B 567 8.22 -25.55 30.07
CA VAL B 567 7.90 -24.90 28.80
C VAL B 567 8.75 -25.39 27.64
N GLN B 568 8.07 -25.78 26.55
CA GLN B 568 8.71 -26.08 25.27
C GLN B 568 8.11 -25.16 24.22
N VAL B 569 8.87 -24.16 23.81
CA VAL B 569 8.39 -23.24 22.78
C VAL B 569 9.44 -23.10 21.70
N LYS B 570 8.99 -23.33 20.46
CA LYS B 570 9.83 -23.40 19.27
C LYS B 570 8.94 -23.87 18.11
N ARG B 571 9.43 -23.79 16.89
CA ARG B 571 8.65 -24.26 15.74
C ARG B 571 8.38 -25.76 15.89
N ILE B 572 7.20 -26.20 15.45
CA ILE B 572 6.81 -27.59 15.62
C ILE B 572 7.49 -28.43 14.57
N HIS B 573 8.25 -29.43 15.03
CA HIS B 573 9.12 -30.26 14.21
C HIS B 573 9.19 -31.66 14.78
N GLU B 574 9.40 -32.64 13.90
CA GLU B 574 9.65 -33.99 14.35
C GLU B 574 10.99 -34.07 15.09
N TYR B 575 11.99 -33.36 14.58
CA TYR B 575 13.33 -33.42 15.16
C TYR B 575 13.47 -32.70 16.50
N LYS B 576 12.66 -31.67 16.70
CA LYS B 576 12.63 -30.96 17.98
C LYS B 576 11.85 -31.75 19.03
N ARG B 577 11.07 -32.73 18.57
CA ARG B 577 10.43 -33.74 19.42
C ARG B 577 9.51 -33.18 20.51
N GLN B 578 8.60 -32.27 20.14
CA GLN B 578 7.49 -31.91 21.01
C GLN B 578 6.72 -33.18 21.36
N LEU B 579 6.67 -34.10 20.39
CA LEU B 579 6.04 -35.40 20.56
C LEU B 579 6.59 -36.17 21.77
N LEU B 580 7.91 -36.16 21.95
CA LEU B 580 8.53 -36.80 23.12
C LEU B 580 8.04 -36.15 24.42
N ASN B 581 8.00 -34.82 24.45
CA ASN B 581 7.41 -34.09 25.59
C ASN B 581 5.98 -34.57 25.87
N CYS B 582 5.21 -34.72 24.80
CA CYS B 582 3.80 -35.12 24.91
C CYS B 582 3.64 -36.51 25.54
N LEU B 583 4.51 -37.44 25.17
CA LEU B 583 4.50 -38.77 25.78
C LEU B 583 4.74 -38.68 27.28
N HIS B 584 5.65 -37.79 27.70
CA HIS B 584 5.90 -37.58 29.12
C HIS B 584 4.71 -36.97 29.85
N VAL B 585 3.96 -36.12 29.17
CA VAL B 585 2.78 -35.51 29.76
C VAL B 585 1.74 -36.58 30.10
N ILE B 586 1.55 -37.52 29.17
CA ILE B 586 0.60 -38.61 29.37
C ILE B 586 1.11 -39.58 30.45
N THR B 587 2.43 -39.80 30.50
CA THR B 587 3.02 -40.62 31.54
C THR B 587 2.69 -40.06 32.92
N MET B 588 2.89 -38.76 33.09
CA MET B 588 2.55 -38.08 34.35
C MET B 588 1.07 -38.24 34.67
N TYR B 589 0.22 -37.97 33.68
CA TYR B 589 -1.22 -38.14 33.81
C TYR B 589 -1.58 -39.52 34.35
N ASN B 590 -1.02 -40.56 33.72
CA ASN B 590 -1.31 -41.94 34.08
C ASN B 590 -0.83 -42.28 35.49
N ARG B 591 0.37 -41.82 35.84
CA ARG B 591 0.90 -42.00 37.20
C ARG B 591 -0.04 -41.42 38.26
N ILE B 592 -0.61 -40.25 37.95
CA ILE B 592 -1.56 -39.58 38.83
C ILE B 592 -2.84 -40.41 38.97
N LYS B 593 -3.36 -40.90 37.85
CA LYS B 593 -4.58 -41.72 37.86
C LYS B 593 -4.39 -43.05 38.61
N LYS B 594 -3.21 -43.65 38.49
CA LYS B 594 -2.94 -44.93 39.16
C LYS B 594 -2.86 -44.77 40.68
N ASP B 595 -2.32 -43.65 41.16
CA ASP B 595 -2.17 -43.41 42.59
C ASP B 595 -2.40 -41.94 42.96
N PRO B 596 -3.68 -41.53 43.04
CA PRO B 596 -4.02 -40.13 43.30
C PRO B 596 -3.53 -39.58 44.64
N LYS B 597 -3.23 -40.46 45.59
CA LYS B 597 -2.75 -40.06 46.91
C LYS B 597 -1.24 -39.83 46.94
N LYS B 598 -0.53 -40.40 45.96
CA LYS B 598 0.93 -40.29 45.86
C LYS B 598 1.39 -38.85 45.70
N LEU B 599 2.57 -38.55 46.23
CA LEU B 599 3.20 -37.23 46.09
C LEU B 599 3.47 -36.94 44.62
N PHE B 600 3.03 -35.77 44.17
CA PHE B 600 3.29 -35.33 42.80
C PHE B 600 3.65 -33.84 42.80
N VAL B 601 4.81 -33.52 42.23
CA VAL B 601 5.23 -32.14 42.12
C VAL B 601 4.42 -31.50 40.99
N PRO B 602 3.54 -30.54 41.34
CA PRO B 602 2.62 -30.03 40.34
C PRO B 602 3.34 -29.28 39.21
N ARG B 603 2.82 -29.42 37.99
CA ARG B 603 3.37 -28.72 36.84
C ARG B 603 2.29 -28.01 36.03
N THR B 604 2.70 -26.90 35.43
CA THR B 604 2.00 -26.32 34.28
C THR B 604 2.91 -26.57 33.08
N VAL B 605 2.48 -27.47 32.19
CA VAL B 605 3.27 -27.79 30.99
C VAL B 605 2.75 -26.99 29.81
N ILE B 606 3.62 -26.15 29.26
CA ILE B 606 3.30 -25.30 28.13
C ILE B 606 4.10 -25.73 26.91
N ILE B 607 3.40 -26.08 25.83
CA ILE B 607 4.02 -26.37 24.55
C ILE B 607 3.44 -25.41 23.52
N GLY B 608 4.31 -24.78 22.72
CA GLY B 608 3.88 -23.75 21.78
C GLY B 608 4.76 -23.67 20.56
N GLY B 609 4.19 -23.23 19.45
CA GLY B 609 4.93 -23.12 18.21
C GLY B 609 4.05 -23.31 16.99
N LYS B 610 4.50 -22.77 15.87
CA LYS B 610 3.77 -22.84 14.63
C LYS B 610 4.24 -24.05 13.83
N ALA B 611 3.30 -24.70 13.16
CA ALA B 611 3.63 -25.72 12.19
C ALA B 611 3.61 -25.05 10.82
N ALA B 612 4.61 -25.33 9.99
CA ALA B 612 4.55 -24.94 8.59
C ALA B 612 3.25 -25.50 8.03
N PRO B 613 2.49 -24.68 7.28
CA PRO B 613 1.15 -25.07 6.82
C PRO B 613 1.04 -26.43 6.09
N GLY B 614 2.02 -26.76 5.26
CA GLY B 614 2.00 -28.02 4.52
C GLY B 614 2.66 -29.19 5.23
N TYR B 615 3.01 -29.01 6.51
CA TYR B 615 3.73 -30.03 7.25
C TYR B 615 2.72 -30.84 8.04
N HIS B 616 2.24 -31.91 7.41
CA HIS B 616 1.16 -32.73 7.96
C HIS B 616 1.45 -33.28 9.35
N MET B 617 2.65 -33.81 9.57
CA MET B 617 2.97 -34.43 10.87
C MET B 617 3.03 -33.41 12.00
N ALA B 618 3.53 -32.20 11.70
CA ALA B 618 3.57 -31.12 12.68
C ALA B 618 2.14 -30.78 13.13
N LYS B 619 1.23 -30.66 12.16
CA LYS B 619 -0.18 -30.39 12.43
C LYS B 619 -0.87 -31.48 13.26
N MET B 620 -0.52 -32.74 13.01
CA MET B 620 -1.04 -33.87 13.80
C MET B 620 -0.56 -33.81 15.26
N ILE B 621 0.73 -33.50 15.44
CA ILE B 621 1.32 -33.36 16.77
C ILE B 621 0.62 -32.26 17.59
N ILE B 622 0.34 -31.13 16.94
CA ILE B 622 -0.45 -30.06 17.57
C ILE B 622 -1.81 -30.60 18.04
N LYS B 623 -2.53 -31.28 17.15
CA LYS B 623 -3.84 -31.83 17.48
C LYS B 623 -3.75 -32.78 18.67
N LEU B 624 -2.71 -33.61 18.69
CA LEU B 624 -2.50 -34.53 19.81
C LEU B 624 -2.35 -33.77 21.13
N ILE B 625 -1.47 -32.77 21.14
CA ILE B 625 -1.19 -31.97 22.34
C ILE B 625 -2.47 -31.33 22.88
N THR B 626 -3.24 -30.69 22.00
CA THR B 626 -4.50 -30.08 22.41
C THR B 626 -5.53 -31.12 22.83
N SER B 627 -5.46 -32.33 22.26
CA SER B 627 -6.33 -33.43 22.66
C SER B 627 -5.96 -33.94 24.06
N VAL B 628 -4.67 -34.05 24.33
CA VAL B 628 -4.19 -34.43 25.64
C VAL B 628 -4.58 -33.38 26.68
N ALA B 629 -4.34 -32.11 26.38
CA ALA B 629 -4.63 -31.02 27.31
C ALA B 629 -6.08 -31.08 27.76
N ASP B 630 -6.99 -31.20 26.79
CA ASP B 630 -8.42 -31.24 27.07
C ASP B 630 -8.77 -32.36 28.05
N VAL B 631 -8.14 -33.51 27.92
CA VAL B 631 -8.36 -34.65 28.83
C VAL B 631 -7.72 -34.41 30.21
N VAL B 632 -6.50 -33.86 30.23
CA VAL B 632 -5.79 -33.63 31.49
C VAL B 632 -6.41 -32.48 32.29
N ASN B 633 -6.69 -31.38 31.61
CA ASN B 633 -7.21 -30.17 32.26
C ASN B 633 -8.61 -30.36 32.85
N ASN B 634 -9.37 -31.32 32.35
CA ASN B 634 -10.75 -31.52 32.77
C ASN B 634 -11.00 -32.79 33.59
N ASP B 635 -9.96 -33.59 33.80
CA ASP B 635 -10.05 -34.77 34.66
C ASP B 635 -10.05 -34.30 36.12
N PRO B 636 -11.13 -34.58 36.87
CA PRO B 636 -11.23 -34.09 38.25
C PRO B 636 -10.26 -34.74 39.24
N MET B 637 -9.88 -36.00 38.98
N MET B 637 -9.85 -35.99 39.01
CA MET B 637 -8.86 -36.73 39.78
CA MET B 637 -8.87 -36.63 39.89
C MET B 637 -7.48 -36.06 39.72
C MET B 637 -7.43 -36.14 39.66
N VAL B 638 -7.22 -35.32 38.64
CA VAL B 638 -5.94 -34.63 38.41
C VAL B 638 -5.97 -33.25 39.05
N GLY B 639 -6.98 -32.46 38.67
CA GLY B 639 -7.17 -31.11 39.20
C GLY B 639 -5.95 -30.23 39.02
N SER B 640 -5.49 -29.64 40.13
CA SER B 640 -4.41 -28.66 40.11
C SER B 640 -2.99 -29.26 40.13
N LYS B 641 -2.88 -30.57 39.99
CA LYS B 641 -1.56 -31.22 39.90
C LYS B 641 -0.91 -31.05 38.51
N LEU B 642 -1.72 -31.07 37.45
CA LEU B 642 -1.20 -31.02 36.09
C LEU B 642 -2.15 -30.30 35.15
N LYS B 643 -1.67 -29.18 34.60
CA LYS B 643 -2.38 -28.46 33.55
C LYS B 643 -1.50 -28.38 32.30
N VAL B 644 -2.10 -28.61 31.13
CA VAL B 644 -1.39 -28.53 29.85
C VAL B 644 -1.99 -27.40 29.02
N ILE B 645 -1.12 -26.55 28.45
CA ILE B 645 -1.54 -25.43 27.61
C ILE B 645 -0.79 -25.50 26.28
N PHE B 646 -1.51 -25.58 25.18
CA PHE B 646 -0.90 -25.28 23.89
C PHE B 646 -0.91 -23.76 23.71
N LEU B 647 0.28 -23.17 23.69
CA LEU B 647 0.42 -21.73 23.64
C LEU B 647 0.27 -21.27 22.19
N GLU B 648 -0.81 -20.54 21.92
CA GLU B 648 -1.18 -20.15 20.57
C GLU B 648 -0.36 -18.99 20.06
N ASN B 649 -0.01 -19.07 18.77
CA ASN B 649 0.62 -17.96 18.05
C ASN B 649 1.98 -17.55 18.63
N TYR B 650 2.79 -18.54 18.98
CA TYR B 650 4.12 -18.27 19.48
C TYR B 650 4.87 -17.37 18.50
N ARG B 651 5.42 -16.29 19.05
CA ARG B 651 6.13 -15.29 18.26
C ARG B 651 7.03 -14.51 19.19
N VAL B 652 7.83 -13.59 18.64
CA VAL B 652 8.82 -12.87 19.44
C VAL B 652 8.24 -12.18 20.67
N SER B 653 7.15 -11.43 20.52
CA SER B 653 6.59 -10.67 21.65
C SER B 653 5.96 -11.59 22.71
N LEU B 654 5.43 -12.73 22.30
CA LEU B 654 4.95 -13.73 23.24
C LEU B 654 6.14 -14.48 23.89
N ALA B 655 7.19 -14.72 23.10
CA ALA B 655 8.44 -15.25 23.63
C ALA B 655 8.93 -14.44 24.82
N GLU B 656 8.82 -13.12 24.71
CA GLU B 656 9.23 -12.21 25.79
C GLU B 656 8.37 -12.34 27.04
N LYS B 657 7.11 -12.76 26.89
CA LYS B 657 6.23 -12.95 28.04
C LYS B 657 6.51 -14.29 28.74
N VAL B 658 6.57 -15.38 27.99
CA VAL B 658 6.63 -16.73 28.59
C VAL B 658 8.01 -17.11 29.17
N ILE B 659 9.08 -16.74 28.48
CA ILE B 659 10.44 -17.17 28.85
C ILE B 659 10.86 -16.73 30.27
N PRO B 660 10.61 -15.47 30.64
CA PRO B 660 10.88 -15.03 32.02
C PRO B 660 10.04 -15.72 33.12
N ALA B 661 8.93 -16.33 32.73
CA ALA B 661 8.06 -17.04 33.66
C ALA B 661 8.38 -18.54 33.75
N THR B 662 9.45 -18.98 33.09
CA THR B 662 9.71 -20.41 32.97
C THR B 662 10.64 -20.96 34.05
N ASP B 663 10.36 -22.18 34.50
CA ASP B 663 11.22 -22.89 35.44
C ASP B 663 12.06 -23.95 34.75
N LEU B 664 11.42 -24.72 33.87
CA LEU B 664 12.09 -25.79 33.16
C LEU B 664 12.01 -25.54 31.66
N SER B 665 13.17 -25.45 31.01
CA SER B 665 13.27 -25.21 29.58
C SER B 665 13.50 -26.51 28.84
N GLU B 666 12.58 -26.86 27.95
CA GLU B 666 12.65 -28.13 27.22
C GLU B 666 13.44 -27.92 25.95
N GLN B 667 14.58 -28.62 25.84
CA GLN B 667 15.47 -28.50 24.69
C GLN B 667 15.91 -29.91 24.27
N ILE B 668 14.97 -30.66 23.69
CA ILE B 668 15.05 -32.11 23.65
C ILE B 668 15.17 -32.70 22.24
N SER B 669 15.80 -31.96 21.33
CA SER B 669 16.05 -32.42 19.97
C SER B 669 16.96 -33.66 19.96
N THR B 670 16.75 -34.54 18.99
CA THR B 670 17.60 -35.73 18.87
C THR B 670 19.03 -35.28 18.57
N ALA B 671 19.98 -35.87 19.29
CA ALA B 671 21.39 -35.49 19.17
C ALA B 671 21.83 -35.45 17.71
N GLY B 672 22.40 -34.32 17.29
CA GLY B 672 22.92 -34.13 15.93
C GLY B 672 22.03 -33.34 15.01
N THR B 673 20.79 -33.07 15.43
CA THR B 673 19.78 -32.46 14.57
C THR B 673 19.69 -30.94 14.67
N GLU B 674 19.83 -30.41 15.89
CA GLU B 674 19.70 -28.97 16.14
C GLU B 674 21.07 -28.31 16.02
N ALA B 675 21.29 -27.52 14.97
CA ALA B 675 22.59 -26.88 14.75
C ALA B 675 23.08 -26.15 15.99
N SER B 676 22.26 -25.28 16.55
CA SER B 676 22.59 -24.57 17.78
C SER B 676 21.42 -24.49 18.76
N GLY B 677 20.31 -23.91 18.29
CA GLY B 677 19.27 -23.42 19.18
C GLY B 677 19.69 -22.04 19.66
N THR B 678 18.70 -21.21 19.98
CA THR B 678 18.95 -19.93 20.61
C THR B 678 17.95 -19.69 21.74
N GLY B 679 16.76 -20.28 21.64
CA GLY B 679 15.79 -20.27 22.71
C GLY B 679 16.37 -20.88 23.96
N ASN B 680 17.16 -21.93 23.80
CA ASN B 680 17.89 -22.53 24.90
C ASN B 680 18.66 -21.49 25.73
N MET B 681 19.29 -20.55 25.05
CA MET B 681 20.08 -19.50 25.69
C MET B 681 19.16 -18.49 26.41
N LYS B 682 18.08 -18.10 25.74
CA LYS B 682 17.11 -17.17 26.33
C LYS B 682 16.59 -17.66 27.69
N PHE B 683 16.23 -18.93 27.77
CA PHE B 683 15.77 -19.53 29.02
C PHE B 683 16.87 -19.53 30.10
N MET B 684 18.10 -19.87 29.71
CA MET B 684 19.23 -19.89 30.65
C MET B 684 19.40 -18.50 31.28
N LEU B 685 19.27 -17.46 30.46
CA LEU B 685 19.50 -16.08 30.89
C LEU B 685 18.41 -15.57 31.82
N ASN B 686 17.22 -16.15 31.74
CA ASN B 686 16.06 -15.68 32.51
C ASN B 686 15.68 -16.55 33.71
N GLY B 687 16.56 -17.48 34.06
CA GLY B 687 16.41 -18.21 35.33
C GLY B 687 15.60 -19.49 35.23
N ALA B 688 15.63 -20.13 34.06
CA ALA B 688 15.09 -21.48 33.89
C ALA B 688 16.24 -22.46 33.89
N LEU B 689 16.01 -23.66 34.39
CA LEU B 689 16.96 -24.75 34.24
C LEU B 689 16.61 -25.51 32.96
N THR B 690 17.61 -26.14 32.35
CA THR B 690 17.42 -26.82 31.08
C THR B 690 17.37 -28.33 31.25
N ILE B 691 16.36 -28.95 30.65
CA ILE B 691 16.35 -30.40 30.43
C ILE B 691 16.55 -30.60 28.94
N GLY B 692 17.60 -31.35 28.57
CA GLY B 692 17.93 -31.50 27.17
C GLY B 692 18.97 -32.55 26.84
N THR B 693 19.08 -32.79 25.54
CA THR B 693 20.10 -33.66 24.97
C THR B 693 21.40 -32.89 24.81
N MET B 694 22.50 -33.61 24.61
CA MET B 694 23.77 -33.00 24.24
C MET B 694 23.72 -32.70 22.75
N ASP B 695 23.07 -31.58 22.39
CA ASP B 695 22.87 -31.21 21.00
C ASP B 695 23.00 -29.72 20.82
N GLY B 696 23.52 -29.32 19.66
CA GLY B 696 23.70 -27.90 19.36
C GLY B 696 24.43 -27.15 20.47
N ALA B 697 23.86 -26.02 20.88
CA ALA B 697 24.47 -25.15 21.88
C ALA B 697 24.27 -25.64 23.32
N ASN B 698 23.40 -26.64 23.52
CA ASN B 698 23.23 -27.26 24.84
C ASN B 698 24.56 -27.75 25.39
N VAL B 699 25.40 -28.31 24.51
CA VAL B 699 26.71 -28.82 24.90
C VAL B 699 27.56 -27.71 25.53
N GLU B 700 27.55 -26.55 24.89
CA GLU B 700 28.33 -25.42 25.36
C GLU B 700 27.73 -24.79 26.62
N MET B 701 26.41 -24.83 26.75
CA MET B 701 25.74 -24.41 27.99
C MET B 701 26.25 -25.28 29.15
N ALA B 702 26.29 -26.60 28.94
CA ALA B 702 26.89 -27.53 29.89
C ALA B 702 28.35 -27.18 30.18
N GLU B 703 29.13 -26.92 29.13
CA GLU B 703 30.54 -26.54 29.29
C GLU B 703 30.71 -25.34 30.24
N GLU B 704 29.87 -24.32 30.06
CA GLU B 704 29.98 -23.08 30.82
C GLU B 704 29.42 -23.18 32.24
N ALA B 705 28.26 -23.82 32.37
CA ALA B 705 27.55 -23.88 33.64
C ALA B 705 27.95 -25.09 34.49
N GLY B 706 28.56 -26.08 33.84
CA GLY B 706 28.85 -27.35 34.48
C GLY B 706 27.73 -28.33 34.18
N GLU B 707 28.10 -29.47 33.61
CA GLU B 707 27.14 -30.48 33.19
C GLU B 707 26.17 -30.90 34.29
N GLU B 708 26.61 -30.86 35.54
CA GLU B 708 25.74 -31.26 36.66
C GLU B 708 24.64 -30.23 36.94
N ASN B 709 24.76 -29.04 36.33
CA ASN B 709 23.80 -27.95 36.56
C ASN B 709 22.74 -27.84 35.47
N LEU B 710 22.82 -28.71 34.46
CA LEU B 710 21.73 -28.91 33.51
C LEU B 710 21.21 -30.31 33.74
N PHE B 711 20.02 -30.57 33.23
CA PHE B 711 19.45 -31.91 33.26
C PHE B 711 19.65 -32.58 31.91
N ILE B 712 20.87 -33.04 31.66
CA ILE B 712 21.21 -33.71 30.43
C ILE B 712 20.77 -35.18 30.47
N PHE B 713 20.28 -35.66 29.34
CA PHE B 713 19.77 -37.02 29.21
C PHE B 713 19.89 -37.54 27.77
N GLY B 714 19.72 -38.85 27.63
CA GLY B 714 19.51 -39.48 26.33
C GLY B 714 20.76 -39.76 25.53
N MET B 715 20.54 -40.19 24.30
CA MET B 715 21.63 -40.56 23.41
C MET B 715 22.44 -39.33 23.02
N ARG B 716 23.73 -39.56 22.83
CA ARG B 716 24.61 -38.54 22.30
C ARG B 716 24.84 -38.89 20.85
N ILE B 717 25.56 -38.02 20.15
CA ILE B 717 25.71 -38.16 18.71
C ILE B 717 26.25 -39.54 18.30
N ASP B 718 27.22 -40.07 19.05
CA ASP B 718 27.79 -41.38 18.77
C ASP B 718 26.81 -42.52 19.05
N ASP B 719 26.00 -42.38 20.10
CA ASP B 719 24.99 -43.39 20.45
C ASP B 719 23.94 -43.50 19.35
N VAL B 720 23.61 -42.36 18.74
CA VAL B 720 22.65 -42.30 17.63
C VAL B 720 23.23 -42.96 16.38
N ALA B 721 24.49 -42.65 16.09
CA ALA B 721 25.20 -43.28 14.97
C ALA B 721 25.23 -44.79 15.14
N ALA B 722 25.47 -45.24 16.37
CA ALA B 722 25.51 -46.66 16.69
C ALA B 722 24.16 -47.35 16.49
N LEU B 723 23.07 -46.62 16.70
CA LEU B 723 21.73 -47.17 16.54
C LEU B 723 21.27 -47.15 15.08
N ASP B 724 21.79 -46.20 14.30
CA ASP B 724 21.56 -46.18 12.86
C ASP B 724 22.23 -47.36 12.17
N LYS B 725 23.50 -47.58 12.51
CA LYS B 725 24.26 -48.74 12.04
C LYS B 725 23.50 -50.03 12.35
N LYS B 726 23.21 -50.23 13.63
CA LYS B 726 22.52 -51.42 14.12
C LYS B 726 21.09 -51.57 13.58
N GLY B 727 20.46 -50.44 13.23
CA GLY B 727 19.08 -50.44 12.75
C GLY B 727 18.10 -50.19 13.88
N TYR B 728 17.29 -49.14 13.74
CA TYR B 728 16.38 -48.72 14.81
C TYR B 728 15.07 -49.48 14.73
N GLU B 729 14.75 -50.23 15.78
CA GLU B 729 13.49 -50.98 15.87
C GLU B 729 12.65 -50.43 17.02
N ALA B 730 11.70 -49.54 16.69
CA ALA B 730 10.87 -48.85 17.69
C ALA B 730 10.04 -49.81 18.56
N LYS B 731 9.61 -50.92 17.97
CA LYS B 731 8.76 -51.90 18.65
C LYS B 731 9.40 -52.49 19.92
N GLU B 732 10.73 -52.65 19.91
CA GLU B 732 11.46 -53.22 21.04
C GLU B 732 11.27 -52.43 22.33
N TYR B 733 11.27 -51.10 22.22
CA TYR B 733 11.12 -50.21 23.39
C TYR B 733 9.67 -50.24 23.91
N TYR B 734 8.72 -50.19 22.99
CA TYR B 734 7.27 -50.27 23.30
C TYR B 734 6.91 -51.57 24.03
N GLU B 735 7.59 -52.67 23.68
CA GLU B 735 7.41 -53.93 24.37
C GLU B 735 8.19 -53.98 25.68
N ALA B 736 9.37 -53.37 25.72
CA ALA B 736 10.24 -53.40 26.90
C ALA B 736 9.85 -52.41 28.01
N LEU B 737 9.03 -51.42 27.68
CA LEU B 737 8.70 -50.35 28.63
C LEU B 737 7.18 -50.25 28.84
N PRO B 738 6.67 -50.82 29.94
CA PRO B 738 5.24 -50.82 30.27
C PRO B 738 4.53 -49.45 30.17
N GLU B 739 5.14 -48.42 30.74
CA GLU B 739 4.54 -47.07 30.72
C GLU B 739 4.45 -46.49 29.31
N LEU B 740 5.46 -46.75 28.49
CA LEU B 740 5.41 -46.40 27.07
C LEU B 740 4.26 -47.10 26.35
N LYS B 741 4.05 -48.37 26.65
CA LYS B 741 2.99 -49.15 26.01
C LYS B 741 1.60 -48.56 26.30
N LEU B 742 1.31 -48.29 27.57
CA LEU B 742 0.02 -47.70 27.94
C LEU B 742 -0.20 -46.33 27.27
N VAL B 743 0.85 -45.51 27.24
CA VAL B 743 0.79 -44.23 26.55
C VAL B 743 0.45 -44.39 25.07
N ILE B 744 1.21 -45.24 24.37
CA ILE B 744 1.00 -45.46 22.94
C ILE B 744 -0.36 -46.09 22.64
N ASP B 745 -0.81 -46.99 23.51
CA ASP B 745 -2.10 -47.65 23.33
C ASP B 745 -3.26 -46.67 23.49
N GLN B 746 -3.17 -45.84 24.53
CA GLN B 746 -4.15 -44.77 24.75
C GLN B 746 -4.29 -43.90 23.49
N ILE B 747 -3.16 -43.49 22.93
CA ILE B 747 -3.14 -42.67 21.72
C ILE B 747 -3.71 -43.43 20.52
N ASP B 748 -3.29 -44.69 20.37
CA ASP B 748 -3.65 -45.52 19.22
C ASP B 748 -5.13 -45.93 19.20
N ASN B 749 -5.69 -46.17 20.38
CA ASN B 749 -7.05 -46.74 20.51
C ASN B 749 -8.13 -45.72 20.85
N GLY B 750 -7.77 -44.44 20.85
CA GLY B 750 -8.76 -43.36 20.94
C GLY B 750 -9.03 -42.78 22.31
N PHE B 751 -8.19 -43.08 23.30
CA PHE B 751 -8.35 -42.52 24.65
C PHE B 751 -8.40 -40.98 24.62
N PHE B 752 -7.60 -40.37 23.74
CA PHE B 752 -7.55 -38.91 23.62
C PHE B 752 -8.36 -38.35 22.44
N SER B 753 -8.96 -39.24 21.66
CA SER B 753 -9.87 -38.84 20.59
C SER B 753 -11.06 -39.81 20.52
N PRO B 754 -11.90 -39.83 21.58
CA PRO B 754 -12.99 -40.81 21.65
C PRO B 754 -13.92 -40.85 20.43
N LYS B 755 -14.19 -39.69 19.82
CA LYS B 755 -15.05 -39.63 18.63
C LYS B 755 -14.30 -39.99 17.35
N GLN B 756 -12.98 -40.11 17.44
CA GLN B 756 -12.15 -40.48 16.30
C GLN B 756 -10.99 -41.36 16.75
N PRO B 757 -11.30 -42.63 17.11
CA PRO B 757 -10.29 -43.53 17.69
C PRO B 757 -9.03 -43.68 16.84
N ASP B 758 -9.18 -43.64 15.53
CA ASP B 758 -8.08 -43.82 14.58
C ASP B 758 -7.40 -42.50 14.17
N LEU B 759 -7.72 -41.40 14.86
CA LEU B 759 -7.28 -40.05 14.45
C LEU B 759 -5.75 -39.89 14.39
N PHE B 760 -5.04 -40.54 15.30
CA PHE B 760 -3.59 -40.38 15.40
C PHE B 760 -2.80 -41.52 14.72
N LYS B 761 -3.45 -42.21 13.78
CA LYS B 761 -2.85 -43.34 13.05
C LYS B 761 -1.54 -42.96 12.35
N ASP B 762 -1.53 -41.80 11.71
CA ASP B 762 -0.35 -41.32 11.00
C ASP B 762 0.85 -41.13 11.94
N ILE B 763 0.59 -40.69 13.19
CA ILE B 763 1.65 -40.52 14.19
C ILE B 763 2.22 -41.87 14.65
N ILE B 764 1.32 -42.78 15.01
CA ILE B 764 1.70 -44.12 15.49
C ILE B 764 2.52 -44.85 14.43
N ASN B 765 2.02 -44.87 13.20
CA ASN B 765 2.72 -45.44 12.07
C ASN B 765 4.14 -44.89 11.95
N MET B 766 4.25 -43.56 12.01
CA MET B 766 5.55 -42.90 11.95
C MET B 766 6.45 -43.38 13.08
N LEU B 767 5.93 -43.40 14.30
CA LEU B 767 6.71 -43.76 15.48
C LEU B 767 7.33 -45.15 15.36
N PHE B 768 6.55 -46.11 14.86
CA PHE B 768 6.99 -47.50 14.80
C PHE B 768 7.86 -47.82 13.58
N TYR B 769 7.59 -47.16 12.45
CA TYR B 769 8.18 -47.58 11.16
C TYR B 769 9.00 -46.52 10.41
N HIS B 770 8.80 -45.23 10.71
CA HIS B 770 9.47 -44.17 9.95
C HIS B 770 10.01 -43.04 10.83
N ASP B 771 10.31 -43.32 12.10
CA ASP B 771 10.80 -42.29 13.01
C ASP B 771 12.30 -42.07 12.86
N ARG B 772 12.66 -41.05 12.09
CA ARG B 772 14.08 -40.71 11.90
C ARG B 772 14.73 -40.10 13.13
N PHE B 773 13.93 -39.78 14.15
CA PHE B 773 14.43 -39.02 15.31
C PHE B 773 14.32 -39.78 16.63
N LYS B 774 13.89 -41.03 16.55
CA LYS B 774 14.10 -42.02 17.60
C LYS B 774 13.53 -41.60 18.95
N VAL B 775 12.25 -41.22 18.93
CA VAL B 775 11.54 -40.78 20.13
C VAL B 775 11.55 -41.83 21.23
N PHE B 776 11.19 -43.07 20.89
CA PHE B 776 11.13 -44.16 21.87
C PHE B 776 12.49 -44.49 22.47
N ALA B 777 13.56 -44.29 21.68
CA ALA B 777 14.91 -44.62 22.12
C ALA B 777 15.40 -43.72 23.26
N ASP B 778 14.83 -42.52 23.37
CA ASP B 778 15.19 -41.59 24.45
C ASP B 778 14.10 -41.46 25.52
N TYR B 779 12.99 -42.17 25.34
CA TYR B 779 11.84 -42.04 26.24
C TYR B 779 12.18 -42.39 27.68
N GLU B 780 12.80 -43.54 27.90
CA GLU B 780 13.13 -43.99 29.26
C GLU B 780 14.05 -42.99 29.94
N ALA B 781 15.17 -42.68 29.29
CA ALA B 781 16.13 -41.71 29.80
C ALA B 781 15.46 -40.36 30.09
N TYR B 782 14.61 -39.90 29.17
CA TYR B 782 13.91 -38.62 29.33
C TYR B 782 13.03 -38.63 30.58
N VAL B 783 12.25 -39.69 30.74
CA VAL B 783 11.32 -39.77 31.88
C VAL B 783 12.05 -39.80 33.24
N LYS B 784 13.15 -40.55 33.32
CA LYS B 784 13.94 -40.61 34.56
C LYS B 784 14.57 -39.26 34.86
N CYS B 785 15.04 -38.59 33.80
CA CYS B 785 15.57 -37.26 33.94
C CYS B 785 14.49 -36.33 34.52
N GLN B 786 13.29 -36.40 33.96
CA GLN B 786 12.17 -35.59 34.45
C GLN B 786 11.88 -35.80 35.94
N ASP B 787 12.03 -37.05 36.40
CA ASP B 787 11.89 -37.37 37.82
C ASP B 787 12.91 -36.62 38.66
N LYS B 788 14.16 -36.60 38.19
CA LYS B 788 15.22 -35.86 38.87
C LYS B 788 14.92 -34.35 38.94
N VAL B 789 14.27 -33.80 37.92
CA VAL B 789 13.88 -32.40 37.91
C VAL B 789 12.84 -32.14 38.99
N SER B 790 11.84 -33.02 39.08
CA SER B 790 10.82 -32.90 40.11
C SER B 790 11.42 -32.95 41.51
N GLN B 791 12.37 -33.87 41.74
CA GLN B 791 13.05 -33.97 43.03
C GLN B 791 13.63 -32.61 43.41
N LEU B 792 14.43 -32.05 42.51
CA LEU B 792 15.12 -30.79 42.78
C LEU B 792 14.15 -29.64 43.00
N TYR B 793 13.01 -29.64 42.29
CA TYR B 793 12.03 -28.56 42.43
C TYR B 793 11.41 -28.49 43.83
N MET B 794 11.37 -29.63 44.53
N MET B 794 11.37 -29.62 44.55
CA MET B 794 10.92 -29.69 45.93
CA MET B 794 10.89 -29.63 45.93
C MET B 794 11.89 -29.03 46.91
C MET B 794 11.90 -29.06 46.93
N ASN B 795 13.10 -28.71 46.46
CA ASN B 795 14.14 -28.09 47.29
C ASN B 795 14.54 -26.69 46.78
N PRO B 796 13.73 -25.67 47.10
CA PRO B 796 13.95 -24.31 46.59
C PRO B 796 15.40 -23.81 46.65
N LYS B 797 16.09 -24.06 47.77
CA LYS B 797 17.47 -23.60 47.91
C LYS B 797 18.40 -24.29 46.89
N ALA B 798 18.21 -25.58 46.66
CA ALA B 798 19.02 -26.32 45.69
C ALA B 798 18.69 -25.88 44.26
N TRP B 799 17.41 -25.69 43.98
CA TRP B 799 16.95 -25.29 42.65
C TRP B 799 17.50 -23.93 42.26
N ASN B 800 17.30 -22.96 43.14
CA ASN B 800 17.71 -21.58 42.88
C ASN B 800 19.22 -21.38 42.94
N THR B 801 19.90 -22.25 43.69
CA THR B 801 21.36 -22.32 43.67
C THR B 801 21.83 -22.74 42.29
N MET B 802 21.14 -23.71 41.70
CA MET B 802 21.45 -24.16 40.35
C MET B 802 21.07 -23.11 39.28
N VAL B 803 19.92 -22.47 39.44
CA VAL B 803 19.51 -21.39 38.55
C VAL B 803 20.58 -20.31 38.50
N LEU B 804 21.08 -19.91 39.66
CA LEU B 804 22.08 -18.85 39.77
C LEU B 804 23.38 -19.21 39.07
N LYS B 805 23.78 -20.48 39.12
CA LYS B 805 24.98 -20.94 38.41
C LYS B 805 24.75 -20.87 36.89
N ASN B 806 23.52 -21.19 36.46
CA ASN B 806 23.13 -21.03 35.06
C ASN B 806 23.17 -19.57 34.59
N ILE B 807 22.54 -18.66 35.34
CA ILE B 807 22.55 -17.23 34.99
C ILE B 807 23.98 -16.70 35.01
N ALA B 808 24.72 -17.02 36.07
CA ALA B 808 26.12 -16.60 36.20
C ALA B 808 27.03 -17.10 35.06
N ALA B 809 26.69 -18.24 34.46
CA ALA B 809 27.50 -18.82 33.37
C ALA B 809 26.98 -18.54 31.95
N SER B 810 25.97 -17.68 31.81
CA SER B 810 25.31 -17.48 30.52
C SER B 810 25.94 -16.39 29.62
N GLY B 811 26.95 -15.69 30.13
CA GLY B 811 27.57 -14.56 29.43
C GLY B 811 28.07 -14.87 28.03
N LYS B 812 28.59 -16.07 27.82
CA LYS B 812 29.08 -16.49 26.50
C LYS B 812 28.02 -16.30 25.41
N PHE B 813 26.75 -16.42 25.77
CA PHE B 813 25.68 -16.49 24.79
C PHE B 813 25.06 -15.15 24.45
N SER B 814 25.74 -14.07 24.84
CA SER B 814 25.43 -12.75 24.31
C SER B 814 25.85 -12.71 22.84
N SER B 815 24.97 -12.21 21.98
CA SER B 815 25.30 -12.02 20.57
C SER B 815 26.39 -10.95 20.34
N ASP B 816 26.70 -10.16 21.37
CA ASP B 816 27.84 -9.24 21.36
C ASP B 816 29.15 -10.00 21.28
N ARG B 817 29.25 -11.13 21.99
CA ARG B 817 30.43 -11.98 21.90
C ARG B 817 30.50 -12.57 20.50
N THR B 818 29.37 -13.09 20.02
CA THR B 818 29.28 -13.64 18.66
C THR B 818 29.74 -12.64 17.60
N ILE B 819 29.17 -11.44 17.61
CA ILE B 819 29.53 -10.42 16.62
C ILE B 819 31.01 -10.01 16.70
N LYS B 820 31.56 -9.95 17.91
CA LYS B 820 32.99 -9.67 18.08
C LYS B 820 33.86 -10.70 17.35
N GLU B 821 33.48 -11.97 17.43
CA GLU B 821 34.19 -13.05 16.75
C GLU B 821 34.01 -12.97 15.22
N TYR B 822 32.80 -12.71 14.76
CA TYR B 822 32.55 -12.47 13.32
C TYR B 822 33.40 -11.28 12.83
N ALA B 823 33.45 -10.22 13.64
CA ALA B 823 34.21 -9.01 13.29
C ALA B 823 35.71 -9.29 13.17
N GLN B 824 36.27 -9.97 14.17
CA GLN B 824 37.71 -10.22 14.22
C GLN B 824 38.17 -11.25 13.18
N ASN B 825 37.43 -12.36 13.06
CA ASN B 825 37.88 -13.53 12.31
C ASN B 825 37.31 -13.71 10.89
N ILE B 826 36.33 -12.90 10.52
CA ILE B 826 35.67 -13.00 9.20
C ILE B 826 35.59 -11.65 8.49
N TRP B 827 34.90 -10.69 9.10
CA TRP B 827 34.66 -9.39 8.46
C TRP B 827 35.88 -8.47 8.50
N ASN B 828 36.78 -8.69 9.46
CA ASN B 828 37.92 -7.81 9.68
C ASN B 828 37.47 -6.36 9.90
N VAL B 829 36.65 -6.17 10.94
CA VAL B 829 36.17 -4.85 11.35
C VAL B 829 36.28 -4.73 12.88
N GLU B 830 36.28 -3.51 13.39
CA GLU B 830 36.49 -3.24 14.82
C GLU B 830 35.35 -2.47 15.47
N PRO B 831 34.87 -2.94 16.64
CA PRO B 831 33.93 -2.14 17.42
C PRO B 831 34.43 -0.72 17.69
N SER B 832 33.51 0.24 17.63
CA SER B 832 33.84 1.67 17.76
C SER B 832 33.02 2.31 18.88
#